data_4Y33
#
_entry.id   4Y33
#
_cell.length_a   82.586
_cell.length_b   150.878
_cell.length_c   106.902
_cell.angle_alpha   90.00
_cell.angle_beta   91.32
_cell.angle_gamma   90.00
#
_symmetry.space_group_name_H-M   'P 1 21 1'
#
loop_
_entity.id
_entity.type
_entity.pdbx_description
1 polymer 'Bifunctional lysine-specific demethylase and histidyl-hydroxylase NO66'
2 non-polymer 'NICKEL (II) ION'
3 non-polymer N-OXALYLGLYCINE
4 water water
#
_entity_poly.entity_id   1
_entity_poly.type   'polypeptide(L)'
_entity_poly.pdbx_seq_one_letter_code
;GGEPAWDSPLRRVLAELNRIPSSRRRAARLFEWLIAPMPPDHFYRRLWEREAVLVRRQDHTYYQGLFSTADLDSMLRNEE
VQFGQHLDAARYINGRRETLNPPGRALPAAAWSLYQAGCSLRLLCPQAFSTTVWQFLAVLQEQFGSMAGSNVYLTPPNSQ
GFAPHYDDIEAFVLQLEGRKLWRVYRPRVPTEELALTSSPNFSQDDLGEPVLQTVLEPGDLLYFPRGFIHQAECQDGVHS
LHLTLSTYQRNTWGDFLEAILPLAVQAAMEENVEFRRGLPRDFMDYMGAQHSDSKDPRRTAFMEKVRVLVARLGHFAPVD
AVADQRAKDFIHDSLPPVLTDRERALSVYGLPIRWEAGEPVNVGAQLTTETEVHMLQDGIARLVGEGGHLFLYYTVENSR
VYHLEEPKCLEIYPQQADAMELLLGSYPEFVRVGDLPCDSVEDQLSLATTLYDKGLLLTKMPLALN
;
_entity_poly.pdbx_strand_id   A,B,C,D
#
# COMPACT_ATOMS: atom_id res chain seq x y z
N TRP A 6 28.22 -45.10 -22.45
CA TRP A 6 27.05 -45.05 -21.48
C TRP A 6 27.40 -45.02 -19.97
N ASP A 7 28.58 -45.53 -19.57
CA ASP A 7 29.07 -45.42 -18.20
C ASP A 7 30.09 -44.28 -18.14
N SER A 8 30.16 -43.60 -17.00
CA SER A 8 31.11 -42.50 -16.80
C SER A 8 31.43 -42.39 -15.33
N PRO A 9 32.51 -41.67 -15.02
CA PRO A 9 32.77 -41.49 -13.59
C PRO A 9 31.59 -40.89 -12.84
N LEU A 10 30.82 -40.01 -13.51
CA LEU A 10 29.62 -39.43 -12.93
C LEU A 10 28.51 -40.48 -12.69
N ARG A 11 28.19 -41.26 -13.71
CA ARG A 11 27.13 -42.24 -13.52
C ARG A 11 27.50 -43.27 -12.46
N ARG A 12 28.79 -43.55 -12.28
CA ARG A 12 29.20 -44.48 -11.25
C ARG A 12 29.06 -43.90 -9.84
N VAL A 13 29.49 -42.67 -9.67
CA VAL A 13 29.38 -42.05 -8.37
C VAL A 13 27.91 -41.84 -7.98
N LEU A 14 27.03 -41.60 -8.93
CA LEU A 14 25.61 -41.56 -8.59
C LEU A 14 25.06 -42.93 -8.25
N ALA A 15 25.56 -43.97 -8.91
CA ALA A 15 25.10 -45.33 -8.64
C ALA A 15 25.66 -45.73 -7.28
N GLU A 16 26.89 -45.30 -7.00
CA GLU A 16 27.48 -45.43 -5.67
C GLU A 16 26.63 -44.72 -4.60
N LEU A 17 26.23 -43.47 -4.86
CA LEU A 17 25.45 -42.71 -3.86
C LEU A 17 24.16 -43.41 -3.45
N ASN A 18 23.57 -44.10 -4.40
CA ASN A 18 22.31 -44.80 -4.18
C ASN A 18 22.48 -46.01 -3.26
N ARG A 19 23.72 -46.50 -3.11
CA ARG A 19 24.06 -47.56 -2.16
C ARG A 19 24.62 -47.07 -0.80
N ILE A 20 24.83 -45.76 -0.60
CA ILE A 20 25.28 -45.16 0.68
C ILE A 20 24.05 -44.80 1.52
N PRO A 21 23.82 -45.49 2.62
CA PRO A 21 22.54 -45.32 3.31
C PRO A 21 22.31 -43.98 3.99
N SER A 22 23.37 -43.29 4.39
CA SER A 22 23.28 -41.96 5.01
C SER A 22 23.44 -40.81 4.00
N SER A 23 22.43 -39.94 3.97
CA SER A 23 22.47 -38.74 3.18
C SER A 23 23.66 -37.84 3.60
N ARG A 24 24.04 -37.85 4.88
CA ARG A 24 25.22 -37.06 5.31
C ARG A 24 26.46 -37.56 4.57
N ARG A 25 26.63 -38.87 4.60
CA ARG A 25 27.75 -39.50 3.92
C ARG A 25 27.72 -39.26 2.41
N ARG A 26 26.54 -39.42 1.78
CA ARG A 26 26.36 -39.16 0.33
C ARG A 26 26.86 -37.79 -0.09
N ALA A 27 26.47 -36.78 0.66
CA ALA A 27 26.90 -35.42 0.40
C ALA A 27 28.40 -35.25 0.50
N ALA A 28 29.01 -35.81 1.56
CA ALA A 28 30.46 -35.78 1.71
C ALA A 28 31.14 -36.57 0.56
N ARG A 29 30.57 -37.70 0.20
CA ARG A 29 31.17 -38.47 -0.87
C ARG A 29 31.19 -37.74 -2.20
N LEU A 30 30.09 -37.07 -2.57
CA LEU A 30 30.00 -36.44 -3.86
C LEU A 30 30.87 -35.22 -3.94
N PHE A 31 31.09 -34.54 -2.83
CA PHE A 31 32.01 -33.42 -2.85
C PHE A 31 33.44 -33.93 -3.04
N GLU A 32 33.76 -35.05 -2.42
CA GLU A 32 35.06 -35.65 -2.60
C GLU A 32 35.27 -35.96 -4.09
N TRP A 33 34.33 -36.66 -4.66
CA TRP A 33 34.33 -36.84 -6.11
C TRP A 33 34.47 -35.55 -6.94
N LEU A 34 33.71 -34.52 -6.58
CA LEU A 34 33.68 -33.31 -7.37
C LEU A 34 35.03 -32.70 -7.48
N ILE A 35 35.85 -32.77 -6.43
CA ILE A 35 37.22 -32.21 -6.44
C ILE A 35 38.37 -33.21 -6.47
N ALA A 36 38.06 -34.48 -6.69
CA ALA A 36 39.09 -35.55 -6.80
C ALA A 36 40.21 -35.23 -7.78
N PRO A 37 41.47 -35.48 -7.41
CA PRO A 37 41.98 -36.21 -6.24
C PRO A 37 42.27 -35.37 -5.00
N MET A 38 42.05 -34.07 -5.08
CA MET A 38 42.26 -33.22 -3.92
C MET A 38 41.41 -33.53 -2.72
N PRO A 39 42.04 -33.66 -1.54
CA PRO A 39 41.20 -34.04 -0.38
C PRO A 39 40.36 -32.86 0.14
N PRO A 40 39.09 -33.15 0.43
CA PRO A 40 38.20 -32.11 0.98
C PRO A 40 38.77 -31.34 2.20
N ASP A 41 39.34 -32.07 3.14
CA ASP A 41 39.86 -31.45 4.35
C ASP A 41 40.97 -30.43 4.00
N HIS A 42 41.87 -30.76 3.11
CA HIS A 42 42.85 -29.77 2.65
C HIS A 42 42.18 -28.57 1.99
N PHE A 43 41.24 -28.83 1.07
CA PHE A 43 40.53 -27.77 0.37
C PHE A 43 39.82 -26.80 1.28
N TYR A 44 39.03 -27.34 2.21
CA TYR A 44 38.26 -26.44 3.08
C TYR A 44 39.17 -25.74 4.08
N ARG A 45 40.23 -26.39 4.55
CA ARG A 45 41.11 -25.75 5.52
C ARG A 45 41.92 -24.61 4.91
N ARG A 46 42.44 -24.78 3.68
CA ARG A 46 43.42 -23.84 3.13
C ARG A 46 42.99 -23.11 1.86
N LEU A 47 42.05 -23.65 1.09
CA LEU A 47 41.78 -23.07 -0.20
C LEU A 47 40.45 -22.30 -0.28
N TRP A 48 39.39 -22.91 0.27
CA TRP A 48 38.03 -22.32 0.41
C TRP A 48 38.09 -20.90 0.96
N GLU A 49 37.47 -19.99 0.25
CA GLU A 49 37.54 -18.54 0.53
C GLU A 49 38.92 -17.86 0.45
N ARG A 50 39.91 -18.56 -0.06
CA ARG A 50 41.27 -18.13 -0.02
C ARG A 50 41.92 -18.06 -1.36
N GLU A 51 41.89 -19.14 -2.08
CA GLU A 51 42.67 -19.35 -3.31
C GLU A 51 41.80 -19.85 -4.43
N ALA A 52 42.08 -19.40 -5.67
CA ALA A 52 41.55 -20.09 -6.85
C ALA A 52 42.24 -21.43 -7.02
N VAL A 53 41.48 -22.44 -7.42
CA VAL A 53 41.95 -23.79 -7.48
C VAL A 53 41.57 -24.36 -8.82
N LEU A 54 42.57 -24.91 -9.53
CA LEU A 54 42.33 -25.63 -10.77
C LEU A 54 42.63 -27.08 -10.60
N VAL A 55 41.75 -27.94 -11.09
CA VAL A 55 41.93 -29.39 -11.04
C VAL A 55 41.86 -29.95 -12.46
N ARG A 56 43.03 -30.32 -12.98
CA ARG A 56 43.15 -30.88 -14.32
C ARG A 56 42.78 -32.31 -14.21
N ARG A 57 41.64 -32.68 -14.72
CA ARG A 57 41.17 -34.01 -14.45
C ARG A 57 41.92 -35.07 -15.22
N GLN A 58 42.42 -34.73 -16.40
CA GLN A 58 42.87 -35.76 -17.34
C GLN A 58 41.80 -36.82 -17.67
N ASP A 59 40.51 -36.47 -17.76
CA ASP A 59 39.45 -37.46 -18.09
C ASP A 59 38.30 -36.72 -18.69
N HIS A 60 38.25 -36.66 -20.02
CA HIS A 60 37.19 -35.89 -20.68
C HIS A 60 35.80 -36.42 -20.44
N THR A 61 35.69 -37.62 -19.90
CA THR A 61 34.40 -38.21 -19.62
C THR A 61 33.86 -37.96 -18.19
N TYR A 62 34.61 -37.23 -17.37
CA TYR A 62 34.33 -37.18 -15.93
C TYR A 62 32.88 -36.82 -15.60
N TYR A 63 32.39 -35.74 -16.21
CA TYR A 63 31.06 -35.24 -15.95
C TYR A 63 29.99 -35.79 -16.87
N GLN A 64 30.35 -36.61 -17.83
CA GLN A 64 29.36 -37.12 -18.78
C GLN A 64 28.12 -37.61 -18.07
N GLY A 65 26.96 -37.09 -18.48
CA GLY A 65 25.65 -37.50 -17.88
C GLY A 65 24.97 -36.40 -17.10
N LEU A 66 25.74 -35.40 -16.72
CA LEU A 66 25.24 -34.32 -15.87
C LEU A 66 24.36 -33.39 -16.69
N PHE A 67 24.95 -32.89 -17.76
CA PHE A 67 24.30 -31.94 -18.63
C PHE A 67 25.09 -31.76 -19.94
N SER A 68 24.37 -31.74 -21.04
CA SER A 68 24.94 -31.61 -22.39
C SER A 68 24.18 -30.57 -23.22
N THR A 69 24.79 -30.10 -24.28
CA THR A 69 24.14 -29.12 -25.13
C THR A 69 22.90 -29.73 -25.78
N ALA A 70 22.94 -31.02 -26.03
CA ALA A 70 21.79 -31.76 -26.46
C ALA A 70 20.65 -31.62 -25.44
N ASP A 71 20.95 -31.64 -24.14
CA ASP A 71 19.90 -31.54 -23.10
C ASP A 71 19.28 -30.16 -23.19
N LEU A 72 20.10 -29.17 -23.52
CA LEU A 72 19.60 -27.82 -23.69
C LEU A 72 18.64 -27.72 -24.86
N ASP A 73 19.02 -28.31 -25.98
CA ASP A 73 18.18 -28.42 -27.15
C ASP A 73 16.80 -29.05 -26.87
N SER A 74 16.75 -30.20 -26.20
CA SER A 74 15.42 -30.84 -25.84
C SER A 74 14.61 -29.99 -24.95
N MET A 75 15.28 -29.25 -24.10
CA MET A 75 14.66 -28.41 -23.11
C MET A 75 14.00 -27.16 -23.73
N LEU A 76 14.68 -26.52 -24.69
CA LEU A 76 14.04 -25.48 -25.48
C LEU A 76 12.79 -25.98 -26.23
N ARG A 77 12.81 -27.20 -26.72
CA ARG A 77 11.76 -27.75 -27.54
C ARG A 77 10.55 -28.25 -26.72
N ASN A 78 10.82 -28.92 -25.61
CA ASN A 78 9.81 -29.62 -24.82
C ASN A 78 9.40 -28.96 -23.51
N GLU A 79 10.13 -27.95 -23.07
CA GLU A 79 9.70 -27.21 -21.89
C GLU A 79 9.44 -25.81 -22.35
N GLU A 80 8.65 -25.07 -21.57
CA GLU A 80 8.37 -23.68 -21.88
C GLU A 80 9.47 -22.84 -21.31
N VAL A 81 10.60 -22.80 -22.00
CA VAL A 81 11.74 -21.97 -21.60
C VAL A 81 11.57 -20.56 -22.13
N GLN A 82 11.58 -19.54 -21.28
CA GLN A 82 11.44 -18.11 -21.68
C GLN A 82 12.75 -17.42 -21.68
N PHE A 83 12.88 -16.41 -22.53
CA PHE A 83 13.99 -15.46 -22.38
C PHE A 83 13.74 -14.61 -21.13
N GLY A 84 14.83 -14.15 -20.51
CA GLY A 84 14.78 -13.38 -19.28
C GLY A 84 14.57 -14.27 -18.08
N GLN A 85 13.40 -14.88 -17.96
CA GLN A 85 13.10 -15.68 -16.79
C GLN A 85 14.11 -16.83 -16.73
N HIS A 86 14.26 -17.57 -17.83
CA HIS A 86 15.02 -18.81 -17.78
C HIS A 86 16.37 -18.76 -18.51
N LEU A 87 16.47 -17.92 -19.55
CA LEU A 87 17.54 -18.01 -20.54
C LEU A 87 17.96 -16.64 -21.02
N ASP A 88 19.23 -16.30 -20.83
CA ASP A 88 19.79 -15.05 -21.33
C ASP A 88 20.58 -15.31 -22.59
N ALA A 89 20.66 -14.33 -23.44
CA ALA A 89 21.49 -14.43 -24.62
C ALA A 89 22.35 -13.17 -24.69
N ALA A 90 23.66 -13.33 -24.61
CA ALA A 90 24.50 -12.18 -24.28
C ALA A 90 25.65 -12.11 -25.23
N ARG A 91 26.20 -10.93 -25.40
CA ARG A 91 27.42 -10.81 -26.20
C ARG A 91 28.34 -9.74 -25.70
N TYR A 92 29.61 -10.13 -25.54
CA TYR A 92 30.69 -9.18 -25.18
C TYR A 92 31.60 -8.88 -26.37
N ILE A 93 31.55 -7.65 -26.90
CA ILE A 93 32.47 -7.23 -27.99
C ILE A 93 32.83 -5.75 -27.90
N ASN A 94 34.06 -5.45 -28.35
CA ASN A 94 34.65 -4.10 -28.27
C ASN A 94 34.50 -3.51 -26.85
N GLY A 95 34.76 -4.36 -25.85
CA GLY A 95 34.62 -4.01 -24.45
C GLY A 95 33.21 -3.75 -23.94
N ARG A 96 32.16 -4.26 -24.61
CA ARG A 96 30.72 -3.95 -24.24
C ARG A 96 29.73 -5.14 -24.20
N ARG A 97 29.12 -5.34 -23.01
CA ARG A 97 28.15 -6.40 -22.74
C ARG A 97 26.73 -6.05 -23.27
N GLU A 98 26.33 -6.68 -24.38
CA GLU A 98 24.94 -6.53 -24.88
C GLU A 98 24.07 -7.73 -24.50
N THR A 99 22.91 -7.45 -23.89
CA THR A 99 21.88 -8.47 -23.76
C THR A 99 20.93 -8.34 -24.95
N LEU A 100 20.57 -9.48 -25.54
CA LEU A 100 19.72 -9.52 -26.73
C LEU A 100 18.51 -10.42 -26.60
N ASN A 101 17.93 -10.50 -25.41
CA ASN A 101 16.77 -11.32 -25.12
C ASN A 101 15.55 -10.75 -25.81
N PRO A 102 15.04 -11.40 -26.87
CA PRO A 102 13.71 -10.95 -27.29
C PRO A 102 12.71 -11.34 -26.24
N PRO A 103 11.63 -10.58 -26.07
CA PRO A 103 10.74 -11.07 -25.03
C PRO A 103 10.06 -12.39 -25.45
N GLY A 104 9.61 -13.16 -24.45
CA GLY A 104 8.77 -14.33 -24.66
C GLY A 104 9.49 -15.66 -24.72
N ARG A 105 8.87 -16.62 -25.39
CA ARG A 105 9.35 -18.00 -25.46
C ARG A 105 10.73 -18.03 -26.07
N ALA A 106 11.60 -18.93 -25.64
CA ALA A 106 12.85 -19.15 -26.28
C ALA A 106 12.77 -20.47 -27.06
N LEU A 107 12.15 -20.45 -28.21
CA LEU A 107 12.18 -21.60 -29.08
C LEU A 107 13.58 -21.85 -29.61
N PRO A 108 13.86 -23.09 -30.03
CA PRO A 108 15.14 -23.48 -30.61
C PRO A 108 15.57 -22.58 -31.79
N ALA A 109 14.66 -22.33 -32.71
CA ALA A 109 14.95 -21.47 -33.84
C ALA A 109 15.48 -20.08 -33.42
N ALA A 110 14.85 -19.44 -32.44
CA ALA A 110 15.39 -18.15 -31.98
C ALA A 110 16.76 -18.34 -31.33
N ALA A 111 16.85 -19.31 -30.44
CA ALA A 111 18.04 -19.48 -29.65
C ALA A 111 19.22 -19.90 -30.48
N TRP A 112 19.04 -20.83 -31.41
CA TRP A 112 20.19 -21.22 -32.24
C TRP A 112 20.63 -20.11 -33.21
N SER A 113 19.70 -19.28 -33.71
CA SER A 113 20.12 -18.16 -34.55
C SER A 113 20.88 -17.12 -33.73
N LEU A 114 20.44 -16.86 -32.52
CA LEU A 114 21.25 -16.07 -31.62
C LEU A 114 22.65 -16.68 -31.42
N TYR A 115 22.74 -17.97 -31.26
CA TYR A 115 24.02 -18.63 -31.08
C TYR A 115 24.86 -18.50 -32.35
N GLN A 116 24.23 -18.71 -33.50
CA GLN A 116 24.90 -18.46 -34.79
C GLN A 116 25.34 -17.01 -35.05
N ALA A 117 24.70 -16.01 -34.43
CA ALA A 117 25.19 -14.65 -34.46
C ALA A 117 26.21 -14.37 -33.33
N GLY A 118 26.71 -15.41 -32.69
CA GLY A 118 27.80 -15.25 -31.70
C GLY A 118 27.41 -14.97 -30.25
N CYS A 119 26.12 -15.20 -29.94
CA CYS A 119 25.59 -15.05 -28.59
C CYS A 119 25.88 -16.31 -27.84
N SER A 120 26.30 -16.17 -26.60
CA SER A 120 26.25 -17.26 -25.69
C SER A 120 24.82 -17.40 -25.05
N LEU A 121 24.46 -18.62 -24.68
CA LEU A 121 23.22 -18.83 -23.97
C LEU A 121 23.51 -19.23 -22.51
N ARG A 122 22.77 -18.63 -21.60
CA ARG A 122 22.91 -18.83 -20.19
C ARG A 122 21.61 -19.36 -19.61
N LEU A 123 21.56 -20.62 -19.21
CA LEU A 123 20.35 -21.16 -18.60
C LEU A 123 20.38 -20.93 -17.10
N LEU A 124 19.38 -20.24 -16.57
CA LEU A 124 19.40 -19.78 -15.19
C LEU A 124 19.08 -20.84 -14.11
N CYS A 125 18.19 -21.77 -14.40
CA CYS A 125 17.80 -22.75 -13.39
C CYS A 125 17.80 -24.18 -14.01
N PRO A 126 19.00 -24.68 -14.34
CA PRO A 126 19.09 -25.98 -14.97
C PRO A 126 18.42 -27.02 -14.11
N GLN A 127 18.51 -26.86 -12.81
CA GLN A 127 17.97 -27.85 -11.92
C GLN A 127 16.44 -27.99 -11.97
N ALA A 128 15.77 -27.01 -12.56
CA ALA A 128 14.33 -27.07 -12.77
C ALA A 128 13.98 -28.03 -13.90
N PHE A 129 14.86 -28.12 -14.89
CA PHE A 129 14.53 -28.89 -16.05
C PHE A 129 15.38 -30.17 -16.18
N SER A 130 16.25 -30.46 -15.23
CA SER A 130 17.19 -31.58 -15.34
C SER A 130 17.34 -32.30 -14.05
N THR A 131 16.92 -33.54 -14.00
CA THR A 131 16.88 -34.24 -12.75
C THR A 131 18.30 -34.54 -12.25
N THR A 132 19.23 -34.75 -13.16
CA THR A 132 20.61 -35.03 -12.80
C THR A 132 21.30 -33.83 -12.19
N VAL A 133 20.98 -32.62 -12.66
CA VAL A 133 21.51 -31.43 -11.99
C VAL A 133 20.82 -31.17 -10.66
N TRP A 134 19.51 -31.39 -10.62
CA TRP A 134 18.79 -31.37 -9.38
C TRP A 134 19.49 -32.24 -8.34
N GLN A 135 19.65 -33.52 -8.64
CA GLN A 135 20.28 -34.44 -7.72
C GLN A 135 21.62 -33.94 -7.27
N PHE A 136 22.43 -33.50 -8.21
CA PHE A 136 23.75 -33.01 -7.93
C PHE A 136 23.70 -31.86 -6.93
N LEU A 137 22.82 -30.90 -7.15
CA LEU A 137 22.75 -29.76 -6.29
C LEU A 137 22.14 -30.08 -4.97
N ALA A 138 21.17 -31.01 -4.99
CA ALA A 138 20.43 -31.32 -3.79
C ALA A 138 21.29 -32.12 -2.89
N VAL A 139 22.06 -33.05 -3.42
CA VAL A 139 23.05 -33.69 -2.61
C VAL A 139 24.10 -32.70 -2.05
N LEU A 140 24.68 -31.80 -2.86
CA LEU A 140 25.79 -30.96 -2.38
C LEU A 140 25.45 -29.88 -1.32
N GLN A 141 24.20 -29.43 -1.36
CA GLN A 141 23.73 -28.39 -0.47
C GLN A 141 23.86 -28.93 0.96
N GLU A 142 23.73 -30.24 1.07
CA GLU A 142 23.71 -30.83 2.40
C GLU A 142 25.03 -30.75 3.11
N GLN A 143 26.12 -30.53 2.39
CA GLN A 143 27.46 -30.42 3.00
C GLN A 143 28.04 -29.00 2.85
N PHE A 144 27.28 -28.09 2.22
CA PHE A 144 27.62 -26.68 2.23
C PHE A 144 26.93 -25.93 3.34
N GLY A 145 25.78 -26.41 3.81
CA GLY A 145 25.04 -25.68 4.83
C GLY A 145 24.39 -24.45 4.24
N SER A 146 24.36 -24.40 2.93
CA SER A 146 23.98 -23.22 2.18
C SER A 146 23.44 -23.67 0.86
N MET A 147 22.58 -22.87 0.29
CA MET A 147 21.94 -23.21 -0.94
C MET A 147 23.03 -23.39 -1.99
N ALA A 148 22.84 -24.37 -2.87
CA ALA A 148 23.70 -24.63 -3.97
C ALA A 148 22.94 -24.33 -5.26
N GLY A 149 23.36 -23.31 -5.99
CA GLY A 149 22.66 -22.91 -7.20
C GLY A 149 23.47 -23.29 -8.40
N SER A 150 22.92 -23.16 -9.59
CA SER A 150 23.72 -23.36 -10.80
C SER A 150 23.22 -22.60 -12.02
N ASN A 151 24.15 -22.31 -12.94
CA ASN A 151 23.88 -21.77 -14.24
C ASN A 151 24.64 -22.56 -15.25
N VAL A 152 24.11 -22.71 -16.44
CA VAL A 152 24.80 -23.35 -17.52
C VAL A 152 25.07 -22.28 -18.54
N TYR A 153 26.31 -22.20 -19.01
CA TYR A 153 26.77 -21.21 -19.98
C TYR A 153 27.20 -21.94 -21.25
N LEU A 154 26.62 -21.63 -22.40
CA LEU A 154 27.03 -22.24 -23.67
C LEU A 154 27.58 -21.15 -24.56
N THR A 155 28.82 -21.28 -24.96
CA THR A 155 29.45 -20.20 -25.74
C THR A 155 29.91 -20.66 -27.10
N PRO A 156 29.55 -19.93 -28.15
CA PRO A 156 29.97 -20.36 -29.50
C PRO A 156 31.46 -20.05 -29.81
N PRO A 157 31.98 -20.66 -30.87
CA PRO A 157 33.39 -20.51 -31.25
C PRO A 157 33.78 -19.07 -31.54
N ASN A 158 34.97 -18.68 -31.15
CA ASN A 158 35.46 -17.35 -31.40
C ASN A 158 34.60 -16.22 -30.85
N SER A 159 34.31 -16.28 -29.55
CA SER A 159 33.50 -15.26 -28.91
C SER A 159 33.61 -15.29 -27.39
N GLN A 160 33.32 -14.13 -26.78
CA GLN A 160 33.20 -14.02 -25.36
C GLN A 160 31.75 -13.57 -25.10
N GLY A 161 31.08 -14.21 -24.13
CA GLY A 161 29.69 -13.87 -23.82
C GLY A 161 29.55 -12.69 -22.86
N PHE A 162 30.51 -12.54 -21.96
CA PHE A 162 30.34 -11.69 -20.78
C PHE A 162 31.61 -10.93 -20.45
N ALA A 163 31.44 -9.77 -19.87
CA ALA A 163 32.51 -8.91 -19.39
C ALA A 163 33.19 -9.49 -18.13
N PRO A 164 34.47 -9.17 -17.91
CA PRO A 164 35.07 -9.58 -16.68
C PRO A 164 34.23 -8.99 -15.55
N HIS A 165 34.17 -9.67 -14.41
CA HIS A 165 33.38 -9.25 -13.26
C HIS A 165 33.70 -10.14 -12.07
N TYR A 166 33.27 -9.80 -10.87
CA TYR A 166 33.22 -10.75 -9.78
C TYR A 166 31.81 -10.97 -9.29
N ASP A 167 31.57 -12.16 -8.76
CA ASP A 167 30.25 -12.58 -8.35
C ASP A 167 30.22 -12.59 -6.83
N ASP A 168 29.02 -12.70 -6.27
CA ASP A 168 28.84 -12.64 -4.79
C ASP A 168 28.77 -14.04 -4.15
N ILE A 169 29.14 -15.07 -4.91
CA ILE A 169 29.06 -16.47 -4.48
C ILE A 169 30.38 -17.25 -4.64
N GLU A 170 30.49 -18.36 -3.94
CA GLU A 170 31.65 -19.23 -4.12
C GLU A 170 31.35 -20.03 -5.38
N ALA A 171 32.27 -20.05 -6.36
CA ALA A 171 31.97 -20.60 -7.69
C ALA A 171 32.73 -21.87 -7.97
N PHE A 172 32.06 -22.86 -8.54
CA PHE A 172 32.75 -24.04 -9.05
C PHE A 172 32.37 -24.17 -10.52
N VAL A 173 33.37 -24.11 -11.39
CA VAL A 173 33.16 -24.18 -12.80
C VAL A 173 33.46 -25.60 -13.24
N LEU A 174 32.46 -26.25 -13.81
CA LEU A 174 32.59 -27.60 -14.29
C LEU A 174 32.52 -27.55 -15.82
N GLN A 175 33.66 -27.76 -16.49
CA GLN A 175 33.73 -27.67 -17.94
C GLN A 175 33.12 -28.94 -18.53
N LEU A 176 32.13 -28.81 -19.39
CA LEU A 176 31.39 -30.00 -19.85
C LEU A 176 31.72 -30.43 -21.27
N GLU A 177 31.88 -29.43 -22.15
CA GLU A 177 32.14 -29.68 -23.56
C GLU A 177 33.06 -28.58 -24.05
N GLY A 178 33.91 -28.94 -24.99
CA GLY A 178 34.69 -27.95 -25.64
C GLY A 178 35.79 -27.45 -24.73
N ARG A 179 36.14 -26.16 -24.89
CA ARG A 179 37.32 -25.58 -24.28
C ARG A 179 37.13 -24.10 -24.09
N LYS A 180 37.71 -23.53 -23.05
CA LYS A 180 37.58 -22.12 -22.76
C LYS A 180 38.83 -21.56 -22.07
N LEU A 181 39.26 -20.40 -22.54
CA LEU A 181 40.40 -19.78 -22.00
C LEU A 181 39.90 -18.86 -20.90
N TRP A 182 40.28 -19.21 -19.68
CA TRP A 182 39.78 -18.53 -18.50
C TRP A 182 40.90 -17.73 -17.95
N ARG A 183 40.58 -16.54 -17.46
CA ARG A 183 41.46 -15.78 -16.59
C ARG A 183 40.78 -15.45 -15.28
N VAL A 184 41.47 -15.73 -14.18
CA VAL A 184 41.00 -15.41 -12.82
C VAL A 184 42.02 -14.54 -12.08
N TYR A 185 41.51 -13.46 -11.48
CA TYR A 185 42.29 -12.44 -10.73
C TYR A 185 41.99 -12.43 -9.23
N ARG A 186 43.03 -12.38 -8.40
CA ARG A 186 42.88 -12.11 -6.99
C ARG A 186 42.11 -10.84 -6.79
N PRO A 187 41.58 -10.68 -5.56
CA PRO A 187 40.93 -9.42 -5.22
C PRO A 187 41.89 -8.26 -5.44
N ARG A 188 41.42 -7.26 -6.16
CA ARG A 188 42.20 -6.07 -6.47
C ARG A 188 42.48 -5.26 -5.24
N VAL A 189 41.63 -5.37 -4.22
CA VAL A 189 41.81 -4.58 -3.00
C VAL A 189 41.20 -5.20 -1.74
N PRO A 190 41.77 -4.86 -0.58
CA PRO A 190 41.16 -5.34 0.67
C PRO A 190 39.63 -5.34 0.67
N THR A 191 38.99 -4.28 0.20
CA THR A 191 37.53 -4.21 0.28
C THR A 191 36.81 -5.12 -0.69
N GLU A 192 37.52 -5.60 -1.71
CA GLU A 192 36.94 -6.58 -2.64
C GLU A 192 37.17 -8.05 -2.25
N GLU A 193 38.00 -8.32 -1.24
CA GLU A 193 38.19 -9.68 -0.79
C GLU A 193 36.90 -10.19 -0.15
N LEU A 194 36.38 -11.31 -0.63
CA LEU A 194 35.14 -11.86 -0.09
C LEU A 194 34.11 -10.78 -0.12
N ALA A 195 33.93 -10.24 -1.31
CA ALA A 195 32.93 -9.21 -1.60
C ALA A 195 31.50 -9.62 -1.27
N LEU A 196 30.70 -8.61 -0.96
CA LEU A 196 29.35 -8.78 -0.41
C LEU A 196 28.31 -8.84 -1.48
N THR A 197 28.57 -8.15 -2.59
CA THR A 197 27.62 -8.04 -3.66
C THR A 197 28.36 -8.15 -4.96
N SER A 198 27.63 -8.50 -6.03
CA SER A 198 28.20 -8.64 -7.38
C SER A 198 28.81 -7.34 -7.89
N SER A 199 29.75 -7.47 -8.81
CA SER A 199 30.47 -6.30 -9.32
C SER A 199 29.79 -5.78 -10.54
N PRO A 200 30.01 -4.50 -10.82
CA PRO A 200 29.66 -4.07 -12.16
C PRO A 200 30.56 -4.77 -13.19
N ASN A 201 30.12 -4.80 -14.43
CA ASN A 201 31.03 -5.12 -15.53
C ASN A 201 32.21 -4.15 -15.55
N PHE A 202 33.40 -4.71 -15.65
CA PHE A 202 34.64 -3.97 -15.66
C PHE A 202 35.21 -4.01 -17.07
N SER A 203 36.04 -3.03 -17.41
CA SER A 203 36.80 -3.07 -18.67
C SER A 203 38.14 -3.73 -18.35
N GLN A 204 38.94 -4.03 -19.37
CA GLN A 204 40.32 -4.57 -19.16
C GLN A 204 41.32 -3.55 -18.54
N ASP A 205 41.10 -2.25 -18.72
CA ASP A 205 41.90 -1.20 -18.03
C ASP A 205 41.81 -1.30 -16.48
N ASP A 206 40.74 -1.94 -15.99
CA ASP A 206 40.50 -2.08 -14.55
C ASP A 206 41.18 -3.32 -13.99
N LEU A 207 41.83 -4.11 -14.83
CA LEU A 207 42.28 -5.44 -14.40
C LEU A 207 43.77 -5.49 -14.23
N GLY A 208 44.20 -6.13 -13.15
CA GLY A 208 45.60 -6.44 -12.96
C GLY A 208 46.01 -7.64 -13.78
N GLU A 209 46.96 -8.40 -13.25
CA GLU A 209 47.47 -9.61 -13.90
C GLU A 209 46.71 -10.80 -13.33
N PRO A 210 46.35 -11.75 -14.19
CA PRO A 210 45.67 -12.95 -13.75
C PRO A 210 46.56 -13.71 -12.80
N VAL A 211 45.97 -14.38 -11.81
CA VAL A 211 46.69 -15.30 -10.92
C VAL A 211 46.61 -16.67 -11.55
N LEU A 212 45.67 -16.83 -12.46
CA LEU A 212 45.45 -18.10 -13.14
C LEU A 212 44.90 -17.79 -14.50
N GLN A 213 45.53 -18.34 -15.51
CA GLN A 213 45.07 -18.25 -16.90
C GLN A 213 45.25 -19.60 -17.49
N THR A 214 44.19 -20.23 -17.94
CA THR A 214 44.30 -21.61 -18.35
C THR A 214 43.18 -21.91 -19.33
N VAL A 215 43.34 -23.01 -20.05
CA VAL A 215 42.36 -23.46 -20.96
C VAL A 215 41.73 -24.65 -20.33
N LEU A 216 40.41 -24.62 -20.10
CA LEU A 216 39.77 -25.76 -19.42
C LEU A 216 39.37 -26.72 -20.51
N GLU A 217 39.47 -28.01 -20.21
CA GLU A 217 38.90 -29.07 -21.05
C GLU A 217 37.89 -29.92 -20.29
N PRO A 218 37.06 -30.66 -21.01
CA PRO A 218 35.97 -31.32 -20.33
C PRO A 218 36.47 -32.14 -19.17
N GLY A 219 35.79 -32.00 -18.04
CA GLY A 219 36.18 -32.75 -16.88
C GLY A 219 36.98 -31.91 -15.94
N ASP A 220 37.55 -30.84 -16.40
CA ASP A 220 38.30 -30.01 -15.48
C ASP A 220 37.37 -29.27 -14.50
N LEU A 221 37.94 -28.69 -13.48
CA LEU A 221 37.18 -27.92 -12.49
C LEU A 221 37.97 -26.70 -12.13
N LEU A 222 37.28 -25.60 -12.03
CA LEU A 222 37.84 -24.37 -11.56
C LEU A 222 37.02 -23.76 -10.39
N TYR A 223 37.68 -23.49 -9.28
CA TYR A 223 37.09 -22.89 -8.13
C TYR A 223 37.72 -21.54 -7.85
N PHE A 224 36.90 -20.53 -7.56
CA PHE A 224 37.39 -19.24 -7.05
C PHE A 224 36.32 -18.57 -6.14
N PRO A 225 36.75 -17.96 -5.04
CA PRO A 225 35.94 -17.24 -4.10
C PRO A 225 35.29 -15.99 -4.63
N ARG A 226 34.19 -15.61 -4.01
CA ARG A 226 33.52 -14.38 -4.33
C ARG A 226 34.53 -13.24 -4.25
N GLY A 227 34.48 -12.35 -5.22
CA GLY A 227 35.40 -11.21 -5.28
C GLY A 227 36.61 -11.41 -6.17
N PHE A 228 36.89 -12.65 -6.55
CA PHE A 228 37.89 -12.92 -7.55
C PHE A 228 37.28 -12.61 -8.89
N ILE A 229 37.83 -11.63 -9.61
CA ILE A 229 37.35 -11.31 -10.95
C ILE A 229 37.74 -12.42 -11.88
N HIS A 230 36.96 -12.62 -12.94
CA HIS A 230 37.16 -13.71 -13.90
C HIS A 230 36.46 -13.44 -15.21
N GLN A 231 37.09 -13.88 -16.30
CA GLN A 231 36.54 -13.78 -17.64
C GLN A 231 36.99 -14.94 -18.49
N ALA A 232 36.22 -15.22 -19.54
CA ALA A 232 36.42 -16.42 -20.33
C ALA A 232 35.96 -16.30 -21.80
N GLU A 233 36.79 -16.82 -22.69
CA GLU A 233 36.53 -16.75 -24.14
C GLU A 233 36.81 -18.09 -24.78
N CYS A 234 36.07 -18.37 -25.85
CA CYS A 234 36.32 -19.51 -26.74
C CYS A 234 37.21 -19.07 -27.88
N GLN A 235 38.18 -19.92 -28.26
CA GLN A 235 39.26 -19.43 -29.09
C GLN A 235 39.53 -20.05 -30.47
N ASP A 236 39.77 -21.34 -30.62
CA ASP A 236 40.09 -21.84 -31.99
C ASP A 236 39.00 -22.78 -32.49
N GLY A 237 37.90 -22.21 -32.93
CA GLY A 237 36.92 -23.00 -33.64
C GLY A 237 36.12 -24.00 -32.83
N VAL A 238 36.32 -24.08 -31.50
CA VAL A 238 35.41 -24.91 -30.69
C VAL A 238 34.55 -24.10 -29.68
N HIS A 239 33.39 -24.65 -29.38
CA HIS A 239 32.48 -24.04 -28.45
C HIS A 239 32.88 -24.40 -27.06
N SER A 240 32.18 -23.84 -26.09
CA SER A 240 32.27 -24.31 -24.70
C SER A 240 30.86 -24.57 -24.13
N LEU A 241 30.74 -25.54 -23.24
CA LEU A 241 29.59 -25.63 -22.35
C LEU A 241 30.14 -25.87 -20.96
N HIS A 242 29.82 -24.99 -20.01
CA HIS A 242 30.06 -25.31 -18.60
C HIS A 242 28.85 -25.14 -17.70
N LEU A 243 28.94 -25.76 -16.53
CA LEU A 243 28.02 -25.57 -15.48
C LEU A 243 28.78 -24.93 -14.34
N THR A 244 28.36 -23.76 -13.90
CA THR A 244 28.86 -23.16 -12.65
C THR A 244 27.91 -23.51 -11.48
N LEU A 245 28.49 -24.04 -10.42
CA LEU A 245 27.79 -24.39 -9.22
C LEU A 245 28.11 -23.21 -8.30
N SER A 246 27.10 -22.65 -7.65
CA SER A 246 27.32 -21.57 -6.74
C SER A 246 26.76 -21.88 -5.33
N THR A 247 27.30 -21.19 -4.32
CA THR A 247 26.83 -21.32 -2.98
C THR A 247 27.37 -20.17 -2.10
N TYR A 248 27.02 -20.18 -0.82
CA TYR A 248 27.43 -19.17 0.13
C TYR A 248 27.09 -17.71 -0.27
N GLN A 249 25.82 -17.46 -0.53
CA GLN A 249 25.35 -16.13 -0.72
C GLN A 249 24.91 -15.58 0.60
N ARG A 250 25.41 -14.42 0.99
CA ARG A 250 25.08 -13.80 2.26
C ARG A 250 25.00 -14.81 3.41
N ASN A 251 26.12 -15.49 3.67
CA ASN A 251 26.25 -16.51 4.73
C ASN A 251 27.47 -16.21 5.57
N THR A 252 27.54 -14.98 6.07
CA THR A 252 28.75 -14.56 6.79
C THR A 252 28.54 -14.33 8.26
N TRP A 253 29.62 -14.18 8.99
CA TRP A 253 29.54 -13.79 10.40
C TRP A 253 28.80 -12.46 10.47
N GLY A 254 29.04 -11.55 9.55
CA GLY A 254 28.36 -10.28 9.59
C GLY A 254 26.86 -10.47 9.43
N ASP A 255 26.47 -11.42 8.60
CA ASP A 255 25.06 -11.64 8.35
C ASP A 255 24.39 -12.16 9.61
N PHE A 256 25.13 -13.01 10.34
CA PHE A 256 24.69 -13.56 11.59
C PHE A 256 24.53 -12.46 12.64
N LEU A 257 25.52 -11.57 12.70
CA LEU A 257 25.45 -10.41 13.59
C LEU A 257 24.25 -9.50 13.33
N GLU A 258 24.02 -9.13 12.07
CA GLU A 258 22.88 -8.27 11.72
C GLU A 258 21.63 -8.75 12.43
N ALA A 259 21.38 -10.05 12.45
CA ALA A 259 20.22 -10.58 13.11
C ALA A 259 20.35 -10.64 14.64
N ILE A 260 21.55 -10.84 15.16
CA ILE A 260 21.76 -11.02 16.57
C ILE A 260 21.50 -9.66 17.22
N LEU A 261 22.06 -8.61 16.63
CA LEU A 261 22.18 -7.34 17.36
C LEU A 261 20.88 -6.72 17.88
N PRO A 262 19.92 -6.46 17.00
CA PRO A 262 18.69 -5.87 17.48
C PRO A 262 17.93 -6.74 18.50
N LEU A 263 18.11 -8.06 18.49
CA LEU A 263 17.52 -8.83 19.57
C LEU A 263 18.34 -8.60 20.83
N ALA A 264 19.67 -8.52 20.74
CA ALA A 264 20.51 -8.44 21.95
C ALA A 264 20.23 -7.12 22.70
N VAL A 265 20.24 -6.03 21.95
CA VAL A 265 19.90 -4.70 22.47
C VAL A 265 18.56 -4.67 23.13
N GLN A 266 17.57 -5.25 22.47
CA GLN A 266 16.25 -5.27 23.04
C GLN A 266 16.26 -6.13 24.29
N ALA A 267 16.99 -7.24 24.37
CA ALA A 267 16.99 -7.96 25.64
C ALA A 267 17.78 -7.19 26.72
N ALA A 268 18.85 -6.49 26.34
CA ALA A 268 19.68 -5.81 27.32
C ALA A 268 18.82 -4.73 28.02
N MET A 269 18.02 -4.05 27.21
CA MET A 269 17.14 -3.00 27.70
C MET A 269 16.07 -3.57 28.58
N GLU A 270 15.58 -4.78 28.31
CA GLU A 270 14.54 -5.36 29.16
C GLU A 270 15.10 -5.89 30.47
N GLU A 271 16.33 -6.37 30.46
CA GLU A 271 16.82 -7.21 31.54
C GLU A 271 17.79 -6.47 32.46
N ASN A 272 18.32 -5.35 31.99
CA ASN A 272 19.35 -4.60 32.75
C ASN A 272 19.13 -3.09 32.67
N VAL A 273 19.13 -2.45 33.83
CA VAL A 273 18.83 -1.02 33.88
C VAL A 273 19.93 -0.07 33.36
N GLU A 274 21.18 -0.48 33.33
CA GLU A 274 22.19 0.43 32.73
C GLU A 274 21.74 0.87 31.35
N PHE A 275 21.26 -0.08 30.55
CA PHE A 275 20.83 0.19 29.17
C PHE A 275 19.58 1.07 29.12
N ARG A 276 18.84 1.09 30.21
CA ARG A 276 17.60 1.89 30.34
C ARG A 276 17.78 3.38 30.78
N ARG A 277 18.94 3.72 31.32
CA ARG A 277 19.15 5.06 31.85
C ARG A 277 19.16 6.15 30.82
N GLY A 278 18.92 7.37 31.29
CA GLY A 278 18.70 8.50 30.42
C GLY A 278 19.96 9.08 29.85
N LEU A 279 19.99 9.36 28.55
CA LEU A 279 21.14 10.02 27.94
C LEU A 279 21.46 11.31 28.70
N PRO A 280 22.64 11.85 28.47
CA PRO A 280 22.95 13.06 29.17
C PRO A 280 22.20 14.21 28.59
N ARG A 281 21.50 14.94 29.44
CA ARG A 281 20.76 16.10 29.02
C ARG A 281 21.45 17.02 28.03
N ASP A 282 22.78 17.06 28.03
CA ASP A 282 23.46 18.00 27.10
C ASP A 282 24.50 17.44 26.12
N PHE A 283 24.50 16.13 25.91
CA PHE A 283 25.46 15.52 25.01
C PHE A 283 25.53 16.21 23.65
N MET A 284 24.45 16.88 23.25
CA MET A 284 24.43 17.53 21.92
C MET A 284 25.44 18.68 21.81
N ASP A 285 25.85 19.22 22.95
CA ASP A 285 26.90 20.27 22.96
C ASP A 285 28.28 19.77 22.64
N TYR A 286 28.56 18.52 23.02
CA TYR A 286 29.87 17.93 22.75
C TYR A 286 29.90 16.79 21.73
N MET A 287 28.75 16.20 21.38
CA MET A 287 28.70 15.11 20.38
C MET A 287 28.06 15.58 19.12
N GLY A 288 28.56 15.13 17.98
CA GLY A 288 28.06 15.52 16.67
C GLY A 288 29.25 15.78 15.75
N ALA A 289 29.05 15.75 14.44
CA ALA A 289 30.18 16.11 13.52
C ALA A 289 30.88 17.43 13.89
N GLN A 290 30.10 18.43 14.28
CA GLN A 290 30.64 19.78 14.62
C GLN A 290 31.63 19.76 15.79
N HIS A 291 31.64 18.67 16.57
CA HIS A 291 32.57 18.54 17.68
C HIS A 291 33.57 17.37 17.46
N SER A 292 33.87 17.03 16.21
CA SER A 292 34.86 15.98 15.88
C SER A 292 36.14 16.08 16.73
N ASP A 293 36.73 17.28 16.62
CA ASP A 293 38.03 17.61 17.14
C ASP A 293 37.81 18.52 18.37
N SER A 294 36.71 18.30 19.08
CA SER A 294 36.55 18.92 20.39
C SER A 294 37.49 18.15 21.31
N LYS A 295 37.76 18.77 22.46
CA LYS A 295 38.69 18.27 23.48
C LYS A 295 37.93 18.00 24.77
N ASP A 296 36.61 18.29 24.77
CA ASP A 296 35.80 18.25 25.98
C ASP A 296 35.96 16.83 26.52
N PRO A 297 36.34 16.70 27.79
CA PRO A 297 36.50 15.35 28.36
C PRO A 297 35.18 14.63 28.63
N ARG A 298 34.10 15.07 28.01
CA ARG A 298 32.84 14.39 28.22
C ARG A 298 32.56 13.61 26.98
N ARG A 299 33.06 14.14 25.87
CA ARG A 299 33.06 13.46 24.61
C ARG A 299 33.75 12.13 24.79
N THR A 300 34.90 12.07 25.45
CA THR A 300 35.63 10.79 25.51
C THR A 300 35.04 9.86 26.61
N ALA A 301 34.37 10.42 27.59
CA ALA A 301 33.63 9.62 28.52
C ALA A 301 32.41 8.97 27.85
N PHE A 302 31.81 9.70 26.90
CA PHE A 302 30.63 9.26 26.18
C PHE A 302 31.06 8.09 25.25
N MET A 303 32.12 8.31 24.48
CA MET A 303 32.73 7.26 23.64
C MET A 303 33.09 5.99 24.46
N GLU A 304 33.63 6.13 25.64
CA GLU A 304 33.98 4.95 26.38
C GLU A 304 32.80 4.26 26.92
N LYS A 305 31.72 4.96 27.16
CA LYS A 305 30.51 4.28 27.65
C LYS A 305 29.78 3.50 26.56
N VAL A 306 29.85 4.03 25.34
CA VAL A 306 29.38 3.35 24.17
C VAL A 306 30.23 2.10 23.97
N ARG A 307 31.55 2.20 24.02
CA ARG A 307 32.36 1.01 23.84
C ARG A 307 32.01 -0.04 24.89
N VAL A 308 31.82 0.31 26.15
CA VAL A 308 31.57 -0.74 27.15
C VAL A 308 30.20 -1.38 27.04
N LEU A 309 29.21 -0.61 26.60
CA LEU A 309 27.82 -1.11 26.48
C LEU A 309 27.64 -2.00 25.26
N VAL A 310 28.21 -1.65 24.11
CA VAL A 310 28.20 -2.52 22.98
C VAL A 310 28.83 -3.83 23.41
N ALA A 311 29.95 -3.78 24.12
CA ALA A 311 30.65 -5.01 24.51
C ALA A 311 29.71 -5.89 25.28
N ARG A 312 29.02 -5.30 26.23
CA ARG A 312 28.19 -6.08 27.12
C ARG A 312 26.97 -6.77 26.44
N LEU A 313 26.64 -6.36 25.23
CA LEU A 313 25.52 -6.92 24.52
C LEU A 313 25.75 -8.34 24.11
N GLY A 314 27.01 -8.76 24.07
CA GLY A 314 27.29 -10.17 23.81
C GLY A 314 26.59 -11.08 24.81
N HIS A 315 26.44 -10.64 26.04
CA HIS A 315 25.88 -11.53 27.05
C HIS A 315 24.37 -11.79 26.85
N PHE A 316 23.70 -10.92 26.09
CA PHE A 316 22.26 -11.02 25.81
C PHE A 316 21.91 -11.52 24.39
N ALA A 317 22.88 -12.06 23.64
CA ALA A 317 22.65 -12.32 22.23
C ALA A 317 21.96 -13.66 22.10
N PRO A 318 20.81 -13.69 21.43
CA PRO A 318 20.16 -14.96 21.34
C PRO A 318 20.75 -15.83 20.19
N VAL A 319 21.89 -16.44 20.44
CA VAL A 319 22.68 -17.05 19.38
C VAL A 319 22.04 -18.28 18.79
N ASP A 320 21.47 -19.08 19.68
CA ASP A 320 20.82 -20.29 19.29
C ASP A 320 19.53 -19.99 18.53
N ALA A 321 18.82 -18.97 18.92
CA ALA A 321 17.59 -18.72 18.20
C ALA A 321 17.88 -18.26 16.77
N VAL A 322 18.92 -17.42 16.61
CA VAL A 322 19.33 -16.94 15.31
C VAL A 322 19.88 -18.11 14.47
N ALA A 323 20.60 -19.03 15.12
CA ALA A 323 21.02 -20.22 14.41
C ALA A 323 19.79 -20.92 13.80
N ASP A 324 18.75 -21.17 14.61
CA ASP A 324 17.54 -21.83 14.15
C ASP A 324 16.83 -21.05 13.04
N GLN A 325 16.83 -19.73 13.10
CA GLN A 325 16.21 -18.94 12.02
C GLN A 325 16.95 -19.06 10.74
N ARG A 326 18.24 -19.15 10.82
CA ARG A 326 19.05 -19.32 9.63
C ARG A 326 18.84 -20.70 9.06
N ALA A 327 18.59 -21.68 9.92
CA ALA A 327 18.37 -23.05 9.49
C ALA A 327 17.02 -23.12 8.81
N LYS A 328 16.04 -22.44 9.37
CA LYS A 328 14.75 -22.35 8.73
C LYS A 328 14.79 -21.67 7.36
N ASP A 329 15.59 -20.63 7.24
CA ASP A 329 15.85 -20.03 5.90
C ASP A 329 16.52 -20.99 4.93
N PHE A 330 17.45 -21.82 5.43
CA PHE A 330 18.05 -22.84 4.62
C PHE A 330 17.09 -23.95 4.17
N ILE A 331 16.18 -24.35 5.07
CA ILE A 331 15.10 -25.28 4.74
C ILE A 331 14.21 -24.75 3.62
N HIS A 332 13.77 -23.52 3.75
CA HIS A 332 13.07 -22.83 2.69
C HIS A 332 13.88 -22.78 1.40
N ASP A 333 15.11 -22.28 1.46
CA ASP A 333 16.01 -22.21 0.27
C ASP A 333 16.37 -23.55 -0.46
N SER A 334 16.30 -24.65 0.26
CA SER A 334 16.83 -25.94 -0.16
C SER A 334 16.09 -26.60 -1.29
N LEU A 335 16.77 -27.34 -2.14
CA LEU A 335 16.07 -28.16 -3.12
C LEU A 335 15.41 -29.39 -2.43
N PRO A 336 14.32 -29.90 -2.99
CA PRO A 336 13.70 -31.11 -2.34
C PRO A 336 14.62 -32.29 -2.50
N PRO A 337 14.52 -33.28 -1.62
CA PRO A 337 15.53 -34.30 -1.58
C PRO A 337 15.34 -35.31 -2.68
N VAL A 338 16.44 -35.95 -3.06
CA VAL A 338 16.47 -36.99 -4.01
C VAL A 338 16.65 -38.28 -3.27
N LEU A 339 15.61 -39.12 -3.36
CA LEU A 339 15.57 -40.34 -2.60
C LEU A 339 16.36 -41.43 -3.25
N THR A 340 17.07 -42.25 -2.47
CA THR A 340 17.62 -43.51 -3.01
C THR A 340 16.48 -44.46 -3.33
N ASP A 341 16.73 -45.53 -4.05
CA ASP A 341 15.67 -46.57 -4.18
C ASP A 341 15.18 -47.10 -2.82
N ARG A 342 16.11 -47.40 -1.89
CA ARG A 342 15.77 -47.95 -0.56
C ARG A 342 14.83 -46.98 0.18
N GLU A 343 15.16 -45.70 0.12
CA GLU A 343 14.43 -44.69 0.87
C GLU A 343 13.05 -44.55 0.30
N ARG A 344 12.94 -44.65 -1.00
CA ARG A 344 11.62 -44.57 -1.63
C ARG A 344 10.84 -45.81 -1.20
N ALA A 345 11.46 -46.97 -1.22
CA ALA A 345 10.70 -48.19 -0.99
C ALA A 345 10.19 -48.25 0.44
N LEU A 346 11.02 -47.74 1.38
CA LEU A 346 10.75 -47.78 2.80
C LEU A 346 9.95 -46.59 3.30
N SER A 347 9.40 -45.79 2.41
CA SER A 347 8.68 -44.59 2.85
C SER A 347 7.28 -44.59 2.32
N VAL A 348 6.56 -43.54 2.64
CA VAL A 348 5.22 -43.31 2.08
C VAL A 348 5.19 -43.26 0.54
N TYR A 349 6.25 -42.78 -0.10
CA TYR A 349 6.26 -42.71 -1.55
C TYR A 349 6.28 -44.12 -2.13
N GLY A 350 6.96 -45.07 -1.50
CA GLY A 350 7.07 -46.43 -2.02
C GLY A 350 5.86 -47.30 -1.78
N LEU A 351 4.82 -46.74 -1.23
CA LEU A 351 3.70 -47.52 -0.75
C LEU A 351 2.95 -48.03 -1.97
N PRO A 352 2.57 -49.32 -1.99
CA PRO A 352 2.04 -49.85 -3.24
C PRO A 352 0.53 -49.64 -3.46
N ILE A 353 -0.13 -48.91 -2.59
CA ILE A 353 -1.54 -48.56 -2.79
C ILE A 353 -1.78 -47.76 -4.08
N ARG A 354 -2.66 -48.31 -4.90
CA ARG A 354 -2.98 -47.77 -6.21
C ARG A 354 -4.43 -48.08 -6.52
N TRP A 355 -4.94 -47.52 -7.60
CA TRP A 355 -6.26 -47.83 -8.05
C TRP A 355 -6.09 -48.92 -9.08
N GLU A 356 -6.92 -49.94 -9.00
CA GLU A 356 -6.83 -51.08 -9.90
C GLU A 356 -8.24 -51.56 -10.15
N ALA A 357 -8.60 -51.55 -11.42
CA ALA A 357 -9.90 -52.09 -11.87
C ALA A 357 -11.09 -51.74 -10.96
N GLY A 358 -11.30 -50.45 -10.74
CA GLY A 358 -12.53 -49.98 -10.10
C GLY A 358 -12.45 -49.71 -8.62
N GLU A 359 -11.26 -49.79 -8.05
CA GLU A 359 -11.14 -49.96 -6.58
C GLU A 359 -9.71 -49.66 -6.25
N PRO A 360 -9.43 -49.10 -5.05
CA PRO A 360 -8.07 -49.17 -4.52
C PRO A 360 -7.70 -50.57 -4.06
N VAL A 361 -6.41 -50.90 -4.07
CA VAL A 361 -5.93 -52.20 -3.66
C VAL A 361 -4.67 -51.96 -2.88
N ASN A 362 -4.11 -53.02 -2.29
CA ASN A 362 -2.87 -52.96 -1.53
C ASN A 362 -2.89 -51.88 -0.48
N VAL A 363 -4.05 -51.67 0.14
CA VAL A 363 -4.09 -50.79 1.29
C VAL A 363 -3.16 -51.40 2.39
N GLY A 364 -1.99 -50.77 2.56
CA GLY A 364 -0.97 -51.16 3.55
C GLY A 364 -1.32 -50.86 5.02
N ALA A 365 -0.64 -51.58 5.91
CA ALA A 365 -0.85 -51.46 7.34
C ALA A 365 -0.47 -50.08 7.88
N GLN A 366 -1.03 -49.77 9.03
CA GLN A 366 -0.59 -48.67 9.81
C GLN A 366 0.79 -48.99 10.44
N LEU A 367 1.41 -47.95 11.01
CA LEU A 367 2.57 -48.11 11.85
C LEU A 367 2.06 -48.74 13.12
N THR A 368 2.88 -49.58 13.73
CA THR A 368 2.59 -50.01 15.11
C THR A 368 3.79 -49.70 15.96
N THR A 369 3.65 -49.90 17.26
CA THR A 369 4.71 -49.59 18.17
C THR A 369 5.87 -50.54 17.96
N GLU A 370 5.76 -51.44 16.96
CA GLU A 370 6.82 -52.40 16.72
C GLU A 370 7.64 -51.99 15.53
N THR A 371 7.15 -51.02 14.75
CA THR A 371 7.84 -50.53 13.58
C THR A 371 9.10 -49.77 13.99
N GLU A 372 10.14 -49.95 13.21
CA GLU A 372 11.36 -49.27 13.41
C GLU A 372 11.50 -48.17 12.38
N VAL A 373 11.96 -47.02 12.86
CA VAL A 373 11.88 -45.85 12.09
C VAL A 373 13.11 -44.98 12.17
N HIS A 374 13.50 -44.33 11.08
CA HIS A 374 14.42 -43.22 11.20
C HIS A 374 14.05 -42.21 10.21
N MET A 375 14.64 -41.03 10.30
CA MET A 375 14.22 -39.92 9.44
C MET A 375 14.58 -40.28 8.03
N LEU A 376 13.80 -39.77 7.08
CA LEU A 376 13.94 -40.13 5.69
C LEU A 376 15.34 -39.78 5.26
N GLN A 377 15.79 -38.60 5.63
CA GLN A 377 17.16 -38.16 5.34
C GLN A 377 17.55 -37.21 6.47
N ASP A 378 18.80 -36.72 6.42
CA ASP A 378 19.37 -35.90 7.50
C ASP A 378 19.23 -34.46 7.29
N GLY A 379 18.94 -34.03 6.09
CA GLY A 379 18.77 -32.58 5.85
C GLY A 379 17.45 -32.16 5.25
N ILE A 380 16.39 -32.77 5.69
CA ILE A 380 15.07 -32.42 5.23
C ILE A 380 14.25 -31.67 6.30
N ALA A 381 14.75 -31.56 7.53
CA ALA A 381 13.95 -30.99 8.61
C ALA A 381 14.73 -30.33 9.70
N ARG A 382 14.10 -29.34 10.32
CA ARG A 382 14.72 -28.72 11.48
C ARG A 382 13.67 -28.18 12.38
N LEU A 383 13.92 -28.31 13.67
CA LEU A 383 12.96 -28.00 14.70
C LEU A 383 13.33 -26.63 15.21
N VAL A 384 12.38 -25.70 15.14
CA VAL A 384 12.61 -24.29 15.38
C VAL A 384 11.56 -23.79 16.32
N GLY A 385 12.01 -23.18 17.42
CA GLY A 385 11.14 -22.58 18.45
C GLY A 385 10.76 -21.20 18.00
N GLU A 386 9.47 -20.93 17.88
CA GLU A 386 9.02 -19.57 17.60
C GLU A 386 7.85 -19.22 18.50
N GLY A 387 8.04 -18.15 19.26
CA GLY A 387 6.93 -17.51 19.98
C GLY A 387 6.29 -18.42 21.01
N GLY A 388 7.09 -19.31 21.59
CA GLY A 388 6.62 -20.28 22.59
C GLY A 388 6.17 -21.60 22.00
N HIS A 389 5.89 -21.63 20.70
CA HIS A 389 5.46 -22.85 20.05
C HIS A 389 6.66 -23.52 19.38
N LEU A 390 6.44 -24.70 18.83
CA LEU A 390 7.52 -25.55 18.32
C LEU A 390 7.09 -26.05 16.96
N PHE A 391 7.90 -25.76 15.95
CA PHE A 391 7.54 -26.12 14.58
C PHE A 391 8.62 -26.92 13.91
N LEU A 392 8.23 -27.89 13.11
CA LEU A 392 9.20 -28.66 12.34
C LEU A 392 9.13 -28.21 10.88
N TYR A 393 10.15 -27.50 10.42
CA TYR A 393 10.14 -27.01 9.05
C TYR A 393 10.80 -28.05 8.22
N TYR A 394 10.28 -28.29 7.03
CA TYR A 394 10.76 -29.39 6.19
C TYR A 394 10.92 -29.05 4.68
N THR A 395 11.72 -29.83 3.97
CA THR A 395 12.04 -29.56 2.59
C THR A 395 11.35 -30.51 1.59
N VAL A 396 10.52 -31.47 2.02
CA VAL A 396 10.09 -32.52 1.09
C VAL A 396 9.04 -32.07 0.09
N GLU A 397 8.40 -30.95 0.36
CA GLU A 397 7.37 -30.42 -0.50
C GLU A 397 7.89 -29.21 -1.25
N ASN A 398 9.17 -28.90 -1.21
CA ASN A 398 9.73 -27.77 -1.93
C ASN A 398 9.80 -28.05 -3.41
N SER A 399 9.83 -27.00 -4.17
CA SER A 399 9.92 -27.11 -5.60
C SER A 399 11.37 -26.92 -6.05
N ARG A 400 11.62 -27.36 -7.26
CA ARG A 400 12.92 -27.29 -7.88
C ARG A 400 13.15 -25.90 -8.44
N VAL A 401 12.16 -25.02 -8.26
CA VAL A 401 12.31 -23.57 -8.43
C VAL A 401 12.38 -22.75 -7.10
N TYR A 402 13.44 -21.93 -7.00
CA TYR A 402 13.78 -21.19 -5.76
C TYR A 402 12.56 -20.41 -5.26
N HIS A 403 12.11 -20.78 -4.04
CA HIS A 403 11.05 -20.08 -3.33
C HIS A 403 9.69 -20.14 -4.07
N LEU A 404 9.57 -20.98 -5.09
CA LEU A 404 8.25 -21.20 -5.72
C LEU A 404 7.20 -21.76 -4.75
N GLU A 405 7.64 -22.35 -3.62
CA GLU A 405 6.76 -22.73 -2.50
C GLU A 405 7.16 -21.87 -1.27
N GLU A 406 6.25 -21.76 -0.29
CA GLU A 406 6.39 -20.90 0.94
C GLU A 406 6.80 -21.82 2.07
N PRO A 407 7.53 -21.33 3.11
CA PRO A 407 8.10 -22.27 4.08
C PRO A 407 7.03 -23.12 4.78
N LYS A 408 7.39 -24.38 5.01
CA LYS A 408 6.44 -25.38 5.32
C LYS A 408 6.81 -26.03 6.62
N CYS A 409 5.85 -26.13 7.52
CA CYS A 409 6.10 -26.72 8.81
C CYS A 409 4.87 -27.38 9.36
N LEU A 410 5.10 -28.20 10.38
CA LEU A 410 4.03 -28.77 11.16
C LEU A 410 4.35 -28.53 12.60
N GLU A 411 3.30 -28.32 13.37
CA GLU A 411 3.41 -28.04 14.79
C GLU A 411 3.79 -29.34 15.46
N ILE A 412 4.77 -29.25 16.36
CA ILE A 412 5.23 -30.33 17.22
C ILE A 412 4.88 -29.92 18.66
N TYR A 413 3.90 -30.60 19.27
CA TYR A 413 3.38 -30.23 20.56
C TYR A 413 4.48 -30.47 21.58
N PRO A 414 4.43 -29.78 22.71
CA PRO A 414 5.45 -29.84 23.77
C PRO A 414 5.76 -31.25 24.29
N GLN A 415 4.74 -32.10 24.36
CA GLN A 415 4.89 -33.50 24.80
C GLN A 415 5.71 -34.35 23.82
N GLN A 416 5.74 -33.93 22.56
CA GLN A 416 6.39 -34.67 21.52
C GLN A 416 7.83 -34.12 21.29
N ALA A 417 8.18 -32.99 21.86
CA ALA A 417 9.50 -32.41 21.60
C ALA A 417 10.68 -33.35 21.76
N ASP A 418 10.73 -34.07 22.84
CA ASP A 418 11.88 -34.92 23.14
C ASP A 418 12.01 -36.01 22.10
N ALA A 419 10.89 -36.59 21.72
CA ALA A 419 10.88 -37.64 20.71
C ALA A 419 11.35 -37.06 19.38
N MET A 420 10.85 -35.87 19.03
CA MET A 420 11.26 -35.25 17.79
C MET A 420 12.78 -35.01 17.80
N GLU A 421 13.28 -34.53 18.93
CA GLU A 421 14.71 -34.21 19.04
C GLU A 421 15.49 -35.48 18.94
N LEU A 422 15.00 -36.51 19.56
CA LEU A 422 15.69 -37.78 19.49
C LEU A 422 15.82 -38.24 18.05
N LEU A 423 14.69 -38.29 17.33
CA LEU A 423 14.69 -38.68 15.92
C LEU A 423 15.66 -37.87 15.08
N LEU A 424 15.63 -36.55 15.20
CA LEU A 424 16.49 -35.70 14.38
C LEU A 424 17.91 -35.95 14.71
N GLY A 425 18.19 -36.19 15.98
CA GLY A 425 19.55 -36.30 16.45
C GLY A 425 20.15 -37.66 16.36
N SER A 426 19.42 -38.68 15.97
CA SER A 426 19.97 -40.04 15.95
C SER A 426 19.91 -40.72 14.61
N TYR A 427 19.56 -40.01 13.56
CA TYR A 427 19.69 -40.53 12.18
C TYR A 427 21.11 -40.91 11.92
N PRO A 428 21.31 -42.09 11.32
CA PRO A 428 20.37 -43.04 10.75
C PRO A 428 20.13 -44.35 11.49
N GLU A 429 20.12 -44.29 12.81
CA GLU A 429 19.79 -45.43 13.61
C GLU A 429 18.28 -45.54 13.72
N PHE A 430 17.82 -46.75 13.52
CA PHE A 430 16.41 -47.04 13.69
C PHE A 430 16.01 -47.01 15.15
N VAL A 431 14.79 -46.55 15.41
CA VAL A 431 14.25 -46.53 16.74
C VAL A 431 12.87 -47.13 16.66
N ARG A 432 12.55 -48.04 17.57
CA ARG A 432 11.24 -48.61 17.59
C ARG A 432 10.29 -47.50 17.98
N VAL A 433 9.13 -47.49 17.36
CA VAL A 433 8.17 -46.48 17.71
C VAL A 433 7.87 -46.55 19.17
N GLY A 434 7.75 -47.78 19.69
CA GLY A 434 7.51 -48.02 21.11
C GLY A 434 8.59 -47.53 22.08
N ASP A 435 9.75 -47.16 21.57
CA ASP A 435 10.87 -46.67 22.36
C ASP A 435 10.98 -45.15 22.36
N LEU A 436 10.11 -44.46 21.66
CA LEU A 436 10.18 -43.03 21.64
C LEU A 436 9.85 -42.46 23.04
N PRO A 437 10.61 -41.42 23.48
CA PRO A 437 10.41 -40.60 24.68
C PRO A 437 9.16 -39.79 24.70
N CYS A 438 8.01 -40.42 24.80
CA CYS A 438 6.73 -39.72 24.99
C CYS A 438 6.00 -40.17 26.25
N ASP A 439 4.97 -39.48 26.65
CA ASP A 439 4.23 -39.81 27.86
C ASP A 439 3.16 -40.93 27.74
N SER A 440 2.80 -41.26 26.51
CA SER A 440 1.81 -42.28 26.30
C SER A 440 2.25 -42.99 25.08
N VAL A 441 1.71 -44.17 24.88
CA VAL A 441 1.92 -44.96 23.66
C VAL A 441 1.18 -44.27 22.52
N GLU A 442 -0.03 -43.79 22.78
CA GLU A 442 -0.81 -43.08 21.82
C GLU A 442 0.08 -41.93 21.29
N ASP A 443 0.78 -41.23 22.17
CA ASP A 443 1.64 -40.13 21.74
C ASP A 443 2.80 -40.59 20.83
N GLN A 444 3.28 -41.80 21.04
CA GLN A 444 4.35 -42.35 20.25
C GLN A 444 3.86 -42.67 18.87
N LEU A 445 2.66 -43.23 18.77
CA LEU A 445 2.13 -43.67 17.48
C LEU A 445 1.79 -42.49 16.63
N SER A 446 1.17 -41.52 17.25
CA SER A 446 0.70 -40.38 16.55
C SER A 446 1.82 -39.46 16.00
N LEU A 447 2.94 -39.32 16.71
CA LEU A 447 4.04 -38.50 16.20
C LEU A 447 4.59 -39.13 14.97
N ALA A 448 4.87 -40.42 15.12
CA ALA A 448 5.41 -41.24 14.06
C ALA A 448 4.51 -41.32 12.83
N THR A 449 3.23 -41.46 13.01
CA THR A 449 2.33 -41.55 11.87
C THR A 449 2.35 -40.25 11.06
N THR A 450 2.18 -39.12 11.75
CA THR A 450 2.28 -37.77 11.16
C THR A 450 3.53 -37.57 10.33
N LEU A 451 4.69 -37.85 10.92
CA LEU A 451 5.93 -37.72 10.22
C LEU A 451 5.96 -38.63 9.02
N TYR A 452 5.52 -39.88 9.20
CA TYR A 452 5.56 -40.84 8.10
C TYR A 452 4.72 -40.33 6.95
N ASP A 453 3.49 -39.96 7.24
CA ASP A 453 2.53 -39.48 6.24
C ASP A 453 2.98 -38.26 5.48
N LYS A 454 3.77 -37.40 6.12
CA LYS A 454 4.29 -36.19 5.48
C LYS A 454 5.46 -36.51 4.60
N GLY A 455 5.99 -37.72 4.67
CA GLY A 455 7.18 -38.10 3.93
C GLY A 455 8.47 -37.79 4.66
N LEU A 456 8.47 -37.70 5.99
CA LEU A 456 9.70 -37.35 6.75
C LEU A 456 10.38 -38.53 7.41
N LEU A 457 9.83 -39.72 7.21
CA LEU A 457 10.25 -40.87 7.98
C LEU A 457 10.25 -42.10 7.13
N LEU A 458 11.10 -43.03 7.44
CA LEU A 458 11.05 -44.36 6.78
C LEU A 458 11.05 -45.49 7.81
N THR A 459 10.65 -46.66 7.37
CA THR A 459 10.44 -47.79 8.25
C THR A 459 11.47 -48.83 7.88
N LYS A 460 11.89 -49.70 8.80
CA LYS A 460 13.01 -50.59 8.49
C LYS A 460 12.58 -51.57 7.44
N MET A 461 11.32 -51.98 7.52
CA MET A 461 10.72 -52.84 6.54
C MET A 461 9.48 -52.10 6.03
N PRO A 462 9.11 -52.35 4.78
CA PRO A 462 7.97 -51.67 4.23
C PRO A 462 6.77 -51.96 5.07
N LEU A 463 5.85 -51.02 5.20
CA LEU A 463 4.56 -51.32 5.77
C LEU A 463 3.75 -52.30 4.87
N ALA A 464 3.96 -52.24 3.55
CA ALA A 464 3.42 -53.29 2.64
C ALA A 464 4.25 -53.53 1.35
N TRP B 6 -8.01 -49.46 -27.30
CA TRP B 6 -7.23 -48.60 -28.23
C TRP B 6 -8.08 -47.67 -29.10
N ASP B 7 -9.38 -47.98 -29.31
CA ASP B 7 -10.31 -47.07 -30.03
C ASP B 7 -11.62 -46.77 -29.31
N SER B 8 -12.17 -45.57 -29.55
CA SER B 8 -13.46 -45.15 -28.99
C SER B 8 -14.06 -44.04 -29.82
N PRO B 9 -15.36 -43.80 -29.67
CA PRO B 9 -15.96 -42.64 -30.29
C PRO B 9 -15.12 -41.38 -30.12
N LEU B 10 -14.63 -41.13 -28.89
CA LEU B 10 -13.76 -40.00 -28.61
C LEU B 10 -12.45 -40.04 -29.38
N ARG B 11 -11.70 -41.13 -29.32
CA ARG B 11 -10.43 -41.20 -30.08
C ARG B 11 -10.64 -41.04 -31.59
N ARG B 12 -11.83 -41.39 -32.07
CA ARG B 12 -12.11 -41.22 -33.47
C ARG B 12 -12.40 -39.79 -33.84
N VAL B 13 -13.17 -39.11 -33.00
CA VAL B 13 -13.43 -37.72 -33.25
C VAL B 13 -12.17 -36.84 -33.11
N LEU B 14 -11.24 -37.20 -32.24
CA LEU B 14 -9.95 -36.45 -32.17
C LEU B 14 -9.13 -36.63 -33.41
N ALA B 15 -9.02 -37.86 -33.82
CA ALA B 15 -8.36 -38.17 -35.06
C ALA B 15 -9.03 -37.41 -36.22
N GLU B 16 -10.35 -37.32 -36.19
CA GLU B 16 -11.07 -36.60 -37.21
C GLU B 16 -10.71 -35.10 -37.15
N LEU B 17 -10.73 -34.50 -35.95
CA LEU B 17 -10.30 -33.11 -35.77
C LEU B 17 -8.92 -32.81 -36.33
N ASN B 18 -7.99 -33.75 -36.20
CA ASN B 18 -6.66 -33.61 -36.76
C ASN B 18 -6.63 -33.46 -38.28
N ARG B 19 -7.66 -33.93 -38.97
CA ARG B 19 -7.74 -33.86 -40.44
C ARG B 19 -8.63 -32.72 -40.96
N ILE B 20 -9.39 -32.06 -40.09
CA ILE B 20 -10.13 -30.82 -40.44
C ILE B 20 -9.20 -29.60 -40.34
N PRO B 21 -8.90 -28.97 -41.47
CA PRO B 21 -7.90 -27.89 -41.51
C PRO B 21 -8.25 -26.57 -40.77
N SER B 22 -9.52 -26.18 -40.67
CA SER B 22 -9.90 -24.98 -39.94
C SER B 22 -10.20 -25.24 -38.48
N SER B 23 -9.65 -24.39 -37.61
CA SER B 23 -9.89 -24.46 -36.16
C SER B 23 -11.28 -24.03 -35.80
N ARG B 24 -11.83 -23.14 -36.61
CA ARG B 24 -13.27 -22.80 -36.47
C ARG B 24 -14.16 -24.03 -36.63
N ARG B 25 -13.87 -24.79 -37.69
CA ARG B 25 -14.64 -25.98 -38.02
C ARG B 25 -14.37 -27.11 -37.02
N ARG B 26 -13.10 -27.32 -36.62
CA ARG B 26 -12.83 -28.29 -35.58
C ARG B 26 -13.66 -28.07 -34.31
N ALA B 27 -13.79 -26.82 -33.87
CA ALA B 27 -14.56 -26.46 -32.71
C ALA B 27 -16.02 -26.76 -32.87
N ALA B 28 -16.57 -26.45 -34.05
CA ALA B 28 -18.00 -26.71 -34.31
C ALA B 28 -18.32 -28.21 -34.27
N ARG B 29 -17.42 -28.98 -34.87
CA ARG B 29 -17.53 -30.41 -34.95
C ARG B 29 -17.50 -31.11 -33.61
N LEU B 30 -16.53 -30.77 -32.77
CA LEU B 30 -16.42 -31.38 -31.45
C LEU B 30 -17.60 -31.07 -30.58
N PHE B 31 -18.20 -29.89 -30.71
CA PHE B 31 -19.38 -29.57 -29.91
C PHE B 31 -20.51 -30.44 -30.42
N GLU B 32 -20.63 -30.54 -31.75
CA GLU B 32 -21.58 -31.46 -32.38
C GLU B 32 -21.42 -32.87 -31.82
N TRP B 33 -20.19 -33.34 -31.79
CA TRP B 33 -19.91 -34.60 -31.14
C TRP B 33 -20.31 -34.63 -29.67
N LEU B 34 -19.99 -33.58 -28.92
CA LEU B 34 -20.30 -33.59 -27.50
C LEU B 34 -21.77 -33.80 -27.24
N ILE B 35 -22.66 -33.21 -28.05
CA ILE B 35 -24.10 -33.35 -27.80
C ILE B 35 -24.84 -34.31 -28.72
N ALA B 36 -24.09 -35.03 -29.55
CA ALA B 36 -24.72 -35.95 -30.50
C ALA B 36 -25.73 -36.83 -29.77
N PRO B 37 -26.93 -37.10 -30.36
CA PRO B 37 -27.33 -36.77 -31.73
C PRO B 37 -28.12 -35.50 -31.83
N MET B 38 -28.32 -34.80 -30.72
CA MET B 38 -28.95 -33.49 -30.77
C MET B 38 -28.20 -32.42 -31.60
N PRO B 39 -28.93 -31.71 -32.49
CA PRO B 39 -28.29 -30.66 -33.34
C PRO B 39 -27.91 -29.38 -32.59
N PRO B 40 -26.72 -28.88 -32.86
CA PRO B 40 -26.24 -27.69 -32.18
C PRO B 40 -27.11 -26.45 -32.33
N ASP B 41 -27.68 -26.27 -33.49
CA ASP B 41 -28.50 -25.09 -33.73
C ASP B 41 -29.79 -25.22 -32.96
N HIS B 42 -30.32 -26.43 -32.80
CA HIS B 42 -31.55 -26.61 -31.95
C HIS B 42 -31.19 -26.30 -30.49
N PHE B 43 -30.08 -26.87 -30.03
CA PHE B 43 -29.61 -26.70 -28.67
C PHE B 43 -29.43 -25.25 -28.29
N TYR B 44 -28.71 -24.51 -29.12
CA TYR B 44 -28.39 -23.14 -28.75
C TYR B 44 -29.63 -22.25 -28.87
N ARG B 45 -30.51 -22.55 -29.80
CA ARG B 45 -31.68 -21.71 -30.04
C ARG B 45 -32.72 -21.88 -28.99
N ARG B 46 -32.86 -23.09 -28.42
CA ARG B 46 -33.98 -23.40 -27.51
C ARG B 46 -33.57 -23.82 -26.10
N LEU B 47 -32.48 -24.57 -25.95
CA LEU B 47 -32.18 -25.16 -24.65
C LEU B 47 -31.15 -24.37 -23.83
N TRP B 48 -30.12 -23.84 -24.51
CA TRP B 48 -29.04 -23.02 -23.91
C TRP B 48 -29.61 -21.90 -23.09
N GLU B 49 -29.18 -21.82 -21.85
CA GLU B 49 -29.68 -20.82 -20.90
C GLU B 49 -31.16 -20.95 -20.44
N ARG B 50 -31.85 -21.98 -20.93
CA ARG B 50 -33.29 -22.12 -20.70
C ARG B 50 -33.72 -23.40 -20.01
N GLU B 51 -32.99 -24.49 -20.19
CA GLU B 51 -33.52 -25.78 -19.86
C GLU B 51 -32.43 -26.81 -19.67
N ALA B 52 -32.56 -27.63 -18.63
CA ALA B 52 -31.71 -28.81 -18.46
C ALA B 52 -31.94 -29.74 -19.63
N VAL B 53 -30.91 -30.50 -19.99
CA VAL B 53 -30.95 -31.40 -21.13
C VAL B 53 -30.16 -32.67 -20.76
N LEU B 54 -30.73 -33.83 -21.07
CA LEU B 54 -30.10 -35.11 -20.84
C LEU B 54 -29.94 -35.81 -22.13
N VAL B 55 -28.80 -36.42 -22.33
CA VAL B 55 -28.56 -37.12 -23.55
C VAL B 55 -28.16 -38.54 -23.16
N ARG B 56 -29.05 -39.49 -23.47
CA ARG B 56 -28.87 -40.86 -23.13
C ARG B 56 -28.05 -41.41 -24.24
N ARG B 57 -26.76 -41.59 -24.06
CA ARG B 57 -25.94 -41.96 -25.20
C ARG B 57 -26.14 -43.36 -25.71
N GLN B 58 -26.56 -44.28 -24.82
CA GLN B 58 -26.49 -45.74 -25.04
C GLN B 58 -25.16 -46.21 -25.65
N ASP B 59 -24.06 -45.62 -25.22
CA ASP B 59 -22.74 -46.03 -25.66
C ASP B 59 -21.84 -45.72 -24.50
N HIS B 60 -21.49 -46.76 -23.76
CA HIS B 60 -20.72 -46.63 -22.53
C HIS B 60 -19.27 -46.34 -22.84
N THR B 61 -18.86 -46.51 -24.09
CA THR B 61 -17.49 -46.21 -24.46
C THR B 61 -17.29 -44.79 -25.01
N TYR B 62 -18.34 -43.97 -25.01
CA TYR B 62 -18.34 -42.70 -25.79
C TYR B 62 -17.10 -41.79 -25.53
N TYR B 63 -16.76 -41.64 -24.24
CA TYR B 63 -15.73 -40.76 -23.76
C TYR B 63 -14.42 -41.45 -23.44
N GLN B 64 -14.26 -42.73 -23.70
CA GLN B 64 -12.99 -43.38 -23.31
C GLN B 64 -11.81 -42.68 -23.93
N GLY B 65 -10.75 -42.51 -23.13
CA GLY B 65 -9.56 -41.80 -23.55
C GLY B 65 -9.51 -40.39 -22.99
N LEU B 66 -10.63 -39.84 -22.55
CA LEU B 66 -10.65 -38.46 -22.06
C LEU B 66 -10.00 -38.35 -20.67
N PHE B 67 -10.59 -39.04 -19.71
CA PHE B 67 -10.13 -39.05 -18.33
C PHE B 67 -10.68 -40.27 -17.58
N SER B 68 -9.84 -40.91 -16.76
CA SER B 68 -10.19 -42.09 -15.99
C SER B 68 -9.65 -41.98 -14.56
N THR B 69 -10.15 -42.80 -13.69
CA THR B 69 -9.67 -42.74 -12.32
C THR B 69 -8.20 -43.14 -12.33
N ALA B 70 -7.84 -43.99 -13.28
CA ALA B 70 -6.48 -44.45 -13.39
C ALA B 70 -5.57 -43.25 -13.65
N ASP B 71 -6.04 -42.31 -14.48
CA ASP B 71 -5.26 -41.09 -14.76
C ASP B 71 -5.10 -40.32 -13.47
N LEU B 72 -6.16 -40.26 -12.70
CA LEU B 72 -6.08 -39.53 -11.44
C LEU B 72 -5.00 -40.08 -10.52
N ASP B 73 -4.97 -41.39 -10.40
CA ASP B 73 -4.01 -42.11 -9.60
C ASP B 73 -2.57 -41.87 -10.03
N SER B 74 -2.28 -41.90 -11.33
CA SER B 74 -0.90 -41.63 -11.82
C SER B 74 -0.50 -40.19 -11.62
N MET B 75 -1.49 -39.31 -11.77
CA MET B 75 -1.38 -37.90 -11.49
C MET B 75 -0.97 -37.60 -10.06
N LEU B 76 -1.65 -38.22 -9.10
CA LEU B 76 -1.30 -38.04 -7.69
C LEU B 76 0.14 -38.51 -7.38
N ARG B 77 0.60 -39.55 -8.07
CA ARG B 77 1.90 -40.16 -7.82
C ARG B 77 3.06 -39.43 -8.50
N ASN B 78 2.83 -38.94 -9.71
CA ASN B 78 3.87 -38.39 -10.57
C ASN B 78 3.94 -36.87 -10.70
N GLU B 79 2.90 -36.19 -10.22
CA GLU B 79 2.88 -34.73 -10.27
C GLU B 79 2.73 -34.21 -8.85
N GLU B 80 2.98 -32.92 -8.68
CA GLU B 80 2.88 -32.30 -7.37
C GLU B 80 1.46 -31.76 -7.13
N VAL B 81 0.52 -32.68 -6.97
CA VAL B 81 -0.87 -32.34 -6.69
C VAL B 81 -1.08 -31.97 -5.21
N GLN B 82 -1.63 -30.80 -4.92
CA GLN B 82 -1.71 -30.23 -3.54
C GLN B 82 -3.14 -30.16 -3.12
N PHE B 83 -3.45 -30.53 -1.87
CA PHE B 83 -4.80 -30.36 -1.38
C PHE B 83 -5.03 -28.88 -1.39
N GLY B 84 -6.29 -28.45 -1.47
CA GLY B 84 -6.64 -27.05 -1.58
C GLY B 84 -6.42 -26.49 -2.97
N GLN B 85 -5.18 -26.38 -3.40
CA GLN B 85 -4.87 -25.71 -4.67
C GLN B 85 -5.40 -26.57 -5.83
N HIS B 86 -5.13 -27.88 -5.77
CA HIS B 86 -5.50 -28.75 -6.88
C HIS B 86 -6.63 -29.73 -6.55
N LEU B 87 -6.76 -30.15 -5.30
CA LEU B 87 -7.64 -31.29 -4.97
C LEU B 87 -8.43 -31.10 -3.70
N ASP B 88 -9.73 -31.26 -3.74
CA ASP B 88 -10.56 -31.20 -2.53
C ASP B 88 -11.06 -32.58 -2.24
N ALA B 89 -11.34 -32.81 -0.98
CA ALA B 89 -11.93 -34.04 -0.55
C ALA B 89 -13.06 -33.69 0.39
N ALA B 90 -14.26 -34.13 0.08
CA ALA B 90 -15.40 -33.67 0.86
C ALA B 90 -16.49 -34.72 0.99
N ARG B 91 -17.33 -34.54 1.99
CA ARG B 91 -18.33 -35.52 2.36
C ARG B 91 -19.58 -34.75 2.72
N TYR B 92 -20.71 -35.18 2.14
CA TYR B 92 -22.01 -34.68 2.52
C TYR B 92 -22.70 -35.77 3.34
N ILE B 93 -22.84 -35.60 4.65
CA ILE B 93 -23.65 -36.56 5.41
C ILE B 93 -24.56 -35.94 6.47
N ASN B 94 -25.75 -36.55 6.61
CA ASN B 94 -26.77 -36.10 7.56
C ASN B 94 -27.02 -34.61 7.39
N GLY B 95 -27.15 -34.18 6.14
CA GLY B 95 -27.41 -32.77 5.83
C GLY B 95 -26.32 -31.75 6.13
N ARG B 96 -25.07 -32.18 6.35
CA ARG B 96 -23.93 -31.24 6.45
C ARG B 96 -22.82 -31.51 5.40
N ARG B 97 -22.18 -30.43 4.92
CA ARG B 97 -21.02 -30.46 4.02
C ARG B 97 -19.71 -30.29 4.82
N GLU B 98 -18.86 -31.33 4.90
CA GLU B 98 -17.52 -31.21 5.51
C GLU B 98 -16.39 -31.16 4.49
N THR B 99 -15.25 -30.60 4.90
CA THR B 99 -14.06 -30.54 4.05
C THR B 99 -12.85 -31.07 4.83
N LEU B 100 -12.16 -32.04 4.24
CA LEU B 100 -11.16 -32.79 4.98
C LEU B 100 -9.82 -32.71 4.32
N ASN B 101 -9.45 -31.52 3.85
CA ASN B 101 -8.19 -31.33 3.15
C ASN B 101 -7.04 -31.19 4.16
N PRO B 102 -6.28 -32.28 4.43
CA PRO B 102 -5.08 -31.98 5.21
C PRO B 102 -4.20 -31.00 4.43
N PRO B 103 -3.37 -30.23 5.13
CA PRO B 103 -2.62 -29.28 4.32
C PRO B 103 -1.49 -29.98 3.56
N GLY B 104 -1.13 -29.42 2.41
CA GLY B 104 -0.01 -29.91 1.60
C GLY B 104 -0.25 -30.94 0.52
N ARG B 105 0.71 -31.82 0.35
CA ARG B 105 0.69 -32.71 -0.79
C ARG B 105 -0.45 -33.73 -0.74
N ALA B 106 -0.99 -34.10 -1.88
CA ALA B 106 -2.04 -35.10 -1.98
C ALA B 106 -1.44 -36.40 -2.47
N LEU B 107 -0.69 -37.08 -1.64
CA LEU B 107 -0.18 -38.40 -2.03
C LEU B 107 -1.33 -39.40 -2.31
N PRO B 108 -1.08 -40.39 -3.19
CA PRO B 108 -1.97 -41.53 -3.36
C PRO B 108 -2.47 -42.13 -2.03
N ALA B 109 -1.55 -42.28 -1.09
CA ALA B 109 -1.92 -42.87 0.19
C ALA B 109 -2.96 -42.04 0.98
N ALA B 110 -2.78 -40.74 1.08
CA ALA B 110 -3.76 -39.91 1.78
C ALA B 110 -5.08 -39.87 1.02
N ALA B 111 -5.00 -39.75 -0.32
CA ALA B 111 -6.19 -39.52 -1.13
C ALA B 111 -7.08 -40.74 -1.11
N TRP B 112 -6.46 -41.92 -1.26
CA TRP B 112 -7.23 -43.15 -1.28
C TRP B 112 -7.75 -43.55 0.10
N SER B 113 -7.09 -43.19 1.20
CA SER B 113 -7.75 -43.42 2.50
C SER B 113 -8.94 -42.48 2.68
N LEU B 114 -8.82 -41.25 2.22
CA LEU B 114 -9.97 -40.35 2.34
C LEU B 114 -11.18 -40.91 1.55
N TYR B 115 -10.89 -41.48 0.39
CA TYR B 115 -11.93 -42.06 -0.43
C TYR B 115 -12.55 -43.24 0.29
N GLN B 116 -11.69 -44.07 0.89
CA GLN B 116 -12.18 -45.21 1.70
C GLN B 116 -13.00 -44.81 2.91
N ALA B 117 -12.83 -43.62 3.45
CA ALA B 117 -13.68 -43.15 4.53
C ALA B 117 -14.92 -42.45 3.99
N GLY B 118 -15.24 -42.64 2.73
CA GLY B 118 -16.43 -42.03 2.15
C GLY B 118 -16.32 -40.66 1.50
N CYS B 119 -15.08 -40.18 1.27
CA CYS B 119 -14.84 -38.82 0.72
C CYS B 119 -14.84 -38.77 -0.79
N SER B 120 -15.50 -37.76 -1.32
CA SER B 120 -15.40 -37.51 -2.75
C SER B 120 -14.13 -36.66 -3.04
N LEU B 121 -13.46 -36.93 -4.14
CA LEU B 121 -12.27 -36.19 -4.56
C LEU B 121 -12.57 -35.30 -5.78
N ARG B 122 -12.21 -34.03 -5.70
CA ARG B 122 -12.45 -33.03 -6.75
C ARG B 122 -11.14 -32.50 -7.29
N LEU B 123 -10.85 -32.80 -8.54
CA LEU B 123 -9.70 -32.23 -9.21
C LEU B 123 -10.12 -30.90 -9.85
N LEU B 124 -9.43 -29.81 -9.49
CA LEU B 124 -9.81 -28.46 -9.93
C LEU B 124 -9.35 -28.06 -11.32
N CYS B 125 -8.23 -28.55 -11.81
CA CYS B 125 -7.72 -28.08 -13.10
C CYS B 125 -7.21 -29.31 -13.82
N PRO B 126 -8.11 -30.22 -14.17
CA PRO B 126 -7.68 -31.43 -14.84
C PRO B 126 -6.81 -31.11 -16.01
N GLN B 127 -7.11 -30.01 -16.67
CA GLN B 127 -6.39 -29.60 -17.90
C GLN B 127 -4.94 -29.21 -17.68
N ALA B 128 -4.54 -28.89 -16.45
CA ALA B 128 -3.11 -28.73 -16.11
C ALA B 128 -2.32 -30.05 -16.14
N PHE B 129 -2.96 -31.16 -15.88
CA PHE B 129 -2.24 -32.42 -15.85
C PHE B 129 -2.67 -33.41 -16.93
N SER B 130 -3.56 -33.07 -17.84
CA SER B 130 -4.03 -34.06 -18.80
C SER B 130 -4.05 -33.43 -20.18
N THR B 131 -3.33 -33.99 -21.13
CA THR B 131 -3.28 -33.35 -22.40
C THR B 131 -4.63 -33.56 -23.15
N THR B 132 -5.30 -34.67 -22.89
CA THR B 132 -6.62 -34.92 -23.52
C THR B 132 -7.71 -33.98 -23.00
N VAL B 133 -7.69 -33.67 -21.71
CA VAL B 133 -8.62 -32.65 -21.21
C VAL B 133 -8.30 -31.25 -21.70
N TRP B 134 -7.04 -30.86 -21.66
CA TRP B 134 -6.61 -29.62 -22.28
C TRP B 134 -7.09 -29.49 -23.69
N GLN B 135 -6.85 -30.49 -24.54
CA GLN B 135 -7.26 -30.40 -25.93
C GLN B 135 -8.75 -30.29 -26.11
N PHE B 136 -9.49 -31.02 -25.30
CA PHE B 136 -10.92 -30.94 -25.31
C PHE B 136 -11.37 -29.50 -25.08
N LEU B 137 -10.87 -28.84 -24.05
CA LEU B 137 -11.39 -27.54 -23.67
C LEU B 137 -10.87 -26.47 -24.60
N ALA B 138 -9.66 -26.69 -25.12
CA ALA B 138 -9.02 -25.70 -25.94
C ALA B 138 -9.75 -25.63 -27.25
N VAL B 139 -10.29 -26.74 -27.70
CA VAL B 139 -11.06 -26.72 -28.92
C VAL B 139 -12.43 -26.10 -28.64
N LEU B 140 -13.10 -26.54 -27.59
CA LEU B 140 -14.42 -26.04 -27.29
C LEU B 140 -14.56 -24.52 -26.96
N GLN B 141 -13.54 -23.96 -26.34
CA GLN B 141 -13.57 -22.53 -25.96
C GLN B 141 -13.68 -21.70 -27.22
N GLU B 142 -13.16 -22.23 -28.31
CA GLU B 142 -13.20 -21.46 -29.50
C GLU B 142 -14.60 -21.26 -30.07
N GLN B 143 -15.53 -22.16 -29.79
CA GLN B 143 -16.92 -21.99 -30.25
C GLN B 143 -17.85 -21.56 -29.15
N PHE B 144 -17.32 -21.30 -27.96
CA PHE B 144 -18.11 -20.73 -26.88
C PHE B 144 -17.91 -19.21 -26.77
N GLY B 145 -16.73 -18.70 -27.18
CA GLY B 145 -16.36 -17.30 -26.93
C GLY B 145 -16.03 -16.99 -25.46
N SER B 146 -15.98 -18.04 -24.66
CA SER B 146 -15.81 -17.94 -23.22
C SER B 146 -14.91 -19.03 -22.83
N MET B 147 -14.15 -18.77 -21.80
CA MET B 147 -13.27 -19.74 -21.29
C MET B 147 -14.07 -20.99 -20.90
N ALA B 148 -13.53 -22.16 -21.22
CA ALA B 148 -14.10 -23.42 -20.80
C ALA B 148 -13.22 -24.08 -19.72
N GLY B 149 -13.78 -24.14 -18.52
CA GLY B 149 -13.14 -24.83 -17.40
C GLY B 149 -13.51 -26.28 -17.26
N SER B 150 -12.88 -26.96 -16.32
CA SER B 150 -13.34 -28.27 -15.94
C SER B 150 -12.99 -28.64 -14.50
N ASN B 151 -13.74 -29.58 -13.98
CA ASN B 151 -13.49 -30.16 -12.69
C ASN B 151 -13.75 -31.63 -12.87
N VAL B 152 -13.03 -32.49 -12.18
CA VAL B 152 -13.33 -33.92 -12.25
C VAL B 152 -13.81 -34.35 -10.88
N TYR B 153 -14.88 -35.17 -10.81
CA TYR B 153 -15.48 -35.58 -9.52
C TYR B 153 -15.47 -37.09 -9.40
N LEU B 154 -14.82 -37.63 -8.37
CA LEU B 154 -14.80 -39.09 -8.12
C LEU B 154 -15.54 -39.29 -6.82
N THR B 155 -16.58 -40.12 -6.85
CA THR B 155 -17.36 -40.38 -5.63
C THR B 155 -17.38 -41.85 -5.31
N PRO B 156 -17.10 -42.22 -4.07
CA PRO B 156 -17.17 -43.64 -3.66
C PRO B 156 -18.62 -44.18 -3.51
N PRO B 157 -18.80 -45.51 -3.56
CA PRO B 157 -20.15 -46.07 -3.54
C PRO B 157 -20.89 -45.72 -2.28
N ASN B 158 -22.19 -45.46 -2.37
CA ASN B 158 -22.98 -45.11 -1.22
C ASN B 158 -22.61 -43.80 -0.56
N SER B 159 -22.48 -42.71 -1.32
CA SER B 159 -22.22 -41.40 -0.70
C SER B 159 -22.65 -40.24 -1.56
N GLN B 160 -22.70 -39.08 -0.93
CA GLN B 160 -22.87 -37.82 -1.58
C GLN B 160 -21.67 -36.93 -1.16
N GLY B 161 -20.96 -36.35 -2.13
CA GLY B 161 -19.80 -35.51 -1.87
C GLY B 161 -20.16 -34.12 -1.41
N PHE B 162 -21.23 -33.60 -1.98
CA PHE B 162 -21.51 -32.19 -1.91
C PHE B 162 -23.01 -32.00 -1.75
N ALA B 163 -23.32 -30.93 -1.05
CA ALA B 163 -24.68 -30.50 -0.76
C ALA B 163 -25.25 -29.87 -2.04
N PRO B 164 -26.59 -29.84 -2.20
CA PRO B 164 -27.24 -29.21 -3.35
C PRO B 164 -26.85 -27.75 -3.48
N HIS B 165 -26.72 -27.24 -4.71
CA HIS B 165 -26.41 -25.84 -4.92
C HIS B 165 -26.65 -25.46 -6.37
N TYR B 166 -26.61 -24.17 -6.70
CA TYR B 166 -26.37 -23.78 -8.13
C TYR B 166 -25.00 -23.15 -8.27
N ASP B 167 -24.56 -23.19 -9.51
CA ASP B 167 -23.27 -22.73 -9.96
C ASP B 167 -23.49 -21.43 -10.76
N ASP B 168 -22.43 -20.65 -10.99
CA ASP B 168 -22.53 -19.39 -11.74
C ASP B 168 -22.12 -19.57 -13.22
N ILE B 169 -22.12 -20.82 -13.68
CA ILE B 169 -21.61 -21.17 -14.98
C ILE B 169 -22.54 -22.14 -15.65
N GLU B 170 -22.45 -22.18 -16.99
CA GLU B 170 -23.17 -23.16 -17.77
C GLU B 170 -22.42 -24.43 -17.62
N ALA B 171 -23.11 -25.52 -17.30
CA ALA B 171 -22.44 -26.75 -16.87
C ALA B 171 -22.77 -27.88 -17.82
N PHE B 172 -21.75 -28.61 -18.29
CA PHE B 172 -21.94 -29.86 -19.00
C PHE B 172 -21.28 -30.99 -18.24
N VAL B 173 -22.11 -31.92 -17.74
CA VAL B 173 -21.67 -33.09 -16.98
C VAL B 173 -21.46 -34.32 -17.87
N LEU B 174 -20.20 -34.74 -18.03
CA LEU B 174 -19.79 -35.93 -18.79
C LEU B 174 -19.49 -37.14 -17.86
N GLN B 175 -20.40 -38.10 -17.79
CA GLN B 175 -20.28 -39.23 -16.92
C GLN B 175 -19.29 -40.22 -17.54
N LEU B 176 -18.19 -40.45 -16.85
CA LEU B 176 -17.07 -41.21 -17.41
C LEU B 176 -16.96 -42.64 -16.88
N GLU B 177 -17.30 -42.86 -15.60
CA GLU B 177 -17.24 -44.18 -14.99
C GLU B 177 -18.40 -44.30 -14.01
N GLY B 178 -18.88 -45.53 -13.86
CA GLY B 178 -19.93 -45.80 -12.91
C GLY B 178 -21.27 -45.19 -13.22
N ARG B 179 -21.97 -44.80 -12.15
CA ARG B 179 -23.37 -44.31 -12.15
C ARG B 179 -23.65 -43.37 -10.99
N LYS B 180 -24.47 -42.36 -11.25
CA LYS B 180 -24.84 -41.38 -10.24
C LYS B 180 -26.28 -40.94 -10.46
N LEU B 181 -27.02 -40.86 -9.37
CA LEU B 181 -28.37 -40.42 -9.40
C LEU B 181 -28.33 -38.92 -9.26
N TRP B 182 -28.80 -38.21 -10.27
CA TRP B 182 -28.78 -36.74 -10.26
C TRP B 182 -30.15 -36.22 -10.11
N ARG B 183 -30.25 -35.12 -9.37
CA ARG B 183 -31.44 -34.31 -9.33
C ARG B 183 -31.13 -32.88 -9.69
N VAL B 184 -31.88 -32.36 -10.67
CA VAL B 184 -31.75 -31.03 -11.19
C VAL B 184 -33.10 -30.34 -11.13
N TYR B 185 -33.11 -29.17 -10.50
CA TYR B 185 -34.26 -28.31 -10.29
C TYR B 185 -34.19 -27.03 -11.12
N ARG B 186 -35.32 -26.61 -11.67
CA ARG B 186 -35.50 -25.27 -12.28
C ARG B 186 -35.27 -24.19 -11.28
N PRO B 187 -34.95 -22.98 -11.77
CA PRO B 187 -34.72 -21.91 -10.85
C PRO B 187 -35.93 -21.73 -9.94
N ARG B 188 -35.65 -21.63 -8.65
CA ARG B 188 -36.66 -21.41 -7.63
C ARG B 188 -37.44 -20.10 -7.70
N VAL B 189 -36.83 -19.03 -8.20
CA VAL B 189 -37.48 -17.71 -8.19
C VAL B 189 -36.86 -16.85 -9.26
N PRO B 190 -37.61 -15.87 -9.76
CA PRO B 190 -37.07 -15.01 -10.82
C PRO B 190 -35.59 -14.66 -10.65
N THR B 191 -35.20 -14.25 -9.44
CA THR B 191 -33.83 -13.71 -9.20
C THR B 191 -32.70 -14.75 -9.27
N GLU B 192 -33.03 -16.03 -9.18
CA GLU B 192 -32.06 -17.12 -9.33
C GLU B 192 -31.99 -17.72 -10.75
N GLU B 193 -32.86 -17.25 -11.64
CA GLU B 193 -32.80 -17.66 -13.04
C GLU B 193 -31.55 -17.02 -13.59
N LEU B 194 -30.68 -17.79 -14.23
CA LEU B 194 -29.43 -17.23 -14.78
C LEU B 194 -28.74 -16.35 -13.73
N ALA B 195 -28.56 -16.93 -12.55
CA ALA B 195 -27.85 -16.28 -11.42
C ALA B 195 -26.45 -15.80 -11.77
N LEU B 196 -26.04 -14.77 -11.02
CA LEU B 196 -24.82 -14.00 -11.22
C LEU B 196 -23.61 -14.55 -10.46
N THR B 197 -23.91 -15.13 -9.30
CA THR B 197 -22.91 -15.69 -8.40
C THR B 197 -23.39 -17.03 -7.87
N SER B 198 -22.44 -17.84 -7.44
CA SER B 198 -22.68 -19.20 -6.91
C SER B 198 -23.51 -19.24 -5.62
N SER B 199 -24.32 -20.29 -5.46
CA SER B 199 -25.18 -20.37 -4.31
C SER B 199 -24.42 -20.75 -3.05
N PRO B 200 -25.02 -20.49 -1.89
CA PRO B 200 -24.50 -21.20 -0.72
C PRO B 200 -25.01 -22.67 -0.75
N ASN B 201 -24.44 -23.50 0.10
CA ASN B 201 -24.97 -24.84 0.31
C ASN B 201 -26.41 -24.75 0.83
N PHE B 202 -27.31 -25.39 0.12
CA PHE B 202 -28.68 -25.46 0.53
C PHE B 202 -28.96 -26.73 1.31
N SER B 203 -30.04 -26.71 2.10
CA SER B 203 -30.59 -27.92 2.72
C SER B 203 -31.69 -28.49 1.82
N GLN B 204 -32.11 -29.74 2.10
CA GLN B 204 -33.19 -30.39 1.32
C GLN B 204 -34.56 -29.76 1.58
N ASP B 205 -34.72 -29.06 2.71
CA ASP B 205 -35.96 -28.30 2.98
C ASP B 205 -36.13 -27.07 2.07
N ASP B 206 -35.03 -26.65 1.46
CA ASP B 206 -35.01 -25.49 0.59
C ASP B 206 -35.39 -25.84 -0.85
N LEU B 207 -35.50 -27.14 -1.17
CA LEU B 207 -35.67 -27.54 -2.59
C LEU B 207 -37.12 -27.79 -2.90
N GLY B 208 -37.45 -27.64 -4.17
CA GLY B 208 -38.76 -27.97 -4.69
C GLY B 208 -38.62 -29.34 -5.25
N GLU B 209 -39.29 -29.59 -6.38
CA GLU B 209 -39.26 -30.91 -7.03
C GLU B 209 -38.33 -30.88 -8.23
N PRO B 210 -37.47 -31.92 -8.37
CA PRO B 210 -36.59 -31.88 -9.52
C PRO B 210 -37.43 -31.76 -10.77
N VAL B 211 -36.85 -31.18 -11.82
CA VAL B 211 -37.47 -31.21 -13.14
C VAL B 211 -36.90 -32.44 -13.86
N LEU B 212 -35.88 -33.03 -13.27
CA LEU B 212 -35.16 -34.12 -13.90
C LEU B 212 -34.48 -34.89 -12.78
N GLN B 213 -34.69 -36.19 -12.79
CA GLN B 213 -34.06 -37.10 -11.87
C GLN B 213 -33.77 -38.36 -12.60
N THR B 214 -32.49 -38.70 -12.64
CA THR B 214 -32.05 -39.72 -13.54
C THR B 214 -30.74 -40.27 -13.03
N VAL B 215 -30.44 -41.48 -13.47
CA VAL B 215 -29.24 -42.14 -13.10
C VAL B 215 -28.39 -42.06 -14.33
N LEU B 216 -27.23 -41.42 -14.24
CA LEU B 216 -26.37 -41.28 -15.40
C LEU B 216 -25.51 -42.50 -15.47
N GLU B 217 -25.22 -42.96 -16.70
CA GLU B 217 -24.23 -44.00 -16.95
C GLU B 217 -23.13 -43.53 -17.93
N PRO B 218 -22.08 -44.31 -18.10
CA PRO B 218 -20.96 -43.73 -18.79
C PRO B 218 -21.29 -43.35 -20.17
N GLY B 219 -20.91 -42.17 -20.60
CA GLY B 219 -21.14 -41.79 -21.97
C GLY B 219 -22.22 -40.76 -22.05
N ASP B 220 -23.02 -40.64 -21.01
CA ASP B 220 -24.17 -39.77 -21.05
C ASP B 220 -23.73 -38.34 -20.87
N LEU B 221 -24.63 -37.43 -21.12
CA LEU B 221 -24.36 -36.02 -20.92
C LEU B 221 -25.52 -35.36 -20.28
N LEU B 222 -25.21 -34.52 -19.30
CA LEU B 222 -26.17 -33.66 -18.66
C LEU B 222 -25.68 -32.20 -18.72
N TYR B 223 -26.57 -31.30 -19.20
CA TYR B 223 -26.32 -29.88 -19.24
C TYR B 223 -27.41 -29.17 -18.48
N PHE B 224 -27.05 -28.18 -17.66
CA PHE B 224 -28.04 -27.33 -17.02
C PHE B 224 -27.47 -25.91 -16.83
N PRO B 225 -28.27 -24.87 -17.06
CA PRO B 225 -27.83 -23.50 -16.91
C PRO B 225 -27.48 -23.07 -15.51
N ARG B 226 -26.63 -22.03 -15.42
CA ARG B 226 -26.38 -21.35 -14.16
C ARG B 226 -27.70 -21.04 -13.49
N GLY B 227 -27.76 -21.18 -12.19
CA GLY B 227 -28.99 -20.95 -11.46
C GLY B 227 -29.85 -22.20 -11.18
N PHE B 228 -29.66 -23.27 -11.95
CA PHE B 228 -30.36 -24.53 -11.75
C PHE B 228 -29.68 -25.26 -10.61
N ILE B 229 -30.38 -25.47 -9.50
CA ILE B 229 -29.83 -26.26 -8.40
C ILE B 229 -29.73 -27.71 -8.83
N HIS B 230 -28.71 -28.39 -8.31
CA HIS B 230 -28.46 -29.80 -8.60
C HIS B 230 -27.66 -30.50 -7.48
N GLN B 231 -27.93 -31.77 -7.35
CA GLN B 231 -27.24 -32.55 -6.35
C GLN B 231 -27.13 -33.97 -6.85
N ALA B 232 -26.14 -34.70 -6.35
CA ALA B 232 -25.89 -36.07 -6.81
C ALA B 232 -25.32 -37.01 -5.76
N GLU B 233 -25.62 -38.29 -5.95
CA GLU B 233 -25.23 -39.34 -5.01
C GLU B 233 -25.02 -40.65 -5.76
N CYS B 234 -24.06 -41.44 -5.31
CA CYS B 234 -23.89 -42.84 -5.73
C CYS B 234 -24.75 -43.76 -4.84
N GLN B 235 -25.34 -44.79 -5.43
CA GLN B 235 -26.50 -45.41 -4.81
C GLN B 235 -26.30 -46.81 -4.31
N ASP B 236 -25.84 -47.72 -5.14
CA ASP B 236 -25.65 -49.10 -4.65
C ASP B 236 -24.45 -49.82 -5.30
N GLY B 237 -23.33 -49.77 -4.60
CA GLY B 237 -22.22 -50.66 -4.91
C GLY B 237 -21.28 -50.15 -6.00
N VAL B 238 -21.62 -49.00 -6.58
CA VAL B 238 -20.78 -48.48 -7.63
C VAL B 238 -20.40 -47.01 -7.41
N HIS B 239 -19.20 -46.68 -7.85
CA HIS B 239 -18.64 -45.33 -7.73
C HIS B 239 -18.99 -44.53 -8.95
N SER B 240 -18.63 -43.26 -8.95
CA SER B 240 -18.83 -42.43 -10.13
C SER B 240 -17.55 -41.63 -10.41
N LEU B 241 -17.27 -41.44 -11.69
CA LEU B 241 -16.34 -40.42 -12.12
C LEU B 241 -17.08 -39.60 -13.12
N HIS B 242 -17.07 -38.28 -12.99
CA HIS B 242 -17.48 -37.41 -14.12
C HIS B 242 -16.58 -36.20 -14.32
N LEU B 243 -16.72 -35.60 -15.48
CA LEU B 243 -16.02 -34.38 -15.74
C LEU B 243 -17.11 -33.37 -15.94
N THR B 244 -17.08 -32.26 -15.22
CA THR B 244 -17.95 -31.16 -15.63
C THR B 244 -17.19 -29.98 -16.31
N LEU B 245 -17.68 -29.68 -17.51
CA LEU B 245 -17.13 -28.71 -18.40
C LEU B 245 -17.94 -27.47 -18.07
N SER B 246 -17.27 -26.33 -17.92
CA SER B 246 -17.98 -25.12 -17.55
C SER B 246 -17.54 -23.93 -18.40
N THR B 247 -18.44 -22.94 -18.52
CA THR B 247 -18.22 -21.76 -19.31
C THR B 247 -19.24 -20.65 -18.98
N TYR B 248 -19.17 -19.52 -19.67
CA TYR B 248 -20.07 -18.41 -19.47
C TYR B 248 -20.14 -17.89 -18.04
N GLN B 249 -18.97 -17.66 -17.48
CA GLN B 249 -18.85 -16.88 -16.26
C GLN B 249 -18.83 -15.37 -16.52
N ARG B 250 -19.70 -14.63 -15.89
CA ARG B 250 -19.75 -13.19 -16.06
C ARG B 250 -19.61 -12.81 -17.54
N ASN B 251 -20.50 -13.29 -18.39
CA ASN B 251 -20.44 -13.02 -19.82
C ASN B 251 -21.81 -12.59 -20.31
N THR B 252 -22.35 -11.62 -19.59
CA THR B 252 -23.72 -11.21 -19.84
C THR B 252 -23.80 -9.84 -20.42
N TRP B 253 -24.97 -9.49 -20.96
CA TRP B 253 -25.23 -8.14 -21.47
C TRP B 253 -24.98 -7.12 -20.36
N GLY B 254 -25.32 -7.46 -19.13
CA GLY B 254 -25.06 -6.56 -18.03
C GLY B 254 -23.57 -6.32 -17.86
N ASP B 255 -22.75 -7.35 -18.08
CA ASP B 255 -21.29 -7.21 -17.92
C ASP B 255 -20.72 -6.28 -19.00
N PHE B 256 -21.24 -6.38 -20.21
CA PHE B 256 -20.87 -5.50 -21.29
C PHE B 256 -21.25 -4.07 -20.96
N LEU B 257 -22.45 -3.87 -20.42
CA LEU B 257 -22.91 -2.53 -20.05
C LEU B 257 -22.06 -1.90 -18.97
N GLU B 258 -21.72 -2.68 -17.95
CA GLU B 258 -20.86 -2.19 -16.87
C GLU B 258 -19.61 -1.50 -17.37
N ALA B 259 -19.02 -2.00 -18.42
CA ALA B 259 -17.81 -1.41 -18.95
C ALA B 259 -18.10 -0.20 -19.82
N ILE B 260 -19.23 -0.23 -20.52
CA ILE B 260 -19.60 0.76 -21.54
C ILE B 260 -19.97 2.04 -20.82
N LEU B 261 -20.75 1.89 -19.76
CA LEU B 261 -21.40 3.05 -19.19
C LEU B 261 -20.46 4.18 -18.86
N PRO B 262 -19.47 3.95 -17.98
CA PRO B 262 -18.54 5.02 -17.60
C PRO B 262 -17.78 5.63 -18.80
N LEU B 263 -17.38 4.84 -19.77
CA LEU B 263 -16.84 5.46 -20.93
C LEU B 263 -17.90 6.38 -21.56
N ALA B 264 -19.15 5.91 -21.68
CA ALA B 264 -20.20 6.64 -22.41
C ALA B 264 -20.49 8.02 -21.80
N VAL B 265 -20.77 8.02 -20.52
CA VAL B 265 -20.89 9.24 -19.73
C VAL B 265 -19.70 10.18 -19.83
N GLN B 266 -18.49 9.63 -19.95
CA GLN B 266 -17.34 10.46 -20.08
C GLN B 266 -17.29 11.10 -21.45
N ALA B 267 -17.59 10.35 -22.50
CA ALA B 267 -17.61 10.88 -23.84
C ALA B 267 -18.74 11.91 -24.01
N ALA B 268 -19.92 11.65 -23.41
CA ALA B 268 -21.04 12.56 -23.52
C ALA B 268 -20.68 13.89 -22.87
N MET B 269 -20.01 13.86 -21.72
CA MET B 269 -19.59 15.10 -21.05
C MET B 269 -18.57 15.88 -21.91
N GLU B 270 -17.59 15.19 -22.49
CA GLU B 270 -16.61 15.85 -23.33
C GLU B 270 -17.19 16.34 -24.65
N GLU B 271 -18.32 15.79 -25.07
CA GLU B 271 -18.77 16.09 -26.42
C GLU B 271 -20.04 16.91 -26.45
N ASN B 272 -20.76 16.96 -25.34
CA ASN B 272 -22.04 17.64 -25.36
C ASN B 272 -22.33 18.41 -24.08
N VAL B 273 -22.72 19.66 -24.27
CA VAL B 273 -22.89 20.57 -23.15
C VAL B 273 -24.13 20.36 -22.25
N GLU B 274 -25.16 19.68 -22.74
CA GLU B 274 -26.25 19.35 -21.83
C GLU B 274 -25.74 18.61 -20.56
N PHE B 275 -24.73 17.76 -20.77
CA PHE B 275 -24.09 16.98 -19.71
C PHE B 275 -23.17 17.79 -18.82
N ARG B 276 -22.54 18.79 -19.45
CA ARG B 276 -21.73 19.78 -18.74
C ARG B 276 -22.54 20.83 -17.95
N ARG B 277 -23.87 20.88 -18.09
CA ARG B 277 -24.69 21.93 -17.43
C ARG B 277 -24.76 21.72 -15.95
N GLY B 278 -25.00 22.79 -15.22
CA GLY B 278 -24.97 22.72 -13.76
C GLY B 278 -26.27 22.19 -13.21
N LEU B 279 -26.20 21.42 -12.15
CA LEU B 279 -27.42 20.92 -11.50
C LEU B 279 -28.23 22.08 -10.93
N PRO B 280 -29.54 21.89 -10.75
CA PRO B 280 -30.27 22.96 -10.06
C PRO B 280 -29.68 23.28 -8.69
N ARG B 281 -29.67 24.55 -8.33
CA ARG B 281 -29.18 24.98 -7.01
C ARG B 281 -29.95 24.45 -5.81
N ASP B 282 -31.14 23.93 -6.02
CA ASP B 282 -32.01 23.50 -4.92
C ASP B 282 -32.61 22.11 -5.11
N PHE B 283 -32.05 21.30 -6.01
CA PHE B 283 -32.53 19.95 -6.18
C PHE B 283 -32.57 19.21 -4.83
N MET B 284 -31.76 19.64 -3.85
CA MET B 284 -31.72 18.95 -2.55
C MET B 284 -33.00 19.13 -1.77
N ASP B 285 -33.78 20.14 -2.18
CA ASP B 285 -35.05 20.45 -1.51
C ASP B 285 -36.15 19.45 -1.77
N TYR B 286 -36.13 18.83 -2.96
CA TYR B 286 -37.15 17.85 -3.38
C TYR B 286 -36.66 16.46 -3.74
N MET B 287 -35.33 16.25 -3.77
CA MET B 287 -34.74 14.93 -4.11
C MET B 287 -34.05 14.36 -2.92
N GLY B 288 -34.23 13.06 -2.69
CA GLY B 288 -33.65 12.37 -1.53
C GLY B 288 -34.64 11.43 -0.88
N ALA B 289 -34.14 10.44 -0.15
CA ALA B 289 -35.02 9.47 0.50
C ALA B 289 -36.19 10.17 1.22
N GLN B 290 -35.90 11.27 1.92
CA GLN B 290 -36.93 12.07 2.66
C GLN B 290 -38.13 12.53 1.80
N HIS B 291 -37.90 12.83 0.52
CA HIS B 291 -38.94 13.31 -0.40
C HIS B 291 -39.52 12.23 -1.36
N SER B 292 -39.50 10.95 -0.99
CA SER B 292 -40.02 9.87 -1.86
C SER B 292 -41.41 10.24 -2.39
N ASP B 293 -42.26 10.71 -1.46
CA ASP B 293 -43.67 11.03 -1.74
C ASP B 293 -43.86 12.53 -1.75
N SER B 294 -43.07 13.24 -2.54
CA SER B 294 -43.24 14.67 -2.67
C SER B 294 -44.03 14.95 -3.91
N LYS B 295 -45.12 15.67 -3.75
CA LYS B 295 -45.94 16.12 -4.87
C LYS B 295 -45.20 17.12 -5.76
N ASP B 296 -44.18 17.79 -5.20
CA ASP B 296 -43.50 18.91 -5.91
C ASP B 296 -43.31 18.57 -7.40
N PRO B 297 -43.74 19.46 -8.31
CA PRO B 297 -43.52 19.41 -9.78
C PRO B 297 -42.07 19.48 -10.26
N ARG B 298 -41.11 19.69 -9.37
CA ARG B 298 -39.73 19.77 -9.84
C ARG B 298 -39.01 18.43 -9.64
N ARG B 299 -39.56 17.57 -8.79
CA ARG B 299 -39.08 16.20 -8.64
C ARG B 299 -39.34 15.48 -9.98
N THR B 300 -40.59 15.46 -10.43
CA THR B 300 -40.93 14.62 -11.59
C THR B 300 -40.22 15.14 -12.87
N ALA B 301 -39.95 16.43 -12.91
CA ALA B 301 -39.20 17.02 -14.01
C ALA B 301 -37.69 16.74 -13.95
N PHE B 302 -37.17 16.52 -12.75
CA PHE B 302 -35.79 16.16 -12.59
C PHE B 302 -35.62 14.69 -13.04
N MET B 303 -36.46 13.81 -12.48
CA MET B 303 -36.51 12.39 -12.84
C MET B 303 -36.64 12.09 -14.32
N GLU B 304 -37.33 13.01 -14.95
CA GLU B 304 -37.67 12.89 -16.33
C GLU B 304 -36.42 13.20 -17.10
N LYS B 305 -35.77 14.28 -16.75
CA LYS B 305 -34.44 14.57 -17.33
C LYS B 305 -33.34 13.48 -17.18
N VAL B 306 -33.24 12.85 -16.00
CA VAL B 306 -32.35 11.72 -15.83
C VAL B 306 -32.70 10.70 -16.90
N ARG B 307 -33.99 10.35 -17.00
CA ARG B 307 -34.39 9.25 -17.87
C ARG B 307 -34.01 9.60 -19.29
N VAL B 308 -34.11 10.86 -19.68
CA VAL B 308 -33.73 11.20 -21.06
C VAL B 308 -32.25 11.33 -21.31
N LEU B 309 -31.48 11.83 -20.37
CA LEU B 309 -30.01 11.89 -20.53
C LEU B 309 -29.37 10.49 -20.58
N VAL B 310 -29.77 9.63 -19.65
CA VAL B 310 -29.33 8.24 -19.68
C VAL B 310 -29.65 7.64 -21.03
N ALA B 311 -30.86 7.86 -21.54
CA ALA B 311 -31.19 7.29 -22.83
C ALA B 311 -30.22 7.79 -23.88
N ARG B 312 -29.84 9.04 -23.77
CA ARG B 312 -28.97 9.62 -24.79
C ARG B 312 -27.51 9.12 -24.77
N LEU B 313 -27.10 8.42 -23.71
CA LEU B 313 -25.79 7.84 -23.62
C LEU B 313 -25.49 6.79 -24.66
N GLY B 314 -26.50 6.01 -25.04
CA GLY B 314 -26.39 5.11 -26.17
C GLY B 314 -25.71 5.69 -27.39
N HIS B 315 -25.99 6.92 -27.75
CA HIS B 315 -25.31 7.52 -28.90
C HIS B 315 -23.79 7.66 -28.64
N PHE B 316 -23.38 7.59 -27.37
CA PHE B 316 -21.98 7.85 -27.00
C PHE B 316 -21.13 6.62 -26.60
N ALA B 317 -21.77 5.45 -26.60
CA ALA B 317 -21.21 4.21 -26.09
C ALA B 317 -20.17 3.68 -27.06
N PRO B 318 -18.95 3.46 -26.60
CA PRO B 318 -17.98 2.89 -27.52
C PRO B 318 -18.07 1.34 -27.56
N VAL B 319 -18.98 0.81 -28.36
CA VAL B 319 -19.30 -0.58 -28.29
C VAL B 319 -18.18 -1.42 -28.83
N ASP B 320 -17.59 -0.96 -29.91
CA ASP B 320 -16.49 -1.66 -30.55
C ASP B 320 -15.26 -1.78 -29.68
N ALA B 321 -14.90 -0.73 -29.00
CA ALA B 321 -13.69 -0.77 -28.17
C ALA B 321 -13.93 -1.68 -26.98
N VAL B 322 -15.19 -1.77 -26.53
CA VAL B 322 -15.49 -2.65 -25.42
C VAL B 322 -15.49 -4.10 -25.90
N ALA B 323 -15.96 -4.34 -27.11
CA ALA B 323 -15.88 -5.67 -27.64
C ALA B 323 -14.41 -6.08 -27.67
N ASP B 324 -13.51 -5.19 -28.10
CA ASP B 324 -12.09 -5.54 -28.14
C ASP B 324 -11.51 -5.78 -26.74
N GLN B 325 -11.96 -5.03 -25.75
CA GLN B 325 -11.49 -5.29 -24.42
C GLN B 325 -11.97 -6.61 -23.88
N ARG B 326 -13.15 -7.05 -24.25
CA ARG B 326 -13.59 -8.38 -23.81
C ARG B 326 -12.87 -9.49 -24.58
N ALA B 327 -12.57 -9.20 -25.84
CA ALA B 327 -11.80 -10.12 -26.65
C ALA B 327 -10.40 -10.26 -26.07
N LYS B 328 -9.78 -9.16 -25.69
CA LYS B 328 -8.49 -9.26 -25.07
C LYS B 328 -8.53 -10.07 -23.77
N ASP B 329 -9.56 -9.93 -22.95
CA ASP B 329 -9.65 -10.74 -21.71
C ASP B 329 -9.88 -12.19 -22.01
N PHE B 330 -10.56 -12.47 -23.12
CA PHE B 330 -10.72 -13.83 -23.55
C PHE B 330 -9.40 -14.45 -24.00
N ILE B 331 -8.61 -13.70 -24.77
CA ILE B 331 -7.27 -14.14 -25.15
C ILE B 331 -6.42 -14.47 -23.90
N HIS B 332 -6.46 -13.61 -22.92
CA HIS B 332 -5.79 -13.84 -21.65
C HIS B 332 -6.33 -15.10 -20.93
N ASP B 333 -7.66 -15.28 -20.85
CA ASP B 333 -8.31 -16.46 -20.21
C ASP B 333 -8.12 -17.82 -20.90
N SER B 334 -7.74 -17.81 -22.16
CA SER B 334 -7.77 -18.97 -23.01
C SER B 334 -6.65 -19.93 -22.77
N LEU B 335 -6.92 -21.20 -23.00
CA LEU B 335 -5.91 -22.25 -22.99
C LEU B 335 -5.04 -22.07 -24.22
N PRO B 336 -3.76 -22.42 -24.12
CA PRO B 336 -2.91 -22.28 -25.32
C PRO B 336 -3.44 -23.29 -26.32
N PRO B 337 -3.15 -23.14 -27.63
CA PRO B 337 -3.85 -23.95 -28.60
C PRO B 337 -3.28 -25.35 -28.77
N VAL B 338 -4.08 -26.26 -29.31
CA VAL B 338 -3.61 -27.58 -29.64
C VAL B 338 -3.50 -27.72 -31.14
N LEU B 339 -2.27 -27.93 -31.61
CA LEU B 339 -1.97 -27.93 -33.04
C LEU B 339 -2.21 -29.28 -33.66
N THR B 340 -2.69 -29.29 -34.88
CA THR B 340 -2.79 -30.48 -35.65
C THR B 340 -1.38 -30.87 -36.05
N ASP B 341 -1.17 -32.08 -36.54
CA ASP B 341 0.15 -32.45 -37.09
C ASP B 341 0.60 -31.55 -38.22
N ARG B 342 -0.34 -31.16 -39.07
CA ARG B 342 -0.04 -30.28 -40.20
C ARG B 342 0.35 -28.88 -39.70
N GLU B 343 -0.36 -28.39 -38.70
CA GLU B 343 -0.18 -27.01 -38.26
C GLU B 343 1.20 -26.90 -37.66
N ARG B 344 1.56 -27.90 -36.89
CA ARG B 344 2.92 -28.00 -36.35
C ARG B 344 3.97 -28.09 -37.44
N ALA B 345 3.77 -28.94 -38.42
CA ALA B 345 4.80 -29.15 -39.45
C ALA B 345 4.99 -27.88 -40.27
N LEU B 346 3.90 -27.16 -40.54
CA LEU B 346 3.94 -25.96 -41.34
C LEU B 346 4.24 -24.69 -40.56
N SER B 347 4.69 -24.83 -39.32
CA SER B 347 4.94 -23.66 -38.49
C SER B 347 6.32 -23.67 -37.91
N VAL B 348 6.62 -22.64 -37.14
CA VAL B 348 7.90 -22.52 -36.45
C VAL B 348 8.20 -23.65 -35.45
N TYR B 349 7.17 -24.21 -34.82
CA TYR B 349 7.36 -25.32 -33.89
C TYR B 349 7.88 -26.52 -34.68
N GLY B 350 7.56 -26.62 -35.97
CA GLY B 350 7.98 -27.77 -36.75
C GLY B 350 9.33 -27.63 -37.46
N LEU B 351 10.00 -26.52 -37.28
CA LEU B 351 11.27 -26.36 -37.96
C LEU B 351 12.25 -27.45 -37.58
N PRO B 352 12.97 -28.02 -38.55
CA PRO B 352 13.89 -29.14 -38.26
C PRO B 352 15.17 -28.75 -37.47
N ILE B 353 15.41 -27.47 -37.30
CA ILE B 353 16.62 -27.02 -36.62
C ILE B 353 16.84 -27.56 -35.20
N ARG B 354 17.99 -28.21 -35.03
CA ARG B 354 18.42 -28.84 -33.82
C ARG B 354 19.93 -28.77 -33.67
N TRP B 355 20.40 -29.16 -32.49
CA TRP B 355 21.82 -29.34 -32.23
C TRP B 355 22.16 -30.77 -32.58
N GLU B 356 23.18 -30.96 -33.43
CA GLU B 356 23.60 -32.30 -33.89
C GLU B 356 25.12 -32.32 -33.87
N ALA B 357 25.71 -33.22 -33.08
CA ALA B 357 27.17 -33.46 -33.03
C ALA B 357 28.02 -32.18 -32.91
N GLY B 358 27.75 -31.40 -31.87
CA GLY B 358 28.56 -30.22 -31.55
C GLY B 358 28.20 -28.93 -32.28
N GLU B 359 27.04 -28.90 -32.93
CA GLU B 359 26.59 -27.68 -33.63
C GLU B 359 25.13 -27.77 -34.08
N PRO B 360 24.53 -26.64 -34.39
CA PRO B 360 23.19 -26.59 -35.03
C PRO B 360 23.19 -26.99 -36.52
N VAL B 361 22.13 -27.69 -36.93
CA VAL B 361 21.99 -28.20 -38.29
C VAL B 361 20.57 -27.91 -38.74
N ASN B 362 20.32 -28.06 -40.04
CA ASN B 362 19.04 -27.73 -40.70
C ASN B 362 18.62 -26.32 -40.40
N VAL B 363 19.59 -25.42 -40.33
CA VAL B 363 19.29 -24.02 -40.13
C VAL B 363 18.48 -23.59 -41.36
N GLY B 364 17.25 -23.17 -41.11
CA GLY B 364 16.25 -22.99 -42.16
C GLY B 364 16.21 -21.68 -42.92
N ALA B 365 15.41 -21.72 -43.96
CA ALA B 365 15.28 -20.63 -44.91
C ALA B 365 14.44 -19.52 -44.28
N GLN B 366 14.62 -18.31 -44.78
CA GLN B 366 13.84 -17.19 -44.34
C GLN B 366 12.56 -17.33 -45.15
N LEU B 367 11.53 -16.58 -44.80
CA LEU B 367 10.39 -16.57 -45.68
C LEU B 367 10.62 -15.53 -46.71
N THR B 368 9.95 -15.66 -47.83
CA THR B 368 10.15 -14.73 -48.89
C THR B 368 8.80 -14.16 -49.27
N THR B 369 8.75 -13.38 -50.32
CA THR B 369 7.51 -12.83 -50.79
C THR B 369 6.71 -13.85 -51.54
N GLU B 370 7.32 -15.01 -51.82
CA GLU B 370 6.59 -16.10 -52.50
C GLU B 370 5.94 -17.05 -51.54
N THR B 371 6.46 -17.06 -50.29
CA THR B 371 5.90 -17.86 -49.22
C THR B 371 4.42 -17.53 -49.04
N GLU B 372 3.62 -18.56 -48.89
CA GLU B 372 2.18 -18.47 -48.74
C GLU B 372 1.81 -18.78 -47.31
N VAL B 373 0.97 -17.93 -46.74
CA VAL B 373 0.80 -17.93 -45.32
C VAL B 373 -0.66 -17.83 -44.90
N HIS B 374 -1.01 -18.38 -43.75
CA HIS B 374 -2.20 -17.91 -43.05
C HIS B 374 -2.04 -18.04 -41.56
N MET B 375 -2.93 -17.43 -40.80
CA MET B 375 -2.81 -17.47 -39.36
C MET B 375 -2.81 -18.92 -38.93
N LEU B 376 -2.11 -19.20 -37.83
CA LEU B 376 -1.83 -20.56 -37.39
C LEU B 376 -3.11 -21.24 -37.03
N GLN B 377 -4.01 -20.47 -36.43
CA GLN B 377 -5.35 -20.93 -36.11
C GLN B 377 -6.15 -19.68 -36.04
N ASP B 378 -7.42 -19.85 -35.85
CA ASP B 378 -8.39 -18.75 -35.87
C ASP B 378 -8.82 -18.17 -34.55
N GLY B 379 -8.41 -18.75 -33.42
CA GLY B 379 -8.77 -18.29 -32.07
C GLY B 379 -7.55 -18.02 -31.19
N ILE B 380 -6.41 -17.80 -31.85
CA ILE B 380 -5.21 -17.49 -31.15
C ILE B 380 -4.83 -16.01 -31.02
N ALA B 381 -5.44 -15.10 -31.77
CA ALA B 381 -5.04 -13.72 -31.72
C ALA B 381 -6.13 -12.76 -32.02
N ARG B 382 -6.01 -11.56 -31.44
CA ARG B 382 -6.98 -10.46 -31.64
C ARG B 382 -6.28 -9.13 -31.65
N LEU B 383 -6.60 -8.27 -32.61
CA LEU B 383 -6.00 -6.95 -32.73
C LEU B 383 -6.81 -5.96 -31.89
N VAL B 384 -6.17 -5.23 -30.98
CA VAL B 384 -6.83 -4.29 -30.09
C VAL B 384 -6.14 -2.92 -30.10
N GLY B 385 -6.94 -1.86 -30.14
CA GLY B 385 -6.44 -0.50 -30.10
C GLY B 385 -6.49 0.05 -28.69
N GLU B 386 -5.41 0.69 -28.27
CA GLU B 386 -5.34 1.24 -26.91
C GLU B 386 -4.43 2.44 -27.00
N GLY B 387 -4.96 3.60 -26.55
CA GLY B 387 -4.17 4.82 -26.39
C GLY B 387 -3.41 5.25 -27.63
N GLY B 388 -4.05 5.12 -28.79
CA GLY B 388 -3.46 5.53 -30.06
C GLY B 388 -2.73 4.42 -30.79
N HIS B 389 -2.24 3.43 -30.05
CA HIS B 389 -1.48 2.35 -30.62
C HIS B 389 -2.34 1.10 -30.84
N LEU B 390 -1.78 0.13 -31.54
CA LEU B 390 -2.46 -1.08 -31.99
C LEU B 390 -1.60 -2.27 -31.62
N PHE B 391 -2.23 -3.25 -30.97
CA PHE B 391 -1.49 -4.36 -30.40
C PHE B 391 -2.16 -5.64 -30.78
N LEU B 392 -1.36 -6.66 -31.07
CA LEU B 392 -1.90 -7.99 -31.31
C LEU B 392 -1.69 -8.85 -30.08
N TYR B 393 -2.79 -9.20 -29.39
CA TYR B 393 -2.73 -10.10 -28.24
C TYR B 393 -2.92 -11.52 -28.69
N TYR B 394 -2.16 -12.46 -28.14
CA TYR B 394 -2.18 -13.85 -28.60
C TYR B 394 -2.21 -14.89 -27.45
N THR B 395 -2.58 -16.13 -27.74
CA THR B 395 -2.74 -17.18 -26.75
C THR B 395 -1.65 -18.24 -26.77
N VAL B 396 -0.75 -18.17 -27.72
CA VAL B 396 0.17 -19.28 -27.97
C VAL B 396 1.21 -19.48 -26.87
N GLU B 397 1.33 -18.54 -25.97
CA GLU B 397 2.32 -18.63 -24.91
C GLU B 397 1.60 -18.70 -23.59
N ASN B 398 0.28 -18.87 -23.57
CA ASN B 398 -0.46 -19.04 -22.32
C ASN B 398 -0.17 -20.37 -21.73
N SER B 399 -0.35 -20.42 -20.45
CA SER B 399 -0.21 -21.66 -19.73
C SER B 399 -1.53 -22.42 -19.59
N ARG B 400 -1.39 -23.70 -19.34
CA ARG B 400 -2.56 -24.57 -19.10
C ARG B 400 -3.05 -24.40 -17.68
N VAL B 401 -2.33 -23.61 -16.89
CA VAL B 401 -2.87 -22.99 -15.67
C VAL B 401 -3.44 -21.55 -15.86
N TYR B 402 -4.67 -21.36 -15.39
CA TYR B 402 -5.42 -20.08 -15.54
C TYR B 402 -4.70 -18.84 -14.97
N HIS B 403 -4.26 -17.96 -15.89
CA HIS B 403 -3.64 -16.69 -15.62
C HIS B 403 -2.25 -16.84 -14.98
N LEU B 404 -1.67 -18.04 -15.02
CA LEU B 404 -0.24 -18.22 -14.64
C LEU B 404 0.70 -17.31 -15.48
N GLU B 405 0.29 -17.00 -16.73
CA GLU B 405 0.91 -15.99 -17.61
C GLU B 405 0.05 -14.69 -17.62
N GLU B 406 0.72 -13.54 -17.78
CA GLU B 406 0.10 -12.20 -17.86
C GLU B 406 -0.18 -12.00 -19.35
N PRO B 407 -1.02 -11.01 -19.74
CA PRO B 407 -1.50 -10.98 -21.14
C PRO B 407 -0.39 -10.58 -22.12
N LYS B 408 -0.37 -11.23 -23.24
CA LYS B 408 0.79 -11.20 -24.06
C LYS B 408 0.44 -10.60 -25.39
N CYS B 409 1.34 -9.75 -25.90
CA CYS B 409 1.13 -9.07 -27.14
C CYS B 409 2.37 -8.49 -27.81
N LEU B 410 2.20 -8.07 -29.05
CA LEU B 410 3.23 -7.39 -29.81
C LEU B 410 2.61 -6.27 -30.55
N GLU B 411 3.37 -5.21 -30.66
CA GLU B 411 2.90 -3.99 -31.26
C GLU B 411 2.80 -4.20 -32.76
N ILE B 412 1.67 -3.71 -33.31
CA ILE B 412 1.43 -3.61 -34.73
C ILE B 412 1.40 -2.15 -35.19
N TYR B 413 2.40 -1.74 -35.98
CA TYR B 413 2.51 -0.36 -36.42
C TYR B 413 1.41 -0.05 -37.45
N PRO B 414 1.03 1.22 -37.64
CA PRO B 414 -0.09 1.59 -38.53
C PRO B 414 0.08 1.18 -39.97
N GLN B 415 1.29 1.30 -40.48
CA GLN B 415 1.67 0.77 -41.79
C GLN B 415 1.30 -0.69 -41.97
N GLN B 416 1.45 -1.48 -40.92
CA GLN B 416 1.21 -2.94 -40.95
C GLN B 416 -0.26 -3.33 -40.61
N ALA B 417 -1.12 -2.40 -40.22
CA ALA B 417 -2.49 -2.72 -39.71
C ALA B 417 -3.45 -3.40 -40.69
N ASP B 418 -3.41 -2.93 -41.90
CA ASP B 418 -4.24 -3.44 -42.96
C ASP B 418 -3.87 -4.88 -43.33
N ALA B 419 -2.58 -5.14 -43.38
CA ALA B 419 -2.14 -6.50 -43.60
C ALA B 419 -2.53 -7.39 -42.43
N MET B 420 -2.53 -6.85 -41.22
CA MET B 420 -2.81 -7.68 -40.06
C MET B 420 -4.27 -8.02 -40.11
N GLU B 421 -5.07 -7.03 -40.45
CA GLU B 421 -6.54 -7.17 -40.50
C GLU B 421 -6.93 -8.17 -41.54
N LEU B 422 -6.31 -8.08 -42.70
CA LEU B 422 -6.50 -9.05 -43.74
C LEU B 422 -6.17 -10.48 -43.27
N LEU B 423 -4.96 -10.72 -42.73
CA LEU B 423 -4.61 -12.05 -42.28
C LEU B 423 -5.63 -12.56 -41.28
N LEU B 424 -6.01 -11.78 -40.28
CA LEU B 424 -7.00 -12.31 -39.29
C LEU B 424 -8.29 -12.69 -39.98
N GLY B 425 -8.73 -11.91 -40.95
CA GLY B 425 -10.04 -12.07 -41.54
C GLY B 425 -10.12 -13.08 -42.67
N SER B 426 -9.02 -13.50 -43.27
CA SER B 426 -9.09 -14.51 -44.32
C SER B 426 -8.67 -15.93 -43.90
N TYR B 427 -8.42 -16.18 -42.64
CA TYR B 427 -8.19 -17.56 -42.24
C TYR B 427 -9.33 -18.39 -42.78
N PRO B 428 -9.01 -19.55 -43.39
CA PRO B 428 -7.71 -20.21 -43.66
C PRO B 428 -7.23 -20.17 -45.11
N GLU B 429 -7.42 -19.05 -45.79
CA GLU B 429 -6.97 -18.95 -47.14
C GLU B 429 -5.56 -18.49 -47.06
N PHE B 430 -4.73 -19.06 -47.90
CA PHE B 430 -3.36 -18.63 -47.99
C PHE B 430 -3.21 -17.30 -48.69
N VAL B 431 -2.16 -16.57 -48.36
CA VAL B 431 -1.85 -15.33 -49.00
C VAL B 431 -0.37 -15.26 -49.22
N ARG B 432 0.07 -14.85 -50.41
CA ARG B 432 1.48 -14.68 -50.64
C ARG B 432 1.89 -13.49 -49.83
N VAL B 433 3.07 -13.60 -49.24
CA VAL B 433 3.61 -12.52 -48.48
C VAL B 433 3.65 -11.27 -49.35
N GLY B 434 3.95 -11.44 -50.64
CA GLY B 434 4.02 -10.37 -51.60
C GLY B 434 2.70 -9.72 -51.95
N ASP B 435 1.60 -10.39 -51.67
CA ASP B 435 0.27 -9.83 -51.85
C ASP B 435 -0.30 -9.13 -50.64
N LEU B 436 0.47 -8.89 -49.59
CA LEU B 436 -0.05 -8.27 -48.40
C LEU B 436 -0.18 -6.77 -48.60
N PRO B 437 -1.27 -6.16 -48.12
CA PRO B 437 -1.48 -4.69 -48.11
C PRO B 437 -0.31 -4.19 -47.30
N CYS B 438 0.60 -3.46 -47.90
CA CYS B 438 1.74 -2.91 -47.16
C CYS B 438 2.32 -1.94 -48.16
N ASP B 439 2.97 -0.93 -47.66
CA ASP B 439 3.54 0.16 -48.45
C ASP B 439 4.92 -0.22 -49.07
N SER B 440 5.54 -1.27 -48.57
CA SER B 440 6.78 -1.71 -49.12
C SER B 440 6.90 -3.21 -49.07
N VAL B 441 7.80 -3.76 -49.85
CA VAL B 441 8.12 -5.13 -49.78
C VAL B 441 8.67 -5.45 -48.39
N GLU B 442 9.60 -4.64 -47.87
CA GLU B 442 10.11 -4.81 -46.52
C GLU B 442 9.02 -4.97 -45.47
N ASP B 443 8.05 -4.07 -45.55
CA ASP B 443 6.96 -4.08 -44.63
C ASP B 443 6.25 -5.45 -44.73
N GLN B 444 6.18 -5.99 -45.93
CA GLN B 444 5.56 -7.28 -46.15
C GLN B 444 6.32 -8.35 -45.45
N LEU B 445 7.61 -8.46 -45.75
CA LEU B 445 8.49 -9.41 -45.07
C LEU B 445 8.51 -9.28 -43.55
N SER B 446 8.66 -8.06 -43.09
CA SER B 446 8.76 -7.75 -41.68
C SER B 446 7.63 -8.34 -40.85
N LEU B 447 6.39 -8.14 -41.28
CA LEU B 447 5.22 -8.53 -40.51
C LEU B 447 5.12 -10.03 -40.50
N ALA B 448 5.24 -10.63 -41.69
CA ALA B 448 5.20 -12.06 -41.82
C ALA B 448 6.31 -12.72 -41.02
N THR B 449 7.54 -12.21 -41.08
CA THR B 449 8.58 -12.85 -40.33
C THR B 449 8.26 -12.81 -38.83
N THR B 450 7.91 -11.62 -38.35
CA THR B 450 7.55 -11.37 -36.98
C THR B 450 6.44 -12.27 -36.41
N LEU B 451 5.35 -12.42 -37.17
CA LEU B 451 4.29 -13.29 -36.79
C LEU B 451 4.70 -14.78 -36.89
N TYR B 452 5.45 -15.18 -37.91
CA TYR B 452 5.94 -16.56 -38.01
C TYR B 452 6.76 -16.94 -36.80
N ASP B 453 7.72 -16.11 -36.40
CA ASP B 453 8.63 -16.42 -35.29
C ASP B 453 7.94 -16.61 -33.92
N LYS B 454 6.83 -15.92 -33.71
CA LYS B 454 6.08 -15.98 -32.49
C LYS B 454 5.15 -17.19 -32.46
N GLY B 455 5.13 -17.94 -33.55
CA GLY B 455 4.22 -19.03 -33.71
C GLY B 455 2.80 -18.61 -34.00
N LEU B 456 2.59 -17.55 -34.76
CA LEU B 456 1.22 -17.08 -35.05
C LEU B 456 0.82 -17.36 -36.49
N LEU B 457 1.73 -17.96 -37.25
CA LEU B 457 1.59 -18.04 -38.69
C LEU B 457 2.09 -19.40 -39.19
N LEU B 458 1.40 -19.99 -40.15
CA LEU B 458 1.94 -21.18 -40.87
C LEU B 458 2.14 -20.94 -42.35
N THR B 459 3.08 -21.62 -42.96
CA THR B 459 3.39 -21.48 -44.39
C THR B 459 2.77 -22.63 -45.16
N LYS B 460 2.44 -22.46 -46.43
CA LYS B 460 1.80 -23.57 -47.17
C LYS B 460 2.72 -24.75 -47.24
N MET B 461 4.01 -24.49 -47.35
CA MET B 461 5.00 -25.53 -47.37
C MET B 461 6.08 -25.28 -46.32
N PRO B 462 6.61 -26.34 -45.76
CA PRO B 462 7.64 -26.10 -44.78
C PRO B 462 8.73 -25.21 -45.33
N LEU B 463 9.19 -24.25 -44.54
CA LEU B 463 10.41 -23.54 -44.86
C LEU B 463 11.56 -24.56 -45.00
N ALA B 464 11.51 -25.65 -44.22
CA ALA B 464 12.46 -26.79 -44.40
C ALA B 464 11.96 -28.17 -43.88
N TRP C 6 -1.90 41.58 39.75
CA TRP C 6 -1.08 41.71 38.51
C TRP C 6 0.42 41.33 38.66
N ASP C 7 0.77 40.57 39.72
CA ASP C 7 2.15 40.10 39.90
C ASP C 7 2.27 38.81 40.74
N SER C 8 3.34 38.08 40.41
CA SER C 8 3.64 36.75 40.96
C SER C 8 5.16 36.45 40.87
N PRO C 9 5.59 35.51 41.68
CA PRO C 9 6.93 35.01 41.37
C PRO C 9 7.05 34.66 39.87
N LEU C 10 5.98 34.13 39.25
CA LEU C 10 6.06 33.70 37.83
C LEU C 10 6.24 34.84 36.85
N ARG C 11 5.46 35.93 36.98
CA ARG C 11 5.57 37.05 36.01
C ARG C 11 6.89 37.77 36.18
N ARG C 12 7.37 37.82 37.42
CA ARG C 12 8.69 38.40 37.66
C ARG C 12 9.76 37.56 36.96
N VAL C 13 9.78 36.25 37.19
CA VAL C 13 10.79 35.43 36.49
C VAL C 13 10.69 35.49 34.94
N LEU C 14 9.49 35.74 34.41
CA LEU C 14 9.37 35.91 32.96
C LEU C 14 9.92 37.25 32.56
N ALA C 15 9.54 38.27 33.35
CA ALA C 15 10.04 39.64 33.18
C ALA C 15 11.57 39.67 33.34
N GLU C 16 12.06 38.97 34.37
CA GLU C 16 13.50 38.72 34.52
C GLU C 16 14.03 38.06 33.25
N LEU C 17 13.37 36.99 32.81
CA LEU C 17 13.86 36.26 31.64
C LEU C 17 14.01 37.16 30.41
N ASN C 18 13.13 38.16 30.29
CA ASN C 18 13.05 38.94 29.06
C ASN C 18 14.23 39.89 28.90
N ARG C 19 15.02 40.03 29.98
CA ARG C 19 16.23 40.91 30.03
C ARG C 19 17.53 40.14 29.94
N ILE C 20 17.50 38.82 30.19
CA ILE C 20 18.67 37.96 30.02
C ILE C 20 18.92 37.74 28.50
N PRO C 21 20.08 38.17 28.02
CA PRO C 21 20.37 38.19 26.58
C PRO C 21 20.52 36.81 25.91
N SER C 22 20.87 35.77 26.68
CA SER C 22 21.24 34.43 26.15
C SER C 22 20.14 33.39 26.46
N SER C 23 19.70 32.65 25.43
CA SER C 23 18.58 31.70 25.59
C SER C 23 18.97 30.53 26.51
N ARG C 24 20.23 30.10 26.37
CA ARG C 24 20.84 29.08 27.25
C ARG C 24 20.70 29.50 28.71
N ARG C 25 21.17 30.70 28.99
CA ARG C 25 21.04 31.28 30.33
C ARG C 25 19.59 31.37 30.79
N ARG C 26 18.70 31.82 29.90
CA ARG C 26 17.26 31.83 30.22
C ARG C 26 16.76 30.45 30.68
N ALA C 27 17.12 29.42 29.93
CA ALA C 27 16.66 28.06 30.22
C ALA C 27 17.14 27.60 31.59
N ALA C 28 18.43 27.82 31.84
CA ALA C 28 19.03 27.47 33.15
C ALA C 28 18.33 28.25 34.25
N ARG C 29 18.06 29.52 33.98
CA ARG C 29 17.46 30.35 35.00
C ARG C 29 16.08 29.81 35.37
N LEU C 30 15.25 29.57 34.34
CA LEU C 30 13.88 29.10 34.60
C LEU C 30 13.84 27.77 35.33
N PHE C 31 14.71 26.83 34.93
CA PHE C 31 14.72 25.59 35.68
C PHE C 31 15.04 25.83 37.17
N GLU C 32 16.03 26.67 37.42
CA GLU C 32 16.37 27.04 38.82
C GLU C 32 15.17 27.61 39.56
N TRP C 33 14.50 28.56 38.92
CA TRP C 33 13.27 29.05 39.49
C TRP C 33 12.27 27.92 39.72
N LEU C 34 12.20 26.97 38.79
CA LEU C 34 11.13 25.95 38.84
C LEU C 34 11.25 25.07 40.07
N ILE C 35 12.48 24.76 40.49
CA ILE C 35 12.71 23.89 41.67
C ILE C 35 13.19 24.68 42.88
N ALA C 36 13.24 26.01 42.76
CA ALA C 36 13.59 26.91 43.91
C ALA C 36 12.97 26.47 45.26
N PRO C 37 13.78 26.38 46.34
CA PRO C 37 15.16 26.89 46.43
C PRO C 37 16.24 25.86 46.08
N MET C 38 15.85 24.59 45.84
CA MET C 38 16.86 23.53 45.56
C MET C 38 17.74 23.78 44.33
N PRO C 39 19.07 23.51 44.46
CA PRO C 39 19.94 23.72 43.28
C PRO C 39 19.73 22.66 42.18
N PRO C 40 19.62 23.12 40.93
CA PRO C 40 19.70 22.22 39.75
C PRO C 40 20.87 21.21 39.80
N ASP C 41 22.08 21.72 40.00
CA ASP C 41 23.28 20.89 40.06
C ASP C 41 23.17 19.76 41.13
N HIS C 42 22.52 20.01 42.25
CA HIS C 42 22.24 18.93 43.17
C HIS C 42 21.14 18.00 42.67
N PHE C 43 20.12 18.55 42.04
CA PHE C 43 18.94 17.79 41.61
C PHE C 43 19.32 16.80 40.55
N TYR C 44 19.95 17.31 39.50
CA TYR C 44 20.40 16.49 38.38
C TYR C 44 21.45 15.44 38.74
N ARG C 45 22.30 15.74 39.73
CA ARG C 45 23.36 14.81 40.13
C ARG C 45 22.89 13.71 41.11
N ARG C 46 21.77 13.86 41.83
CA ARG C 46 21.40 12.76 42.77
C ARG C 46 19.91 12.43 42.84
N LEU C 47 19.10 13.26 42.19
CA LEU C 47 17.66 13.17 42.28
C LEU C 47 17.03 12.69 40.97
N TRP C 48 17.41 13.37 39.89
CA TRP C 48 16.96 13.08 38.55
C TRP C 48 17.13 11.60 38.24
N GLU C 49 16.01 10.93 37.99
CA GLU C 49 15.95 9.47 37.69
C GLU C 49 16.11 8.52 38.88
N ARG C 50 16.36 9.03 40.07
CA ARG C 50 16.50 8.14 41.22
C ARG C 50 15.42 8.28 42.24
N GLU C 51 15.00 9.52 42.45
CA GLU C 51 14.24 9.87 43.65
C GLU C 51 12.92 10.62 43.41
N ALA C 52 11.92 10.38 44.26
CA ALA C 52 10.77 11.26 44.36
C ALA C 52 11.19 12.54 45.13
N VAL C 53 10.63 13.68 44.78
CA VAL C 53 11.09 14.96 45.29
C VAL C 53 9.92 15.93 45.43
N LEU C 54 9.61 16.28 46.68
CA LEU C 54 8.57 17.25 47.05
C LEU C 54 9.15 18.61 47.37
N VAL C 55 8.93 19.62 46.55
CA VAL C 55 9.36 20.97 46.92
C VAL C 55 8.15 21.74 47.49
N ARG C 56 8.15 21.86 48.83
CA ARG C 56 7.18 22.70 49.59
C ARG C 56 7.50 24.14 49.45
N ARG C 57 6.59 24.91 48.85
CA ARG C 57 6.93 26.27 48.42
C ARG C 57 6.56 27.37 49.45
N GLN C 58 5.63 27.07 50.37
CA GLN C 58 5.19 28.05 51.34
C GLN C 58 4.75 29.35 50.67
N ASP C 59 4.16 29.25 49.48
CA ASP C 59 3.83 30.43 48.67
C ASP C 59 2.76 30.07 47.67
N HIS C 60 1.50 30.27 48.03
CA HIS C 60 0.42 29.89 47.14
C HIS C 60 0.39 30.61 45.79
N THR C 61 1.21 31.63 45.62
CA THR C 61 1.11 32.50 44.45
C THR C 61 2.23 32.33 43.47
N TYR C 62 3.07 31.30 43.68
CA TYR C 62 4.27 31.08 42.86
C TYR C 62 3.93 31.04 41.37
N TYR C 63 2.99 30.16 40.99
CA TYR C 63 2.69 29.88 39.56
C TYR C 63 1.62 30.80 38.92
N GLN C 64 0.94 31.63 39.70
CA GLN C 64 -0.09 32.56 39.20
C GLN C 64 0.39 33.22 37.92
N GLY C 65 -0.44 33.20 36.88
CA GLY C 65 -0.06 33.69 35.54
C GLY C 65 0.18 32.62 34.49
N LEU C 66 0.47 31.39 34.93
CA LEU C 66 0.83 30.25 34.07
C LEU C 66 -0.39 29.64 33.38
N PHE C 67 -1.29 29.11 34.20
CA PHE C 67 -2.53 28.55 33.73
C PHE C 67 -3.54 28.40 34.88
N SER C 68 -4.79 28.81 34.63
CA SER C 68 -5.89 28.65 35.61
C SER C 68 -7.17 28.03 35.03
N THR C 69 -8.01 27.48 35.88
CA THR C 69 -9.30 26.97 35.41
C THR C 69 -10.12 27.99 34.63
N ALA C 70 -10.00 29.25 34.99
CA ALA C 70 -10.52 30.35 34.18
C ALA C 70 -10.01 30.34 32.73
N ASP C 71 -8.71 30.05 32.54
CA ASP C 71 -8.13 29.91 31.18
C ASP C 71 -8.73 28.75 30.36
N LEU C 72 -9.07 27.67 31.09
CA LEU C 72 -9.71 26.47 30.52
C LEU C 72 -11.06 26.79 29.96
N ASP C 73 -11.87 27.42 30.82
CA ASP C 73 -13.21 27.79 30.49
C ASP C 73 -13.25 28.64 29.24
N SER C 74 -12.40 29.67 29.18
CA SER C 74 -12.33 30.56 27.99
C SER C 74 -12.04 29.81 26.73
N MET C 75 -11.18 28.82 26.88
CA MET C 75 -10.62 28.02 25.80
C MET C 75 -11.70 27.14 25.20
N LEU C 76 -12.42 26.40 26.05
CA LEU C 76 -13.63 25.68 25.63
C LEU C 76 -14.56 26.58 24.81
N ARG C 77 -14.71 27.82 25.28
CA ARG C 77 -15.68 28.75 24.78
C ARG C 77 -15.21 29.40 23.47
N ASN C 78 -13.91 29.63 23.36
CA ASN C 78 -13.36 30.44 22.26
C ASN C 78 -12.51 29.68 21.26
N GLU C 79 -12.10 28.46 21.61
CA GLU C 79 -11.29 27.66 20.71
C GLU C 79 -12.08 26.40 20.39
N GLU C 80 -11.83 25.82 19.21
CA GLU C 80 -12.45 24.54 18.83
C GLU C 80 -11.77 23.36 19.55
N VAL C 81 -12.16 23.12 20.80
CA VAL C 81 -11.57 22.05 21.56
C VAL C 81 -12.43 20.82 21.42
N GLN C 82 -11.81 19.67 21.13
CA GLN C 82 -12.50 18.41 20.84
C GLN C 82 -12.22 17.43 21.93
N PHE C 83 -13.20 16.59 22.23
CA PHE C 83 -13.00 15.44 23.09
C PHE C 83 -12.16 14.44 22.35
N GLY C 84 -11.40 13.60 23.04
CA GLY C 84 -10.38 12.76 22.38
C GLY C 84 -9.06 13.36 21.89
N GLN C 85 -9.11 14.39 21.04
CA GLN C 85 -7.91 14.95 20.41
C GLN C 85 -7.38 15.97 21.44
N HIS C 86 -8.26 16.68 22.14
CA HIS C 86 -7.85 17.78 23.00
C HIS C 86 -8.16 17.57 24.49
N LEU C 87 -9.31 16.98 24.80
CA LEU C 87 -9.76 16.94 26.19
C LEU C 87 -10.22 15.55 26.60
N ASP C 88 -9.99 15.17 27.84
CA ASP C 88 -10.42 13.85 28.31
C ASP C 88 -11.23 14.02 29.53
N ALA C 89 -12.14 13.08 29.72
CA ALA C 89 -13.11 13.15 30.79
C ALA C 89 -13.11 11.84 31.50
N ALA C 90 -12.46 11.79 32.64
CA ALA C 90 -12.10 10.55 33.26
C ALA C 90 -12.64 10.48 34.66
N ARG C 91 -12.95 9.25 35.06
CA ARG C 91 -13.53 8.96 36.36
C ARG C 91 -12.98 7.67 36.93
N TYR C 92 -12.24 7.76 38.03
CA TYR C 92 -11.86 6.56 38.79
C TYR C 92 -12.81 6.29 39.97
N ILE C 93 -13.50 5.14 39.90
CA ILE C 93 -14.46 4.67 40.93
C ILE C 93 -14.43 3.13 41.10
N ASN C 94 -14.67 2.67 42.34
CA ASN C 94 -14.78 1.23 42.67
C ASN C 94 -13.66 0.37 42.08
N GLY C 95 -12.49 0.97 41.86
CA GLY C 95 -11.36 0.28 41.24
C GLY C 95 -11.36 0.15 39.72
N ARG C 96 -12.13 0.99 39.00
CA ARG C 96 -12.12 0.97 37.53
C ARG C 96 -11.99 2.37 36.88
N ARG C 97 -11.06 2.45 35.93
CA ARG C 97 -10.91 3.61 35.07
C ARG C 97 -12.05 3.63 34.01
N GLU C 98 -12.65 4.81 33.79
CA GLU C 98 -13.65 5.00 32.71
C GLU C 98 -13.44 6.28 31.91
N THR C 99 -13.43 6.13 30.59
CA THR C 99 -13.36 7.25 29.66
C THR C 99 -14.79 7.57 29.25
N LEU C 100 -15.16 8.84 29.29
CA LEU C 100 -16.54 9.26 29.12
C LEU C 100 -16.69 10.34 28.04
N ASN C 101 -15.85 10.30 27.00
CA ASN C 101 -15.86 11.34 25.97
C ASN C 101 -16.99 11.15 24.96
N PRO C 102 -17.96 12.08 24.92
CA PRO C 102 -18.85 12.00 23.78
C PRO C 102 -18.10 12.44 22.51
N PRO C 103 -18.44 11.88 21.35
CA PRO C 103 -17.61 12.35 20.24
C PRO C 103 -17.83 13.84 19.96
N GLY C 104 -16.77 14.48 19.50
CA GLY C 104 -16.89 15.78 18.88
C GLY C 104 -16.43 16.88 19.79
N ARG C 105 -17.18 17.97 19.80
CA ARG C 105 -16.70 19.23 20.32
C ARG C 105 -16.92 19.32 21.82
N ALA C 106 -16.05 20.06 22.47
CA ALA C 106 -16.04 20.19 23.91
C ALA C 106 -16.50 21.62 24.28
N LEU C 107 -17.81 21.71 24.58
CA LEU C 107 -18.44 22.98 24.95
C LEU C 107 -18.59 22.99 26.47
N PRO C 108 -18.45 24.19 27.09
CA PRO C 108 -18.62 24.37 28.53
C PRO C 108 -19.78 23.56 29.13
N ALA C 109 -20.95 23.68 28.49
CA ALA C 109 -22.12 22.89 28.87
C ALA C 109 -21.79 21.42 29.11
N ALA C 110 -21.24 20.76 28.09
CA ALA C 110 -20.93 19.32 28.18
C ALA C 110 -19.84 19.11 29.20
N ALA C 111 -18.82 19.96 29.10
CA ALA C 111 -17.63 19.84 29.92
C ALA C 111 -18.00 19.91 31.39
N TRP C 112 -18.65 21.03 31.77
CA TRP C 112 -18.96 21.29 33.20
C TRP C 112 -20.00 20.32 33.77
N SER C 113 -20.82 19.68 32.94
CA SER C 113 -21.73 18.68 33.50
C SER C 113 -20.97 17.38 33.74
N LEU C 114 -19.97 17.11 32.89
CA LEU C 114 -19.09 15.97 33.18
C LEU C 114 -18.27 16.28 34.42
N TYR C 115 -17.90 17.54 34.58
CA TYR C 115 -17.22 17.97 35.82
C TYR C 115 -18.10 17.72 37.02
N GLN C 116 -19.40 18.06 36.88
CA GLN C 116 -20.33 17.95 38.04
C GLN C 116 -20.93 16.58 38.19
N ALA C 117 -20.91 15.79 37.13
CA ALA C 117 -21.16 14.35 37.28
C ALA C 117 -20.08 13.65 38.14
N GLY C 118 -18.82 14.10 38.01
CA GLY C 118 -17.69 13.56 38.80
C GLY C 118 -16.44 13.19 37.99
N CYS C 119 -16.22 13.90 36.89
CA CYS C 119 -15.18 13.56 35.93
C CYS C 119 -14.04 14.56 36.02
N SER C 120 -12.80 14.08 35.96
CA SER C 120 -11.70 14.98 35.80
C SER C 120 -11.67 15.42 34.36
N LEU C 121 -10.98 16.52 34.09
CA LEU C 121 -10.83 16.99 32.71
C LEU C 121 -9.34 17.18 32.36
N ARG C 122 -8.82 16.37 31.44
CA ARG C 122 -7.43 16.44 31.11
C ARG C 122 -7.30 17.17 29.80
N LEU C 123 -6.47 18.20 29.76
CA LEU C 123 -6.21 18.93 28.54
C LEU C 123 -4.85 18.52 28.03
N LEU C 124 -4.81 17.85 26.88
CA LEU C 124 -3.62 17.18 26.42
C LEU C 124 -2.58 18.09 25.77
N CYS C 125 -2.92 19.33 25.42
CA CYS C 125 -1.94 20.19 24.77
C CYS C 125 -2.11 21.66 25.18
N PRO C 126 -2.01 21.92 26.49
CA PRO C 126 -2.24 23.30 26.85
C PRO C 126 -1.39 24.31 26.09
N GLN C 127 -0.18 23.93 25.68
CA GLN C 127 0.73 24.85 24.98
C GLN C 127 0.24 25.27 23.57
N ALA C 128 -0.76 24.59 23.04
CA ALA C 128 -1.37 24.97 21.76
C ALA C 128 -2.32 26.20 21.92
N PHE C 129 -3.01 26.23 23.05
CA PHE C 129 -3.98 27.28 23.34
C PHE C 129 -3.49 28.40 24.30
N SER C 130 -2.36 28.21 24.99
CA SER C 130 -1.92 29.15 26.04
C SER C 130 -0.50 29.66 25.72
N THR C 131 -0.31 30.98 25.72
CA THR C 131 0.99 31.52 25.29
C THR C 131 2.02 31.40 26.44
N THR C 132 1.51 31.35 27.66
CA THR C 132 2.38 31.33 28.83
C THR C 132 3.01 29.95 28.96
N VAL C 133 2.14 28.94 28.97
CA VAL C 133 2.60 27.54 28.99
C VAL C 133 3.52 27.19 27.81
N TRP C 134 3.20 27.71 26.61
CA TRP C 134 4.10 27.67 25.45
C TRP C 134 5.49 28.28 25.73
N GLN C 135 5.53 29.42 26.40
CA GLN C 135 6.81 30.04 26.74
C GLN C 135 7.58 29.20 27.76
N PHE C 136 6.85 28.68 28.74
CA PHE C 136 7.41 27.91 29.84
C PHE C 136 8.23 26.74 29.27
N LEU C 137 7.53 25.94 28.46
CA LEU C 137 8.05 24.70 27.94
C LEU C 137 9.12 25.03 26.92
N ALA C 138 8.86 25.98 26.03
CA ALA C 138 9.90 26.39 25.05
C ALA C 138 11.24 26.73 25.72
N VAL C 139 11.15 27.31 26.89
CA VAL C 139 12.35 27.71 27.54
C VAL C 139 12.96 26.49 28.16
N LEU C 140 12.15 25.72 28.90
CA LEU C 140 12.67 24.55 29.62
C LEU C 140 13.29 23.44 28.72
N GLN C 141 12.66 23.18 27.59
CA GLN C 141 13.17 22.18 26.68
C GLN C 141 14.63 22.50 26.28
N GLU C 142 15.02 23.77 26.33
CA GLU C 142 16.33 24.17 25.91
C GLU C 142 17.36 23.62 26.88
N GLN C 143 16.95 23.34 28.13
CA GLN C 143 17.88 22.77 29.14
C GLN C 143 17.62 21.32 29.48
N PHE C 144 16.57 20.73 28.95
CA PHE C 144 16.42 19.25 28.98
C PHE C 144 17.07 18.47 27.83
N GLY C 145 17.31 19.12 26.69
CA GLY C 145 17.86 18.45 25.51
C GLY C 145 16.92 17.40 24.97
N SER C 146 15.63 17.65 25.15
CA SER C 146 14.56 16.67 25.02
C SER C 146 13.27 17.44 25.07
N MET C 147 12.29 16.98 24.31
CA MET C 147 11.02 17.68 24.22
C MET C 147 10.37 17.77 25.59
N ALA C 148 9.97 19.00 25.97
CA ALA C 148 9.15 19.21 27.16
C ALA C 148 7.76 19.33 26.65
N GLY C 149 6.85 18.54 27.22
CA GLY C 149 5.44 18.67 26.92
C GLY C 149 4.67 18.48 28.19
N SER C 150 3.41 18.93 28.19
CA SER C 150 2.57 18.98 29.40
C SER C 150 1.09 18.67 29.21
N ASN C 151 0.52 18.20 30.29
CA ASN C 151 -0.90 18.02 30.45
C ASN C 151 -1.41 18.84 31.67
N VAL C 152 -2.59 19.46 31.52
CA VAL C 152 -3.32 20.05 32.65
C VAL C 152 -4.48 19.16 33.11
N TYR C 153 -4.50 18.84 34.41
CA TYR C 153 -5.56 18.02 35.01
C TYR C 153 -6.40 18.85 36.00
N LEU C 154 -7.72 18.76 35.85
CA LEU C 154 -8.68 19.45 36.69
C LEU C 154 -9.64 18.49 37.31
N THR C 155 -9.52 18.27 38.61
CA THR C 155 -10.35 17.25 39.26
C THR C 155 -11.35 17.91 40.22
N PRO C 156 -12.64 17.48 40.16
CA PRO C 156 -13.63 18.03 41.10
C PRO C 156 -13.54 17.48 42.52
N PRO C 157 -14.30 18.08 43.47
CA PRO C 157 -14.18 17.64 44.85
C PRO C 157 -14.63 16.21 45.06
N ASN C 158 -13.94 15.52 45.95
CA ASN C 158 -14.36 14.20 46.41
C ASN C 158 -14.34 13.09 45.36
N SER C 159 -13.61 13.31 44.27
CA SER C 159 -13.43 12.29 43.22
C SER C 159 -11.95 11.93 43.03
N GLN C 160 -11.70 10.84 42.29
CA GLN C 160 -10.40 10.54 41.69
C GLN C 160 -10.60 10.22 40.21
N GLY C 161 -9.87 10.90 39.31
CA GLY C 161 -10.01 10.70 37.85
C GLY C 161 -9.32 9.50 37.21
N PHE C 162 -8.13 9.17 37.71
CA PHE C 162 -7.23 8.20 37.10
C PHE C 162 -6.71 7.17 38.11
N ALA C 163 -6.75 5.89 37.71
CA ALA C 163 -6.23 4.79 38.53
C ALA C 163 -4.69 4.88 38.74
N PRO C 164 -4.17 4.15 39.75
CA PRO C 164 -2.69 4.17 39.86
C PRO C 164 -2.04 3.72 38.56
N HIS C 165 -0.96 4.38 38.21
CA HIS C 165 -0.20 4.01 37.03
C HIS C 165 1.20 4.60 37.16
N TYR C 166 2.12 4.15 36.30
CA TYR C 166 3.35 4.92 36.03
C TYR C 166 3.47 5.24 34.55
N ASP C 167 4.36 6.18 34.26
CA ASP C 167 4.49 6.81 32.95
C ASP C 167 5.90 6.65 32.33
N ASP C 168 5.99 6.91 31.04
CA ASP C 168 7.22 6.68 30.29
C ASP C 168 8.07 7.97 30.20
N ILE C 169 7.77 8.93 31.09
CA ILE C 169 8.41 10.24 31.09
C ILE C 169 8.86 10.63 32.47
N GLU C 170 9.73 11.63 32.50
CA GLU C 170 10.11 12.27 33.78
C GLU C 170 9.08 13.37 34.08
N ALA C 171 8.44 13.27 35.24
CA ALA C 171 7.25 14.06 35.59
C ALA C 171 7.56 15.21 36.61
N PHE C 172 7.05 16.40 36.36
CA PHE C 172 7.11 17.50 37.33
C PHE C 172 5.66 17.99 37.51
N VAL C 173 5.05 17.60 38.63
CA VAL C 173 3.71 18.08 38.97
C VAL C 173 3.74 19.50 39.64
N LEU C 174 3.27 20.52 38.93
CA LEU C 174 3.09 21.88 39.52
C LEU C 174 1.65 22.09 40.05
N GLN C 175 1.51 22.17 41.38
CA GLN C 175 0.16 22.42 41.94
C GLN C 175 -0.25 23.87 41.74
N LEU C 176 -1.38 24.08 41.04
CA LEU C 176 -1.84 25.42 40.67
C LEU C 176 -3.06 25.99 41.47
N GLU C 177 -3.98 25.11 41.88
CA GLU C 177 -5.23 25.50 42.54
C GLU C 177 -5.74 24.32 43.34
N GLY C 178 -6.55 24.60 44.36
CA GLY C 178 -7.06 23.54 45.21
C GLY C 178 -5.93 22.75 45.87
N ARG C 179 -6.23 21.50 46.22
CA ARG C 179 -5.24 20.63 46.83
C ARG C 179 -5.53 19.20 46.47
N LYS C 180 -4.47 18.44 46.22
CA LYS C 180 -4.57 17.03 45.95
C LYS C 180 -3.69 16.25 46.94
N LEU C 181 -4.20 15.13 47.43
CA LEU C 181 -3.39 14.21 48.22
C LEU C 181 -2.79 13.25 47.21
N TRP C 182 -1.46 13.25 47.10
CA TRP C 182 -0.78 12.32 46.20
C TRP C 182 -0.22 11.14 46.95
N ARG C 183 -0.10 10.02 46.27
CA ARG C 183 0.79 8.96 46.70
C ARG C 183 1.75 8.68 45.56
N VAL C 184 3.04 8.64 45.85
CA VAL C 184 4.06 8.19 44.86
C VAL C 184 4.75 6.94 45.41
N TYR C 185 5.19 6.05 44.50
CA TYR C 185 5.87 4.81 44.89
C TYR C 185 7.22 4.61 44.18
N ARG C 186 8.15 3.98 44.90
CA ARG C 186 9.39 3.50 44.32
C ARG C 186 9.02 2.37 43.38
N PRO C 187 9.81 2.17 42.31
CA PRO C 187 9.56 1.04 41.44
C PRO C 187 9.45 -0.27 42.22
N ARG C 188 8.51 -1.09 41.79
CA ARG C 188 8.15 -2.29 42.50
C ARG C 188 9.20 -3.39 42.34
N VAL C 189 9.99 -3.34 41.26
CA VAL C 189 10.95 -4.43 40.89
C VAL C 189 11.97 -3.92 39.85
N PRO C 190 13.14 -4.60 39.76
CA PRO C 190 14.23 -4.16 38.85
C PRO C 190 13.74 -3.71 37.46
N THR C 191 12.86 -4.51 36.83
CA THR C 191 12.42 -4.26 35.44
C THR C 191 11.49 -3.08 35.29
N GLU C 192 10.82 -2.71 36.38
CA GLU C 192 10.08 -1.45 36.41
C GLU C 192 10.95 -0.15 36.67
N GLU C 193 12.16 -0.29 37.23
CA GLU C 193 13.00 0.89 37.42
C GLU C 193 13.27 1.47 36.03
N LEU C 194 12.89 2.72 35.81
CA LEU C 194 13.22 3.46 34.59
C LEU C 194 12.57 2.85 33.32
N ALA C 195 11.37 2.32 33.56
CA ALA C 195 10.47 1.71 32.56
C ALA C 195 10.41 2.45 31.26
N LEU C 196 10.24 1.65 30.22
CA LEU C 196 10.33 2.07 28.83
C LEU C 196 8.98 2.54 28.27
N THR C 197 7.89 1.97 28.79
CA THR C 197 6.50 2.27 28.33
C THR C 197 5.52 2.41 29.48
N SER C 198 4.49 3.24 29.28
CA SER C 198 3.43 3.47 30.28
C SER C 198 2.88 2.19 30.80
N SER C 199 2.75 2.05 32.11
CA SER C 199 2.14 0.86 32.70
C SER C 199 0.67 0.70 32.33
N PRO C 200 0.12 -0.51 32.52
CA PRO C 200 -1.32 -0.55 32.52
C PRO C 200 -1.85 0.19 33.76
N ASN C 201 -3.16 0.43 33.75
CA ASN C 201 -3.85 0.80 34.97
C ASN C 201 -3.75 -0.35 35.94
N PHE C 202 -3.35 -0.04 37.17
CA PHE C 202 -3.23 -1.00 38.26
C PHE C 202 -4.42 -0.87 39.23
N SER C 203 -4.53 -1.82 40.16
CA SER C 203 -5.49 -1.76 41.29
C SER C 203 -4.72 -1.42 42.57
N GLN C 204 -5.42 -1.15 43.69
CA GLN C 204 -4.76 -0.88 45.00
C GLN C 204 -4.19 -2.14 45.69
N ASP C 205 -4.34 -3.29 45.03
CA ASP C 205 -3.64 -4.54 45.35
C ASP C 205 -2.21 -4.53 44.81
N ASP C 206 -2.10 -4.34 43.49
CA ASP C 206 -0.79 -4.27 42.80
C ASP C 206 0.21 -3.32 43.50
N LEU C 207 -0.32 -2.38 44.29
CA LEU C 207 0.48 -1.35 44.92
C LEU C 207 1.27 -1.83 46.12
N GLY C 208 2.35 -1.11 46.42
CA GLY C 208 3.08 -1.24 47.69
C GLY C 208 2.64 -0.15 48.66
N GLU C 209 3.44 0.06 49.71
CA GLU C 209 3.21 1.15 50.67
C GLU C 209 4.04 2.37 50.20
N PRO C 210 3.40 3.56 50.08
CA PRO C 210 4.10 4.70 49.46
C PRO C 210 5.48 5.05 50.01
N VAL C 211 6.21 5.82 49.21
CA VAL C 211 7.46 6.40 49.63
C VAL C 211 7.23 7.88 49.89
N LEU C 212 6.15 8.41 49.32
CA LEU C 212 5.80 9.80 49.50
C LEU C 212 4.30 9.83 49.55
N GLN C 213 3.75 10.70 50.39
CA GLN C 213 2.31 10.85 50.53
C GLN C 213 2.01 12.20 51.20
N THR C 214 1.61 13.15 50.38
CA THR C 214 1.42 14.50 50.85
C THR C 214 0.21 15.16 50.19
N VAL C 215 -0.34 16.15 50.87
CA VAL C 215 -1.35 16.99 50.26
C VAL C 215 -0.64 18.18 49.56
N LEU C 216 -0.78 18.19 48.25
CA LEU C 216 -0.17 19.25 47.46
C LEU C 216 -0.90 20.57 47.73
N GLU C 217 -0.25 21.68 47.40
CA GLU C 217 -0.82 23.01 47.61
C GLU C 217 -0.27 23.97 46.60
N PRO C 218 -1.06 24.99 46.26
CA PRO C 218 -0.62 25.88 45.17
C PRO C 218 0.82 26.40 45.34
N GLY C 219 1.55 26.51 44.24
CA GLY C 219 2.98 26.84 44.25
C GLY C 219 3.93 25.63 44.44
N ASP C 220 3.43 24.51 44.97
CA ASP C 220 4.25 23.31 45.17
C ASP C 220 4.68 22.62 43.86
N LEU C 221 5.58 21.67 44.01
CA LEU C 221 6.11 20.89 42.90
C LEU C 221 6.40 19.50 43.39
N LEU C 222 6.08 18.50 42.58
CA LEU C 222 6.26 17.08 42.95
C LEU C 222 6.86 16.36 41.77
N TYR C 223 8.10 15.90 41.93
CA TYR C 223 8.84 15.32 40.82
C TYR C 223 9.01 13.84 41.07
N PHE C 224 9.06 13.06 40.00
CA PHE C 224 9.39 11.64 40.15
C PHE C 224 9.75 11.06 38.81
N PRO C 225 10.56 9.98 38.80
CA PRO C 225 11.01 9.39 37.55
C PRO C 225 10.03 8.41 36.97
N ARG C 226 10.24 8.17 35.67
CA ARG C 226 9.49 7.13 34.95
C ARG C 226 9.61 5.81 35.64
N GLY C 227 8.53 5.06 35.63
CA GLY C 227 8.43 3.81 36.40
C GLY C 227 7.85 3.95 37.79
N PHE C 228 7.93 5.15 38.36
CA PHE C 228 7.36 5.47 39.69
C PHE C 228 5.82 5.51 39.63
N ILE C 229 5.17 4.62 40.38
CA ILE C 229 3.71 4.58 40.37
C ILE C 229 3.15 5.80 41.07
N HIS C 230 1.98 6.24 40.66
CA HIS C 230 1.38 7.36 41.35
C HIS C 230 -0.12 7.45 41.10
N GLN C 231 -0.82 7.80 42.18
CA GLN C 231 -2.24 8.11 42.18
C GLN C 231 -2.46 9.36 43.02
N ALA C 232 -3.63 9.99 42.86
CA ALA C 232 -3.90 11.33 43.43
C ALA C 232 -5.39 11.69 43.47
N GLU C 233 -5.92 11.82 44.70
CA GLU C 233 -7.33 12.16 44.91
C GLU C 233 -7.60 13.56 45.49
N CYS C 234 -8.83 14.02 45.28
CA CYS C 234 -9.38 15.24 45.86
C CYS C 234 -10.28 14.79 46.99
N GLN C 235 -9.89 15.12 48.21
CA GLN C 235 -10.67 14.74 49.39
C GLN C 235 -11.67 15.85 49.69
N ASP C 236 -12.16 15.87 50.94
CA ASP C 236 -13.34 16.65 51.38
C ASP C 236 -13.29 18.14 50.99
N GLY C 237 -14.25 18.58 50.16
CA GLY C 237 -14.49 20.00 49.94
C GLY C 237 -13.74 20.98 49.06
N VAL C 238 -12.98 20.49 48.08
CA VAL C 238 -12.01 21.39 47.39
C VAL C 238 -11.60 20.63 46.09
N HIS C 239 -11.37 21.40 45.02
CA HIS C 239 -10.93 20.90 43.70
C HIS C 239 -9.38 20.85 43.48
N SER C 240 -8.93 20.25 42.37
CA SER C 240 -7.52 20.38 42.00
C SER C 240 -7.25 20.81 40.56
N LEU C 241 -6.35 21.76 40.42
CA LEU C 241 -5.78 22.09 39.13
C LEU C 241 -4.25 22.04 39.14
N HIS C 242 -3.71 21.14 38.32
CA HIS C 242 -2.28 21.05 38.14
C HIS C 242 -1.84 20.86 36.69
N LEU C 243 -0.59 21.23 36.45
CA LEU C 243 0.02 21.11 35.17
C LEU C 243 1.20 20.24 35.43
N THR C 244 1.21 19.07 34.80
CA THR C 244 2.45 18.26 34.86
C THR C 244 3.27 18.42 33.59
N LEU C 245 4.52 18.78 33.82
CA LEU C 245 5.52 18.98 32.80
C LEU C 245 6.21 17.61 32.65
N SER C 246 6.50 17.24 31.40
CA SER C 246 7.05 15.92 31.08
C SER C 246 8.09 15.99 29.98
N THR C 247 9.10 15.13 30.14
CA THR C 247 10.23 15.07 29.22
C THR C 247 10.96 13.70 29.30
N TYR C 248 11.96 13.53 28.46
CA TYR C 248 12.76 12.28 28.49
C TYR C 248 11.93 11.04 28.09
N GLN C 249 11.16 11.21 27.03
CA GLN C 249 10.52 10.10 26.36
C GLN C 249 11.50 9.46 25.44
N ARG C 250 11.76 8.17 25.68
CA ARG C 250 12.66 7.41 24.81
C ARG C 250 13.96 8.21 24.51
N ASN C 251 14.66 8.65 25.57
CA ASN C 251 15.96 9.32 25.44
C ASN C 251 17.03 8.56 26.23
N THR C 252 17.09 7.24 26.06
CA THR C 252 18.02 6.40 26.82
C THR C 252 19.29 5.95 26.07
N TRP C 253 20.25 5.44 26.84
CA TRP C 253 21.43 4.78 26.27
C TRP C 253 21.03 3.72 25.25
N GLY C 254 20.06 2.93 25.69
CA GLY C 254 19.43 1.90 24.89
C GLY C 254 19.01 2.40 23.54
N ASP C 255 18.35 3.54 23.51
CA ASP C 255 17.84 4.09 22.23
C ASP C 255 18.97 4.62 21.38
N PHE C 256 20.02 5.11 22.05
CA PHE C 256 21.18 5.57 21.31
C PHE C 256 21.74 4.33 20.62
N LEU C 257 21.87 3.21 21.34
CA LEU C 257 22.50 2.00 20.78
C LEU C 257 21.70 1.36 19.66
N GLU C 258 20.37 1.32 19.78
CA GLU C 258 19.49 0.87 18.70
C GLU C 258 19.85 1.48 17.37
N ALA C 259 20.19 2.77 17.33
CA ALA C 259 20.49 3.46 16.05
C ALA C 259 21.93 3.27 15.62
N ILE C 260 22.79 3.08 16.62
CA ILE C 260 24.22 2.97 16.41
C ILE C 260 24.56 1.60 15.78
N LEU C 261 23.87 0.55 16.21
CA LEU C 261 24.33 -0.80 15.93
C LEU C 261 24.20 -1.27 14.49
N PRO C 262 23.02 -1.10 13.88
CA PRO C 262 22.96 -1.58 12.53
C PRO C 262 23.98 -0.92 11.65
N LEU C 263 24.28 0.33 11.90
CA LEU C 263 25.29 1.02 11.11
C LEU C 263 26.71 0.55 11.49
N ALA C 264 26.91 0.12 12.73
CA ALA C 264 28.23 -0.30 13.17
C ALA C 264 28.58 -1.57 12.43
N VAL C 265 27.63 -2.47 12.31
CA VAL C 265 27.83 -3.80 11.69
C VAL C 265 28.00 -3.66 10.20
N GLN C 266 27.21 -2.80 9.59
CA GLN C 266 27.35 -2.51 8.19
C GLN C 266 28.72 -1.92 7.88
N ALA C 267 29.18 -0.96 8.68
CA ALA C 267 30.50 -0.39 8.53
C ALA C 267 31.60 -1.45 8.76
N ALA C 268 31.37 -2.33 9.73
CA ALA C 268 32.33 -3.37 10.04
C ALA C 268 32.43 -4.37 8.87
N MET C 269 31.29 -4.73 8.30
CA MET C 269 31.31 -5.64 7.16
C MET C 269 31.95 -5.04 5.92
N GLU C 270 31.89 -3.73 5.75
CA GLU C 270 32.51 -3.10 4.59
C GLU C 270 34.01 -2.95 4.78
N GLU C 271 34.43 -2.69 6.02
CA GLU C 271 35.79 -2.22 6.26
C GLU C 271 36.76 -3.28 6.73
N ASN C 272 36.28 -4.50 6.94
CA ASN C 272 37.12 -5.50 7.60
C ASN C 272 36.65 -6.86 7.23
N VAL C 273 37.51 -7.64 6.64
CA VAL C 273 37.07 -8.84 6.02
C VAL C 273 36.64 -9.95 7.00
N GLU C 274 37.04 -9.93 8.27
CA GLU C 274 36.62 -11.01 9.17
C GLU C 274 35.12 -11.02 9.40
N PHE C 275 34.52 -9.83 9.30
CA PHE C 275 33.08 -9.66 9.42
C PHE C 275 32.36 -10.08 8.17
N ARG C 276 33.14 -10.41 7.15
CA ARG C 276 32.67 -10.77 5.83
C ARG C 276 32.99 -12.26 5.53
N ARG C 277 33.67 -12.95 6.42
CA ARG C 277 34.01 -14.38 6.26
C ARG C 277 32.83 -15.33 6.46
N GLY C 278 32.83 -16.42 5.74
CA GLY C 278 31.73 -17.31 5.71
C GLY C 278 31.60 -18.03 7.00
N LEU C 279 30.36 -18.31 7.41
CA LEU C 279 30.04 -19.09 8.58
C LEU C 279 30.53 -20.47 8.38
N PRO C 280 30.69 -21.23 9.47
CA PRO C 280 31.02 -22.63 9.26
C PRO C 280 29.87 -23.32 8.49
N ARG C 281 30.25 -24.24 7.63
CA ARG C 281 29.32 -25.03 6.88
C ARG C 281 28.39 -25.86 7.75
N ASP C 282 28.81 -26.10 9.00
CA ASP C 282 28.11 -27.00 9.88
C ASP C 282 27.67 -26.44 11.25
N PHE C 283 27.65 -25.12 11.42
CA PHE C 283 27.21 -24.57 12.67
C PHE C 283 25.84 -25.16 13.12
N MET C 284 24.95 -25.49 12.18
CA MET C 284 23.62 -26.06 12.47
C MET C 284 23.71 -27.36 13.23
N ASP C 285 24.80 -28.07 13.08
CA ASP C 285 24.99 -29.26 13.90
C ASP C 285 25.24 -29.04 15.39
N TYR C 286 25.63 -27.84 15.82
CA TYR C 286 25.80 -27.62 17.28
C TYR C 286 25.23 -26.32 17.79
N MET C 287 24.60 -25.55 16.92
CA MET C 287 23.99 -24.29 17.32
C MET C 287 22.52 -24.43 17.05
N GLY C 288 21.72 -23.83 17.93
CA GLY C 288 20.26 -23.92 17.88
C GLY C 288 19.72 -24.48 19.18
N ALA C 289 18.45 -24.21 19.49
CA ALA C 289 17.83 -24.64 20.75
C ALA C 289 17.90 -26.14 21.07
N GLN C 290 17.80 -27.00 20.07
CA GLN C 290 17.94 -28.41 20.32
C GLN C 290 19.33 -28.78 20.86
N HIS C 291 20.35 -27.96 20.59
CA HIS C 291 21.72 -28.19 21.10
C HIS C 291 22.14 -27.26 22.26
N SER C 292 21.21 -26.52 22.86
CA SER C 292 21.54 -25.68 24.04
C SER C 292 22.22 -26.49 25.16
N ASP C 293 22.02 -27.80 25.17
CA ASP C 293 22.62 -28.74 26.15
C ASP C 293 23.91 -29.35 25.69
N SER C 294 24.20 -29.23 24.40
CA SER C 294 25.34 -29.91 23.84
C SER C 294 26.63 -29.56 24.61
N LYS C 295 27.58 -30.48 24.53
CA LYS C 295 28.90 -30.25 25.10
C LYS C 295 29.92 -30.12 23.95
N ASP C 296 29.45 -29.95 22.71
CA ASP C 296 30.36 -29.84 21.58
C ASP C 296 31.21 -28.58 21.86
N PRO C 297 32.53 -28.74 21.88
CA PRO C 297 33.45 -27.62 22.09
C PRO C 297 33.45 -26.62 20.94
N ARG C 298 32.91 -27.02 19.80
CA ARG C 298 32.76 -26.06 18.73
C ARG C 298 31.70 -24.97 19.03
N ARG C 299 30.82 -25.31 19.95
CA ARG C 299 29.73 -24.44 20.34
C ARG C 299 30.31 -23.30 21.16
N THR C 300 31.15 -23.66 22.12
CA THR C 300 31.71 -22.65 22.99
C THR C 300 32.66 -21.75 22.21
N ALA C 301 33.30 -22.26 21.18
CA ALA C 301 34.04 -21.39 20.21
C ALA C 301 33.16 -20.44 19.38
N PHE C 302 31.98 -20.88 18.94
CA PHE C 302 31.07 -20.04 18.22
C PHE C 302 30.66 -18.84 19.12
N MET C 303 30.34 -19.14 20.39
CA MET C 303 29.79 -18.16 21.34
C MET C 303 30.81 -17.10 21.62
N GLU C 304 32.02 -17.58 21.85
CA GLU C 304 33.16 -16.74 22.12
C GLU C 304 33.48 -15.85 20.93
N LYS C 305 33.29 -16.34 19.74
CA LYS C 305 33.44 -15.54 18.57
C LYS C 305 32.30 -14.54 18.34
N VAL C 306 31.07 -14.92 18.65
CA VAL C 306 29.99 -13.97 18.56
C VAL C 306 30.28 -12.83 19.52
N ARG C 307 30.70 -13.18 20.74
CA ARG C 307 31.02 -12.18 21.77
C ARG C 307 32.12 -11.24 21.40
N VAL C 308 33.21 -11.71 20.81
CA VAL C 308 34.28 -10.73 20.47
C VAL C 308 33.84 -9.89 19.32
N LEU C 309 33.14 -10.47 18.35
CA LEU C 309 32.73 -9.67 17.21
C LEU C 309 31.80 -8.53 17.59
N VAL C 310 30.97 -8.72 18.60
CA VAL C 310 30.08 -7.68 19.05
C VAL C 310 30.87 -6.58 19.70
N ALA C 311 31.68 -6.95 20.68
CA ALA C 311 32.60 -6.03 21.36
C ALA C 311 33.44 -5.18 20.37
N ARG C 312 33.90 -5.81 19.29
CA ARG C 312 34.56 -5.11 18.21
C ARG C 312 33.73 -4.10 17.43
N LEU C 313 32.42 -4.14 17.59
CA LEU C 313 31.56 -3.18 16.88
C LEU C 313 31.64 -1.75 17.37
N GLY C 314 31.94 -1.55 18.64
CA GLY C 314 32.18 -0.19 19.15
C GLY C 314 33.15 0.62 18.29
N HIS C 315 34.20 -0.03 17.76
CA HIS C 315 35.20 0.67 17.01
C HIS C 315 34.56 1.28 15.77
N PHE C 316 33.51 0.65 15.27
CA PHE C 316 32.87 1.05 14.06
C PHE C 316 31.59 1.87 14.24
N ALA C 317 31.24 2.20 15.48
CA ALA C 317 30.00 2.92 15.76
C ALA C 317 30.13 4.38 15.37
N PRO C 318 29.29 4.88 14.45
CA PRO C 318 29.26 6.29 14.08
C PRO C 318 28.51 7.13 15.11
N VAL C 319 29.17 7.39 16.21
CA VAL C 319 28.54 8.04 17.37
C VAL C 319 28.07 9.47 17.10
N ASP C 320 28.86 10.21 16.33
CA ASP C 320 28.57 11.57 16.01
C ASP C 320 27.37 11.70 15.08
N ALA C 321 27.32 10.88 14.03
CA ALA C 321 26.21 10.93 13.10
C ALA C 321 24.88 10.64 13.80
N VAL C 322 24.88 9.74 14.76
CA VAL C 322 23.66 9.41 15.44
C VAL C 322 23.28 10.51 16.43
N ALA C 323 24.28 11.18 16.98
CA ALA C 323 24.03 12.32 17.83
C ALA C 323 23.34 13.39 16.97
N ASP C 324 23.91 13.75 15.83
CA ASP C 324 23.28 14.69 14.95
C ASP C 324 21.85 14.27 14.55
N GLN C 325 21.58 12.99 14.30
CA GLN C 325 20.22 12.56 13.98
C GLN C 325 19.27 12.79 15.12
N ARG C 326 19.68 12.44 16.32
CA ARG C 326 18.84 12.72 17.49
C ARG C 326 18.66 14.22 17.73
N ALA C 327 19.66 15.00 17.35
CA ALA C 327 19.59 16.44 17.42
C ALA C 327 18.55 16.94 16.43
N LYS C 328 18.57 16.35 15.23
CA LYS C 328 17.59 16.63 14.17
C LYS C 328 16.19 16.27 14.63
N ASP C 329 16.04 15.12 15.29
CA ASP C 329 14.72 14.73 15.80
C ASP C 329 14.27 15.71 16.83
N PHE C 330 15.17 16.10 17.72
CA PHE C 330 14.84 17.13 18.71
C PHE C 330 14.37 18.50 18.13
N ILE C 331 15.11 19.09 17.19
CA ILE C 331 14.65 20.29 16.44
C ILE C 331 13.23 20.09 15.87
N HIS C 332 12.98 18.93 15.28
CA HIS C 332 11.63 18.55 14.82
C HIS C 332 10.59 18.51 15.96
N ASP C 333 10.96 17.99 17.12
CA ASP C 333 10.00 17.84 18.22
C ASP C 333 9.85 19.12 19.03
N SER C 334 10.66 20.12 18.71
CA SER C 334 10.79 21.31 19.53
C SER C 334 9.67 22.33 19.33
N LEU C 335 9.29 22.96 20.46
CA LEU C 335 8.40 24.13 20.46
C LEU C 335 9.13 25.29 19.80
N PRO C 336 8.39 26.15 19.07
CA PRO C 336 9.05 27.29 18.42
C PRO C 336 9.47 28.28 19.52
N PRO C 337 10.43 29.13 19.20
CA PRO C 337 11.03 29.86 20.31
C PRO C 337 10.10 30.98 20.76
N VAL C 338 10.30 31.50 21.98
CA VAL C 338 9.69 32.77 22.40
C VAL C 338 10.71 33.84 22.32
N LEU C 339 10.53 34.85 21.50
CA LEU C 339 11.55 35.90 21.41
C LEU C 339 11.45 36.82 22.60
N THR C 340 12.58 37.43 22.97
CA THR C 340 12.54 38.59 23.83
C THR C 340 12.17 39.79 22.99
N ASP C 341 11.84 40.86 23.69
CA ASP C 341 11.55 42.13 23.03
C ASP C 341 12.73 42.60 22.18
N ARG C 342 13.94 42.32 22.67
CA ARG C 342 15.14 42.78 22.00
C ARG C 342 15.42 41.89 20.80
N GLU C 343 15.20 40.58 20.99
CA GLU C 343 15.40 39.63 19.88
C GLU C 343 14.48 40.02 18.73
N ARG C 344 13.21 40.20 19.08
CA ARG C 344 12.23 40.68 18.12
C ARG C 344 12.75 41.93 17.43
N ALA C 345 13.04 42.95 18.22
CA ALA C 345 13.45 44.23 17.64
C ALA C 345 14.65 44.09 16.67
N LEU C 346 15.58 43.18 17.00
CA LEU C 346 16.83 43.07 16.23
C LEU C 346 16.76 42.09 15.07
N SER C 347 15.59 41.51 14.83
CA SER C 347 15.45 40.43 13.84
C SER C 347 14.57 40.87 12.66
N VAL C 348 14.26 39.93 11.79
CA VAL C 348 13.27 40.12 10.73
C VAL C 348 11.85 40.37 11.27
N TYR C 349 11.49 39.72 12.39
CA TYR C 349 10.15 39.93 12.99
C TYR C 349 9.93 41.36 13.52
N GLY C 350 11.02 42.06 13.82
CA GLY C 350 10.93 43.40 14.38
C GLY C 350 10.83 44.49 13.32
N LEU C 351 11.31 44.20 12.10
CA LEU C 351 11.26 45.17 10.98
C LEU C 351 9.94 45.94 10.98
N PRO C 352 10.00 47.28 10.82
CA PRO C 352 8.76 48.04 10.99
C PRO C 352 7.91 48.11 9.71
N ILE C 353 8.46 47.57 8.62
CA ILE C 353 7.79 47.48 7.32
C ILE C 353 6.29 47.11 7.41
N ARG C 354 5.46 47.86 6.67
CA ARG C 354 4.04 47.62 6.66
C ARG C 354 3.31 48.31 5.48
N TRP C 355 2.04 47.99 5.36
CA TRP C 355 1.14 48.60 4.38
C TRP C 355 0.53 49.84 5.01
N GLU C 356 1.01 51.01 4.60
CA GLU C 356 0.43 52.29 5.04
C GLU C 356 -0.75 52.50 4.09
N ALA C 357 -1.35 53.70 4.12
CA ALA C 357 -2.59 53.94 3.37
C ALA C 357 -2.23 54.00 1.85
N GLY C 358 -2.31 52.85 1.17
CA GLY C 358 -2.09 52.76 -0.29
C GLY C 358 -0.80 52.09 -0.77
N GLU C 359 0.26 52.15 0.04
CA GLU C 359 1.55 51.56 -0.35
C GLU C 359 2.23 50.78 0.80
N PRO C 360 3.25 49.96 0.46
CA PRO C 360 4.23 49.54 1.47
C PRO C 360 5.16 50.71 1.81
N VAL C 361 5.60 50.80 3.07
CA VAL C 361 6.55 51.82 3.51
C VAL C 361 7.54 51.19 4.53
N ASN C 362 8.59 51.93 4.90
CA ASN C 362 9.59 51.45 5.89
C ASN C 362 10.37 50.25 5.42
N VAL C 363 10.63 50.21 4.11
CA VAL C 363 11.52 49.22 3.52
C VAL C 363 12.85 49.31 4.28
N GLY C 364 13.18 48.23 4.99
CA GLY C 364 14.44 48.13 5.71
C GLY C 364 15.64 48.18 4.78
N ALA C 365 16.79 48.55 5.35
CA ALA C 365 18.04 48.52 4.64
C ALA C 365 18.40 47.07 4.39
N GLN C 366 19.04 46.79 3.26
CA GLN C 366 19.70 45.49 3.11
C GLN C 366 20.79 45.40 4.19
N LEU C 367 21.38 44.22 4.40
CA LEU C 367 22.57 44.15 5.24
C LEU C 367 23.81 44.41 4.40
N THR C 368 24.92 44.67 5.09
CA THR C 368 26.19 45.04 4.46
C THR C 368 27.28 44.27 5.20
N THR C 369 28.52 44.36 4.72
CA THR C 369 29.67 43.65 5.33
C THR C 369 29.99 44.26 6.69
N GLU C 370 29.52 45.48 6.94
CA GLU C 370 29.72 46.14 8.23
C GLU C 370 28.70 45.75 9.29
N THR C 371 27.64 45.06 8.90
CA THR C 371 26.61 44.63 9.85
C THR C 371 27.19 43.60 10.85
N GLU C 372 26.71 43.66 12.09
CA GLU C 372 27.17 42.74 13.13
C GLU C 372 26.04 41.81 13.48
N VAL C 373 26.33 40.51 13.39
CA VAL C 373 25.31 39.46 13.41
C VAL C 373 25.55 38.40 14.50
N HIS C 374 24.45 37.82 14.99
CA HIS C 374 24.53 36.48 15.57
C HIS C 374 23.20 35.69 15.55
N MET C 375 23.30 34.39 15.87
CA MET C 375 22.14 33.49 15.92
C MET C 375 21.07 34.10 16.82
N LEU C 376 19.83 34.04 16.32
CA LEU C 376 18.67 34.55 17.01
C LEU C 376 18.60 33.99 18.44
N GLN C 377 18.72 32.69 18.58
CA GLN C 377 18.86 32.06 19.89
C GLN C 377 19.83 30.88 19.73
N ASP C 378 20.10 30.19 20.85
CA ASP C 378 21.07 29.08 20.90
C ASP C 378 20.47 27.70 20.61
N GLY C 379 19.16 27.53 20.85
CA GLY C 379 18.50 26.22 20.70
C GLY C 379 17.45 26.15 19.61
N ILE C 380 17.75 26.74 18.46
CA ILE C 380 16.79 26.88 17.36
C ILE C 380 17.24 26.27 16.02
N ALA C 381 18.46 25.73 15.98
CA ALA C 381 19.05 25.24 14.74
C ALA C 381 20.11 24.16 14.95
N ARG C 382 20.36 23.36 13.93
CA ARG C 382 21.38 22.33 14.06
C ARG C 382 21.88 21.92 12.70
N LEU C 383 23.22 21.87 12.55
CA LEU C 383 23.86 21.51 11.28
C LEU C 383 23.99 19.98 11.22
N VAL C 384 23.49 19.36 10.15
CA VAL C 384 23.48 17.91 10.00
C VAL C 384 24.01 17.55 8.59
N GLY C 385 24.79 16.46 8.52
CA GLY C 385 25.28 15.91 7.26
C GLY C 385 24.42 14.74 6.81
N GLU C 386 23.86 14.83 5.61
CA GLU C 386 23.22 13.69 4.94
C GLU C 386 23.78 13.62 3.53
N GLY C 387 24.22 12.44 3.12
CA GLY C 387 24.66 12.21 1.74
C GLY C 387 25.54 13.32 1.21
N GLY C 388 26.65 13.58 1.90
CA GLY C 388 27.63 14.63 1.55
C GLY C 388 26.99 15.99 1.32
N HIS C 389 25.80 16.17 1.90
CA HIS C 389 25.01 17.37 1.75
C HIS C 389 24.86 17.92 3.16
N LEU C 390 24.80 19.25 3.24
CA LEU C 390 24.82 20.00 4.49
C LEU C 390 23.49 20.76 4.73
N PHE C 391 22.68 20.29 5.68
CA PHE C 391 21.35 20.87 5.91
C PHE C 391 21.26 21.45 7.31
N LEU C 392 20.67 22.64 7.40
CA LEU C 392 20.52 23.34 8.66
C LEU C 392 19.06 23.29 9.02
N TYR C 393 18.74 22.43 9.98
CA TYR C 393 17.39 22.19 10.42
C TYR C 393 17.17 23.20 11.47
N TYR C 394 15.98 23.80 11.49
CA TYR C 394 15.63 24.86 12.44
C TYR C 394 14.20 24.67 13.01
N THR C 395 13.85 25.42 14.06
CA THR C 395 12.57 25.26 14.79
C THR C 395 11.63 26.46 14.70
N VAL C 396 12.05 27.51 13.98
CA VAL C 396 11.39 28.83 14.10
C VAL C 396 10.05 28.81 13.37
N GLU C 397 9.80 27.82 12.53
CA GLU C 397 8.48 27.71 11.94
C GLU C 397 7.69 26.56 12.51
N ASN C 398 8.09 25.97 13.63
CA ASN C 398 7.30 24.85 14.15
C ASN C 398 5.99 25.38 14.65
N SER C 399 5.01 24.49 14.71
CA SER C 399 3.77 24.78 15.35
C SER C 399 3.89 24.42 16.81
N ARG C 400 2.88 24.82 17.56
CA ARG C 400 2.81 24.59 18.96
C ARG C 400 2.01 23.35 19.16
N VAL C 401 1.68 22.69 18.04
CA VAL C 401 1.19 21.32 18.11
C VAL C 401 2.19 20.27 17.55
N TYR C 402 2.50 19.28 18.40
CA TYR C 402 3.55 18.28 18.14
C TYR C 402 3.59 17.48 16.80
N HIS C 403 4.57 17.80 15.97
CA HIS C 403 4.79 17.16 14.67
C HIS C 403 3.67 17.55 13.69
N LEU C 404 2.96 18.65 13.97
CA LEU C 404 1.90 19.16 13.05
C LEU C 404 2.60 19.59 11.74
N GLU C 405 3.91 19.85 11.81
CA GLU C 405 4.74 20.25 10.66
C GLU C 405 5.88 19.26 10.42
N GLU C 406 6.35 19.20 9.16
CA GLU C 406 7.50 18.38 8.76
C GLU C 406 8.82 19.02 9.28
N PRO C 407 9.90 18.23 9.44
CA PRO C 407 11.17 18.82 9.91
C PRO C 407 11.69 19.83 8.88
N LYS C 408 11.87 21.08 9.30
CA LYS C 408 12.15 22.17 8.36
C LYS C 408 13.63 22.47 8.30
N CYS C 409 14.13 22.82 7.12
CA CYS C 409 15.56 23.01 7.01
C CYS C 409 15.94 23.81 5.78
N LEU C 410 17.19 24.26 5.73
CA LEU C 410 17.72 24.83 4.49
C LEU C 410 19.13 24.35 4.27
N GLU C 411 19.50 24.21 2.99
CA GLU C 411 20.82 23.69 2.59
C GLU C 411 21.92 24.76 2.68
N ILE C 412 22.88 24.48 3.55
CA ILE C 412 24.14 25.20 3.64
C ILE C 412 25.10 24.66 2.57
N TYR C 413 25.57 25.52 1.69
CA TYR C 413 26.49 25.11 0.64
C TYR C 413 27.86 25.15 1.32
N PRO C 414 28.84 24.32 0.86
CA PRO C 414 30.09 24.16 1.63
C PRO C 414 30.98 25.41 1.71
N GLN C 415 30.87 26.30 0.73
CA GLN C 415 31.59 27.58 0.78
C GLN C 415 31.11 28.38 2.02
N GLN C 416 29.86 28.20 2.41
CA GLN C 416 29.32 28.84 3.61
C GLN C 416 29.48 28.03 4.86
N ALA C 417 29.72 26.74 4.68
CA ALA C 417 29.82 25.77 5.78
C ALA C 417 30.55 26.24 7.06
N ASP C 418 31.82 26.58 6.90
CA ASP C 418 32.68 26.99 8.03
C ASP C 418 32.14 28.25 8.73
N ALA C 419 31.53 29.14 7.95
CA ALA C 419 30.91 30.35 8.48
C ALA C 419 29.68 30.04 9.35
N MET C 420 28.84 29.13 8.86
CA MET C 420 27.63 28.68 9.57
C MET C 420 28.04 28.04 10.89
N GLU C 421 29.08 27.21 10.79
CA GLU C 421 29.68 26.52 11.95
C GLU C 421 30.10 27.53 12.98
N LEU C 422 30.78 28.57 12.48
CA LEU C 422 31.30 29.60 13.34
C LEU C 422 30.18 30.20 14.18
N LEU C 423 29.11 30.62 13.51
CA LEU C 423 27.99 31.31 14.19
C LEU C 423 27.35 30.44 15.25
N LEU C 424 27.10 29.21 14.88
CA LEU C 424 26.49 28.27 15.79
C LEU C 424 27.33 28.11 17.04
N GLY C 425 28.64 28.06 16.83
CA GLY C 425 29.56 27.84 17.94
C GLY C 425 29.83 29.04 18.82
N SER C 426 29.42 30.23 18.38
CA SER C 426 29.91 31.48 18.97
C SER C 426 28.80 32.41 19.43
N TYR C 427 27.80 31.89 20.11
CA TYR C 427 26.66 32.73 20.50
C TYR C 427 26.75 32.91 21.99
N PRO C 428 26.45 34.10 22.54
CA PRO C 428 25.75 35.28 21.97
C PRO C 428 26.60 36.50 21.62
N GLU C 429 27.74 36.30 20.98
CA GLU C 429 28.64 37.41 20.69
C GLU C 429 28.69 37.66 19.20
N PHE C 430 28.76 38.94 18.83
CA PHE C 430 28.51 39.34 17.45
C PHE C 430 29.69 39.15 16.54
N VAL C 431 29.42 39.15 15.25
CA VAL C 431 30.47 38.92 14.27
C VAL C 431 30.11 39.78 13.08
N ARG C 432 31.11 40.46 12.54
CA ARG C 432 30.91 41.19 11.31
C ARG C 432 30.56 40.19 10.23
N VAL C 433 29.70 40.57 9.31
CA VAL C 433 29.43 39.74 8.14
C VAL C 433 30.71 39.65 7.29
N GLY C 434 31.46 40.75 7.29
CA GLY C 434 32.71 40.86 6.56
C GLY C 434 33.85 40.06 7.14
N ASP C 435 33.69 39.50 8.35
CA ASP C 435 34.72 38.64 8.95
C ASP C 435 34.45 37.11 8.83
N LEU C 436 33.26 36.72 8.34
CA LEU C 436 32.88 35.30 8.28
C LEU C 436 33.77 34.49 7.32
N PRO C 437 34.26 33.32 7.75
CA PRO C 437 35.14 32.47 6.92
C PRO C 437 34.48 31.92 5.64
N CYS C 438 34.36 32.77 4.63
CA CYS C 438 33.91 32.36 3.32
C CYS C 438 35.04 32.69 2.34
N ASP C 439 34.97 32.14 1.13
CA ASP C 439 35.95 32.49 0.11
C ASP C 439 35.68 33.94 -0.31
N SER C 440 34.48 34.21 -0.86
CA SER C 440 34.11 35.54 -1.40
C SER C 440 33.19 36.35 -0.45
N VAL C 441 32.86 37.56 -0.89
CA VAL C 441 31.96 38.46 -0.15
C VAL C 441 30.49 38.19 -0.49
N GLU C 442 30.22 37.76 -1.73
CA GLU C 442 28.88 37.31 -2.14
C GLU C 442 28.37 36.17 -1.21
N ASP C 443 29.25 35.22 -0.86
CA ASP C 443 28.91 34.10 0.07
C ASP C 443 28.59 34.66 1.47
N GLN C 444 29.49 35.49 1.98
CA GLN C 444 29.32 36.13 3.29
C GLN C 444 27.95 36.79 3.43
N LEU C 445 27.58 37.54 2.41
CA LEU C 445 26.34 38.25 2.42
C LEU C 445 25.18 37.28 2.28
N SER C 446 25.25 36.40 1.27
CA SER C 446 24.10 35.53 0.97
C SER C 446 23.80 34.63 2.17
N LEU C 447 24.82 34.11 2.85
CA LEU C 447 24.59 33.31 4.05
C LEU C 447 23.80 34.12 5.06
N ALA C 448 24.32 35.30 5.40
CA ALA C 448 23.71 36.12 6.47
C ALA C 448 22.31 36.62 6.12
N THR C 449 22.14 36.97 4.85
CA THR C 449 20.85 37.38 4.38
C THR C 449 19.93 36.18 4.57
N THR C 450 20.26 35.07 3.91
CA THR C 450 19.43 33.88 4.02
C THR C 450 19.03 33.59 5.46
N LEU C 451 19.96 33.72 6.38
CA LEU C 451 19.69 33.34 7.75
C LEU C 451 18.77 34.35 8.40
N TYR C 452 18.91 35.61 7.95
CA TYR C 452 18.19 36.72 8.53
C TYR C 452 16.74 36.64 8.16
N ASP C 453 16.47 36.51 6.85
CA ASP C 453 15.07 36.43 6.33
C ASP C 453 14.29 35.23 6.87
N LYS C 454 14.96 34.11 7.17
CA LYS C 454 14.31 32.92 7.75
C LYS C 454 14.04 33.04 9.24
N GLY C 455 14.46 34.15 9.84
CA GLY C 455 14.28 34.36 11.27
C GLY C 455 15.34 33.68 12.15
N LEU C 456 16.51 33.43 11.59
CA LEU C 456 17.51 32.64 12.31
C LEU C 456 18.65 33.48 12.85
N LEU C 457 18.67 34.76 12.48
CA LEU C 457 19.83 35.59 12.72
C LEU C 457 19.35 36.92 13.21
N LEU C 458 20.05 37.51 14.18
CA LEU C 458 19.81 38.95 14.55
C LEU C 458 21.03 39.90 14.35
N THR C 459 20.71 41.17 14.07
CA THR C 459 21.71 42.24 13.90
C THR C 459 21.95 43.03 15.22
N LYS C 460 23.13 43.61 15.40
CA LYS C 460 23.42 44.39 16.63
C LYS C 460 22.52 45.63 16.77
N MET C 461 22.33 46.33 15.65
CA MET C 461 21.33 47.39 15.53
C MET C 461 20.26 46.99 14.51
N PRO C 462 19.01 47.44 14.70
CA PRO C 462 18.00 47.11 13.71
C PRO C 462 18.43 47.65 12.37
N LEU C 463 18.15 46.90 11.30
CA LEU C 463 18.40 47.39 9.94
C LEU C 463 17.54 48.62 9.59
N ALA C 464 16.53 48.92 10.42
CA ALA C 464 15.77 50.19 10.35
C ALA C 464 14.90 50.45 11.61
N TRP D 6 -17.47 54.75 9.26
CA TRP D 6 -17.44 53.49 10.06
C TRP D 6 -18.68 52.63 9.73
N ASP D 7 -19.14 52.74 8.48
CA ASP D 7 -20.34 52.04 8.01
C ASP D 7 -20.27 51.95 6.48
N SER D 8 -20.86 50.88 5.91
CA SER D 8 -20.94 50.66 4.46
C SER D 8 -22.28 50.02 4.13
N PRO D 9 -22.63 50.02 2.83
CA PRO D 9 -23.81 49.23 2.45
C PRO D 9 -23.70 47.79 3.01
N LEU D 10 -22.48 47.28 2.94
CA LEU D 10 -22.14 45.94 3.33
C LEU D 10 -22.31 45.66 4.84
N ARG D 11 -21.85 46.60 5.68
CA ARG D 11 -22.00 46.50 7.15
C ARG D 11 -23.48 46.61 7.53
N ARG D 12 -24.23 47.32 6.67
CA ARG D 12 -25.68 47.43 6.82
C ARG D 12 -26.40 46.15 6.43
N VAL D 13 -26.11 45.64 5.25
CA VAL D 13 -26.71 44.35 4.82
C VAL D 13 -26.37 43.23 5.83
N LEU D 14 -25.16 43.28 6.38
CA LEU D 14 -24.77 42.35 7.39
C LEU D 14 -25.60 42.51 8.64
N ALA D 15 -25.76 43.77 9.08
CA ALA D 15 -26.57 44.11 10.28
C ALA D 15 -28.03 43.69 10.10
N GLU D 16 -28.46 43.78 8.83
CA GLU D 16 -29.76 43.33 8.37
C GLU D 16 -29.92 41.80 8.52
N LEU D 17 -28.94 41.06 7.96
CA LEU D 17 -29.00 39.59 7.99
C LEU D 17 -29.18 39.10 9.42
N ASN D 18 -28.54 39.80 10.33
CA ASN D 18 -28.60 39.45 11.73
C ASN D 18 -30.06 39.45 12.26
N ARG D 19 -30.88 40.35 11.70
CA ARG D 19 -32.26 40.52 12.15
C ARG D 19 -33.29 39.60 11.47
N ILE D 20 -32.96 39.06 10.29
CA ILE D 20 -33.88 38.14 9.57
C ILE D 20 -33.75 36.77 10.25
N PRO D 21 -34.86 36.20 10.74
CA PRO D 21 -34.74 34.91 11.45
C PRO D 21 -34.30 33.71 10.56
N SER D 22 -34.74 33.63 9.30
CA SER D 22 -34.48 32.43 8.45
C SER D 22 -33.15 32.46 7.66
N SER D 23 -32.34 31.40 7.87
CA SER D 23 -31.06 31.20 7.14
C SER D 23 -31.28 31.23 5.62
N ARG D 24 -32.36 30.54 5.22
CA ARG D 24 -32.82 30.54 3.80
C ARG D 24 -33.05 31.95 3.32
N ARG D 25 -33.80 32.73 4.11
CA ARG D 25 -34.11 34.10 3.72
C ARG D 25 -32.85 34.97 3.66
N ARG D 26 -32.02 34.81 4.71
CA ARG D 26 -30.68 35.44 4.81
C ARG D 26 -29.81 35.30 3.53
N ALA D 27 -29.72 34.05 3.04
CA ALA D 27 -28.88 33.77 1.90
C ALA D 27 -29.44 34.44 0.66
N ALA D 28 -30.77 34.31 0.50
CA ALA D 28 -31.48 34.94 -0.65
C ALA D 28 -31.22 36.42 -0.65
N ARG D 29 -31.41 37.03 0.53
CA ARG D 29 -31.17 38.44 0.67
C ARG D 29 -29.74 38.81 0.28
N LEU D 30 -28.75 38.12 0.87
CA LEU D 30 -27.37 38.50 0.61
C LEU D 30 -27.06 38.41 -0.88
N PHE D 31 -27.61 37.39 -1.54
CA PHE D 31 -27.31 37.23 -2.96
C PHE D 31 -27.89 38.41 -3.78
N GLU D 32 -29.06 38.87 -3.37
CA GLU D 32 -29.72 40.02 -4.00
C GLU D 32 -28.80 41.23 -3.92
N TRP D 33 -28.42 41.53 -2.67
CA TRP D 33 -27.42 42.55 -2.37
C TRP D 33 -26.22 42.42 -3.28
N LEU D 34 -25.63 41.22 -3.29
CA LEU D 34 -24.36 41.05 -3.99
C LEU D 34 -24.44 41.50 -5.44
N ILE D 35 -25.58 41.26 -6.09
CA ILE D 35 -25.72 41.60 -7.50
C ILE D 35 -26.56 42.84 -7.80
N ALA D 36 -27.17 43.45 -6.76
CA ALA D 36 -28.01 44.69 -6.90
C ALA D 36 -27.42 45.79 -7.86
N PRO D 37 -28.25 46.42 -8.72
CA PRO D 37 -29.75 46.34 -8.77
C PRO D 37 -30.38 45.16 -9.56
N MET D 38 -29.58 44.36 -10.26
CA MET D 38 -30.12 43.19 -10.97
C MET D 38 -30.95 42.24 -10.09
N PRO D 39 -32.13 41.82 -10.59
CA PRO D 39 -32.91 40.85 -9.81
C PRO D 39 -32.32 39.44 -9.94
N PRO D 40 -32.20 38.70 -8.82
CA PRO D 40 -31.71 37.32 -8.83
C PRO D 40 -32.34 36.51 -9.96
N ASP D 41 -33.67 36.41 -9.89
CA ASP D 41 -34.47 35.59 -10.80
C ASP D 41 -34.07 35.88 -12.28
N HIS D 42 -33.97 37.15 -12.66
CA HIS D 42 -33.46 37.43 -14.01
C HIS D 42 -32.06 36.79 -14.18
N PHE D 43 -31.14 37.07 -13.24
CA PHE D 43 -29.74 36.61 -13.35
C PHE D 43 -29.63 35.07 -13.53
N TYR D 44 -30.29 34.33 -12.64
CA TYR D 44 -30.27 32.87 -12.70
C TYR D 44 -30.95 32.27 -13.94
N ARG D 45 -32.06 32.85 -14.40
CA ARG D 45 -32.74 32.33 -15.58
C ARG D 45 -32.05 32.68 -16.92
N ARG D 46 -31.31 33.77 -17.05
CA ARG D 46 -30.80 34.13 -18.39
C ARG D 46 -29.29 34.36 -18.49
N LEU D 47 -28.64 34.67 -17.38
CA LEU D 47 -27.26 35.17 -17.42
C LEU D 47 -26.23 34.15 -16.91
N TRP D 48 -26.58 33.58 -15.76
CA TRP D 48 -25.87 32.49 -15.11
C TRP D 48 -25.56 31.31 -16.01
N GLU D 49 -24.28 30.98 -16.08
CA GLU D 49 -23.77 29.93 -16.97
C GLU D 49 -23.84 30.28 -18.44
N ARG D 50 -24.46 31.42 -18.84
CA ARG D 50 -24.47 31.77 -20.29
C ARG D 50 -23.74 33.06 -20.61
N GLU D 51 -23.90 34.06 -19.74
CA GLU D 51 -23.49 35.44 -20.06
C GLU D 51 -22.47 35.97 -19.06
N ALA D 52 -21.47 36.69 -19.58
CA ALA D 52 -20.62 37.60 -18.78
C ALA D 52 -21.45 38.83 -18.32
N VAL D 53 -21.33 39.18 -17.04
CA VAL D 53 -22.15 40.23 -16.42
C VAL D 53 -21.29 41.24 -15.65
N LEU D 54 -21.46 42.54 -15.98
CA LEU D 54 -20.83 43.69 -15.24
C LEU D 54 -21.88 44.51 -14.51
N VAL D 55 -21.71 44.69 -13.21
CA VAL D 55 -22.62 45.52 -12.42
C VAL D 55 -21.80 46.73 -11.98
N ARG D 56 -21.88 47.81 -12.77
CA ARG D 56 -21.39 49.16 -12.36
C ARG D 56 -22.16 49.64 -11.14
N ARG D 57 -21.52 49.55 -9.98
CA ARG D 57 -22.19 49.91 -8.74
C ARG D 57 -22.46 51.41 -8.63
N GLN D 58 -21.54 52.25 -9.12
CA GLN D 58 -21.52 53.69 -8.80
C GLN D 58 -21.48 53.89 -7.28
N ASP D 59 -20.49 53.28 -6.63
CA ASP D 59 -20.42 53.32 -5.16
C ASP D 59 -18.96 52.87 -5.09
N HIS D 60 -18.25 53.35 -4.08
CA HIS D 60 -16.84 53.05 -3.93
C HIS D 60 -16.80 52.43 -2.52
N THR D 61 -17.88 52.55 -1.78
CA THR D 61 -17.93 52.07 -0.41
C THR D 61 -18.79 50.82 -0.26
N TYR D 62 -19.12 50.18 -1.38
CA TYR D 62 -20.09 49.08 -1.42
C TYR D 62 -19.62 47.91 -0.54
N TYR D 63 -18.40 47.41 -0.82
CA TYR D 63 -17.83 46.28 -0.05
C TYR D 63 -16.87 46.67 1.10
N GLN D 64 -16.92 47.89 1.62
CA GLN D 64 -16.08 48.25 2.78
C GLN D 64 -16.45 47.45 4.03
N GLY D 65 -15.47 46.79 4.64
CA GLY D 65 -15.68 45.95 5.85
C GLY D 65 -15.58 44.46 5.59
N LEU D 66 -15.37 44.11 4.30
CA LEU D 66 -15.23 42.72 3.86
C LEU D 66 -13.79 42.31 4.07
N PHE D 67 -12.92 42.93 3.27
CA PHE D 67 -11.52 42.61 3.26
C PHE D 67 -10.75 43.73 2.58
N SER D 68 -9.52 43.93 3.02
CA SER D 68 -8.68 45.06 2.58
C SER D 68 -7.20 44.72 2.69
N THR D 69 -6.38 45.40 1.91
CA THR D 69 -4.97 45.13 1.99
C THR D 69 -4.43 45.24 3.41
N ALA D 70 -5.01 46.13 4.21
CA ALA D 70 -4.60 46.21 5.60
C ALA D 70 -4.85 44.87 6.28
N ASP D 71 -6.00 44.26 6.01
CA ASP D 71 -6.34 42.97 6.61
C ASP D 71 -5.24 41.92 6.33
N LEU D 72 -4.72 41.94 5.10
CA LEU D 72 -3.75 40.98 4.66
C LEU D 72 -2.49 41.21 5.47
N ASP D 73 -2.03 42.46 5.49
CA ASP D 73 -0.77 42.86 6.15
C ASP D 73 -0.74 42.46 7.65
N SER D 74 -1.83 42.66 8.40
CA SER D 74 -1.93 42.10 9.78
C SER D 74 -1.94 40.57 9.80
N MET D 75 -2.49 39.98 8.74
CA MET D 75 -2.53 38.53 8.60
C MET D 75 -1.11 37.90 8.47
N LEU D 76 -0.32 38.43 7.53
CA LEU D 76 1.08 38.04 7.40
C LEU D 76 1.88 38.20 8.71
N ARG D 77 1.47 39.14 9.55
CA ARG D 77 2.23 39.52 10.74
C ARG D 77 1.78 38.70 11.95
N ASN D 78 0.50 38.40 12.08
CA ASN D 78 -0.03 37.75 13.29
C ASN D 78 -0.56 36.32 13.12
N GLU D 79 -0.59 35.82 11.88
CA GLU D 79 -1.04 34.45 11.58
C GLU D 79 0.02 33.69 10.80
N GLU D 80 0.14 32.39 10.98
CA GLU D 80 1.14 31.66 10.24
C GLU D 80 0.68 31.38 8.81
N VAL D 81 0.98 32.35 7.96
CA VAL D 81 0.74 32.26 6.54
C VAL D 81 2.00 31.72 5.84
N GLN D 82 1.81 30.62 5.09
CA GLN D 82 2.86 29.94 4.34
C GLN D 82 2.73 30.23 2.86
N PHE D 83 3.86 30.41 2.18
CA PHE D 83 3.88 30.37 0.73
C PHE D 83 3.53 29.00 0.19
N GLY D 84 2.82 28.97 -0.92
CA GLY D 84 2.24 27.73 -1.44
C GLY D 84 1.07 26.97 -0.81
N GLN D 85 0.66 27.36 0.38
CA GLN D 85 -0.26 26.56 1.17
C GLN D 85 -1.27 27.67 1.17
N HIS D 86 -0.91 28.82 1.75
CA HIS D 86 -1.82 29.98 1.91
C HIS D 86 -1.64 31.21 1.02
N LEU D 87 -0.43 31.48 0.51
CA LEU D 87 -0.20 32.69 -0.28
C LEU D 87 0.68 32.45 -1.50
N ASP D 88 0.34 33.07 -2.64
CA ASP D 88 1.13 32.90 -3.85
C ASP D 88 1.77 34.21 -4.24
N ALA D 89 2.83 34.15 -5.04
CA ALA D 89 3.53 35.33 -5.55
C ALA D 89 3.84 35.17 -7.01
N ALA D 90 3.19 35.99 -7.85
CA ALA D 90 3.10 35.67 -9.26
C ALA D 90 3.35 36.81 -10.24
N ARG D 91 3.92 36.44 -11.36
CA ARG D 91 4.27 37.39 -12.39
C ARG D 91 4.07 36.91 -13.81
N TYR D 92 3.33 37.70 -14.58
CA TYR D 92 3.21 37.50 -16.02
C TYR D 92 3.96 38.65 -16.65
N ILE D 93 5.00 38.34 -17.44
CA ILE D 93 5.75 39.33 -18.25
C ILE D 93 6.33 38.68 -19.51
N ASN D 94 6.21 39.42 -20.64
CA ASN D 94 6.55 38.91 -21.97
C ASN D 94 5.92 37.56 -22.18
N GLY D 95 4.58 37.53 -22.18
CA GLY D 95 3.81 36.30 -22.39
C GLY D 95 4.33 35.08 -21.64
N ARG D 96 4.77 35.30 -20.40
CA ARG D 96 5.34 34.22 -19.59
C ARG D 96 5.18 34.44 -18.07
N ARG D 97 4.42 33.52 -17.47
CA ARG D 97 4.11 33.55 -16.05
C ARG D 97 5.05 32.63 -15.28
N GLU D 98 5.44 33.05 -14.09
CA GLU D 98 6.26 32.24 -13.19
C GLU D 98 6.09 32.62 -11.74
N THR D 99 5.79 31.62 -10.91
CA THR D 99 5.66 31.77 -9.47
C THR D 99 7.03 32.08 -8.83
N LEU D 100 7.00 32.88 -7.77
CA LEU D 100 8.22 33.28 -7.07
C LEU D 100 8.11 33.11 -5.56
N ASN D 101 7.25 32.22 -5.11
CA ASN D 101 7.16 31.97 -3.67
C ASN D 101 8.48 31.37 -3.15
N PRO D 102 9.16 32.07 -2.22
CA PRO D 102 10.20 31.33 -1.50
C PRO D 102 9.50 30.34 -0.58
N PRO D 103 10.20 29.25 -0.24
CA PRO D 103 9.56 28.25 0.61
C PRO D 103 9.43 28.77 2.02
N GLY D 104 8.39 28.34 2.73
CA GLY D 104 8.31 28.56 4.18
C GLY D 104 7.41 29.71 4.49
N ARG D 105 7.58 30.35 5.66
CA ARG D 105 6.61 31.37 6.12
C ARG D 105 6.61 32.59 5.23
N ALA D 106 5.47 33.25 5.15
CA ALA D 106 5.36 34.43 4.31
C ALA D 106 5.28 35.61 5.25
N LEU D 107 6.45 36.20 5.47
CA LEU D 107 6.57 37.35 6.33
C LEU D 107 6.33 38.61 5.52
N PRO D 108 5.74 39.64 6.18
CA PRO D 108 5.54 40.96 5.59
C PRO D 108 6.76 41.38 4.76
N ALA D 109 7.94 41.27 5.39
CA ALA D 109 9.20 41.64 4.79
C ALA D 109 9.36 40.99 3.41
N ALA D 110 9.10 39.68 3.38
CA ALA D 110 9.23 38.93 2.15
C ALA D 110 8.11 39.35 1.25
N ALA D 111 6.89 39.32 1.76
CA ALA D 111 5.71 39.61 0.94
C ALA D 111 5.89 40.93 0.19
N TRP D 112 6.06 41.99 0.97
CA TRP D 112 6.11 43.35 0.41
C TRP D 112 7.27 43.59 -0.52
N SER D 113 8.35 42.84 -0.36
CA SER D 113 9.47 42.91 -1.29
C SER D 113 9.03 42.40 -2.66
N LEU D 114 8.17 41.37 -2.62
CA LEU D 114 7.66 40.75 -3.86
C LEU D 114 6.70 41.70 -4.56
N TYR D 115 5.80 42.31 -3.80
CA TYR D 115 4.99 43.42 -4.33
C TYR D 115 5.90 44.43 -5.02
N GLN D 116 6.90 44.93 -4.30
CA GLN D 116 7.73 46.02 -4.84
C GLN D 116 8.50 45.60 -6.09
N ALA D 117 8.78 44.30 -6.26
CA ALA D 117 9.39 43.76 -7.49
C ALA D 117 8.38 43.55 -8.64
N GLY D 118 7.09 43.74 -8.33
CA GLY D 118 6.05 43.62 -9.34
C GLY D 118 5.44 42.24 -9.40
N CYS D 119 5.32 41.58 -8.24
CA CYS D 119 4.66 40.30 -8.09
C CYS D 119 3.30 40.58 -7.49
N SER D 120 2.26 39.91 -7.98
CA SER D 120 0.96 40.01 -7.33
C SER D 120 0.97 39.06 -6.16
N LEU D 121 0.11 39.29 -5.19
CA LEU D 121 -0.06 38.34 -4.11
C LEU D 121 -1.47 37.75 -4.18
N ARG D 122 -1.60 36.44 -3.94
CA ARG D 122 -2.88 35.74 -3.98
C ARG D 122 -3.08 34.94 -2.72
N LEU D 123 -4.15 35.18 -1.99
CA LEU D 123 -4.39 34.51 -0.71
C LEU D 123 -5.45 33.44 -0.90
N LEU D 124 -5.09 32.17 -0.73
CA LEU D 124 -5.88 31.02 -1.22
C LEU D 124 -7.08 30.69 -0.33
N CYS D 125 -7.02 31.08 0.93
CA CYS D 125 -8.14 30.76 1.81
C CYS D 125 -8.37 31.98 2.73
N PRO D 126 -8.89 33.06 2.13
CA PRO D 126 -9.30 34.26 2.87
C PRO D 126 -10.25 33.93 4.02
N GLN D 127 -11.12 32.96 3.81
CA GLN D 127 -12.13 32.65 4.82
C GLN D 127 -11.57 31.99 6.08
N ALA D 128 -10.33 31.50 6.03
CA ALA D 128 -9.68 30.86 7.23
C ALA D 128 -9.31 31.90 8.29
N PHE D 129 -8.86 33.07 7.79
CA PHE D 129 -8.21 34.14 8.56
C PHE D 129 -9.05 35.42 8.80
N SER D 130 -10.24 35.51 8.22
CA SER D 130 -11.10 36.71 8.28
C SER D 130 -12.51 36.27 8.52
N THR D 131 -13.17 36.77 9.57
CA THR D 131 -14.51 36.26 9.91
C THR D 131 -15.63 36.87 9.00
N THR D 132 -15.30 37.97 8.35
CA THR D 132 -16.25 38.62 7.44
C THR D 132 -16.31 37.87 6.11
N VAL D 133 -15.18 37.34 5.67
CA VAL D 133 -15.22 36.50 4.46
C VAL D 133 -15.88 35.15 4.78
N TRP D 134 -15.59 34.64 5.96
CA TRP D 134 -16.22 33.45 6.40
C TRP D 134 -17.70 33.65 6.28
N GLN D 135 -18.25 34.64 6.97
CA GLN D 135 -19.71 34.81 7.02
C GLN D 135 -20.29 34.97 5.62
N PHE D 136 -19.64 35.80 4.81
CA PHE D 136 -20.08 36.05 3.44
C PHE D 136 -20.33 34.71 2.76
N LEU D 137 -19.26 33.90 2.69
CA LEU D 137 -19.23 32.62 1.99
C LEU D 137 -20.18 31.64 2.65
N ALA D 138 -20.18 31.60 3.97
CA ALA D 138 -21.04 30.68 4.70
C ALA D 138 -22.51 30.92 4.42
N VAL D 139 -22.88 32.17 4.12
CA VAL D 139 -24.27 32.47 3.89
C VAL D 139 -24.56 32.10 2.43
N LEU D 140 -23.79 32.63 1.50
CA LEU D 140 -24.04 32.41 0.07
C LEU D 140 -24.08 30.95 -0.41
N GLN D 141 -23.30 30.11 0.26
CA GLN D 141 -23.20 28.67 -0.06
C GLN D 141 -24.60 28.04 0.14
N GLU D 142 -25.36 28.54 1.12
CA GLU D 142 -26.70 28.04 1.39
C GLU D 142 -27.65 28.26 0.19
N GLN D 143 -27.45 29.27 -0.65
CA GLN D 143 -28.34 29.48 -1.80
C GLN D 143 -27.70 28.98 -3.07
N PHE D 144 -26.44 28.59 -3.03
CA PHE D 144 -25.80 28.03 -4.19
C PHE D 144 -25.98 26.50 -4.24
N GLY D 145 -26.29 25.88 -3.11
CA GLY D 145 -26.29 24.41 -3.00
C GLY D 145 -24.99 23.76 -3.51
N SER D 146 -23.89 24.54 -3.45
CA SER D 146 -22.55 24.14 -3.84
C SER D 146 -21.60 25.05 -3.06
N MET D 147 -20.59 24.46 -2.45
CA MET D 147 -19.53 25.19 -1.79
C MET D 147 -19.01 26.44 -2.53
N ALA D 148 -18.96 27.54 -1.80
CA ALA D 148 -18.33 28.76 -2.29
C ALA D 148 -17.04 29.07 -1.55
N GLY D 149 -15.96 29.19 -2.32
CA GLY D 149 -14.67 29.55 -1.79
C GLY D 149 -14.23 30.77 -2.56
N SER D 150 -13.12 31.37 -2.12
CA SER D 150 -12.66 32.65 -2.62
C SER D 150 -11.16 32.71 -2.70
N ASN D 151 -10.68 33.50 -3.65
CA ASN D 151 -9.29 33.94 -3.68
C ASN D 151 -9.15 35.47 -3.71
N VAL D 152 -8.21 36.02 -2.95
CA VAL D 152 -8.01 37.47 -2.91
C VAL D 152 -6.77 37.85 -3.68
N TYR D 153 -6.92 38.78 -4.61
CA TYR D 153 -5.85 39.08 -5.55
C TYR D 153 -5.37 40.52 -5.45
N LEU D 154 -4.10 40.67 -5.11
CA LEU D 154 -3.50 41.98 -4.88
C LEU D 154 -2.46 42.23 -5.92
N THR D 155 -2.75 43.05 -6.91
CA THR D 155 -1.77 43.26 -7.97
C THR D 155 -1.13 44.66 -7.92
N PRO D 156 0.22 44.72 -8.05
CA PRO D 156 0.87 46.03 -8.00
C PRO D 156 0.69 46.82 -9.31
N PRO D 157 0.95 48.14 -9.24
CA PRO D 157 0.93 49.01 -10.39
C PRO D 157 1.79 48.53 -11.55
N ASN D 158 1.31 48.77 -12.77
CA ASN D 158 2.06 48.63 -14.05
C ASN D 158 2.48 47.20 -14.43
N SER D 159 1.57 46.24 -14.22
CA SER D 159 1.90 44.80 -14.25
C SER D 159 0.67 43.92 -14.33
N GLN D 160 0.86 42.75 -14.94
CA GLN D 160 -0.09 41.65 -14.92
C GLN D 160 0.51 40.51 -14.05
N GLY D 161 -0.27 40.01 -13.10
CA GLY D 161 0.14 38.84 -12.31
C GLY D 161 0.07 37.52 -13.08
N PHE D 162 -1.07 37.33 -13.77
CA PHE D 162 -1.50 36.03 -14.27
C PHE D 162 -1.70 36.01 -15.77
N ALA D 163 -1.81 34.82 -16.34
CA ALA D 163 -1.93 34.69 -17.79
C ALA D 163 -3.40 34.59 -18.21
N PRO D 164 -3.70 34.82 -19.51
CA PRO D 164 -5.09 34.55 -19.92
C PRO D 164 -5.42 33.03 -19.84
N HIS D 165 -6.63 32.70 -19.37
CA HIS D 165 -7.01 31.33 -18.98
C HIS D 165 -8.49 31.25 -18.55
N TYR D 166 -9.12 30.07 -18.63
CA TYR D 166 -10.39 29.84 -17.92
C TYR D 166 -10.23 29.01 -16.67
N ASP D 167 -11.25 29.07 -15.83
CA ASP D 167 -11.38 28.25 -14.63
C ASP D 167 -12.58 27.27 -14.69
N ASP D 168 -12.66 26.44 -13.66
CA ASP D 168 -13.61 25.34 -13.60
C ASP D 168 -14.70 25.69 -12.63
N ILE D 169 -14.88 26.98 -12.37
CA ILE D 169 -15.91 27.42 -11.46
C ILE D 169 -16.65 28.68 -11.97
N GLU D 170 -17.81 28.95 -11.38
CA GLU D 170 -18.56 30.12 -11.72
C GLU D 170 -17.92 31.28 -10.95
N ALA D 171 -17.40 32.27 -11.67
CA ALA D 171 -16.62 33.33 -11.01
C ALA D 171 -17.43 34.63 -10.69
N PHE D 172 -17.44 35.06 -9.43
CA PHE D 172 -17.85 36.44 -9.08
C PHE D 172 -16.72 37.37 -8.58
N VAL D 173 -16.21 38.23 -9.46
CA VAL D 173 -15.13 39.15 -9.11
C VAL D 173 -15.66 40.42 -8.43
N LEU D 174 -15.35 40.56 -7.13
CA LEU D 174 -15.64 41.76 -6.32
C LEU D 174 -14.41 42.70 -6.29
N GLN D 175 -14.49 43.82 -7.00
CA GLN D 175 -13.39 44.81 -6.95
C GLN D 175 -13.38 45.54 -5.60
N LEU D 176 -12.23 45.53 -4.92
CA LEU D 176 -12.17 45.93 -3.49
C LEU D 176 -11.37 47.24 -3.22
N GLU D 177 -10.35 47.51 -4.03
CA GLU D 177 -9.56 48.70 -3.89
C GLU D 177 -8.82 48.86 -5.19
N GLY D 178 -8.62 50.10 -5.62
CA GLY D 178 -7.85 50.34 -6.83
C GLY D 178 -8.73 50.19 -8.06
N ARG D 179 -8.07 49.86 -9.18
CA ARG D 179 -8.69 49.65 -10.50
C ARG D 179 -7.93 48.60 -11.27
N LYS D 180 -8.63 47.85 -12.13
N LYS D 180 -8.63 47.82 -12.10
CA LYS D 180 -8.01 46.85 -13.00
CA LYS D 180 -7.98 46.86 -13.00
C LYS D 180 -8.70 46.78 -14.37
C LYS D 180 -8.69 46.77 -14.36
N LEU D 181 -7.89 46.71 -15.42
CA LEU D 181 -8.42 46.47 -16.77
C LEU D 181 -8.62 44.97 -17.02
N TRP D 182 -9.88 44.58 -17.18
CA TRP D 182 -10.30 43.20 -17.37
C TRP D 182 -10.75 42.94 -18.78
N ARG D 183 -10.24 41.87 -19.35
CA ARG D 183 -10.77 41.34 -20.59
C ARG D 183 -11.30 39.92 -20.40
N VAL D 184 -12.52 39.72 -20.86
CA VAL D 184 -13.23 38.48 -20.71
C VAL D 184 -13.66 38.13 -22.11
N TYR D 185 -13.63 36.83 -22.44
CA TYR D 185 -13.99 36.36 -23.77
C TYR D 185 -15.12 35.32 -23.71
N ARG D 186 -15.69 35.06 -24.87
CA ARG D 186 -16.60 33.96 -25.08
C ARG D 186 -15.73 32.69 -25.17
N PRO D 187 -16.32 31.53 -24.87
CA PRO D 187 -15.59 30.29 -25.19
C PRO D 187 -15.19 30.21 -26.68
N ARG D 188 -13.96 29.78 -26.94
CA ARG D 188 -13.46 29.75 -28.34
C ARG D 188 -14.13 28.66 -29.22
N VAL D 189 -14.62 27.60 -28.59
CA VAL D 189 -15.30 26.50 -29.30
C VAL D 189 -16.42 25.82 -28.45
N PRO D 190 -17.30 25.02 -29.10
CA PRO D 190 -18.33 24.37 -28.28
C PRO D 190 -17.77 23.65 -27.02
N THR D 191 -16.70 22.85 -27.16
CA THR D 191 -16.16 22.03 -26.03
C THR D 191 -15.56 22.84 -24.88
N GLU D 192 -15.32 24.13 -25.10
CA GLU D 192 -14.89 25.00 -24.00
C GLU D 192 -16.08 25.63 -23.22
N GLU D 193 -17.27 25.65 -23.83
CA GLU D 193 -18.43 26.15 -23.11
C GLU D 193 -18.62 25.27 -21.86
N LEU D 194 -18.77 25.89 -20.69
CA LEU D 194 -18.96 25.19 -19.44
C LEU D 194 -17.94 24.08 -19.22
N ALA D 195 -16.72 24.38 -19.65
CA ALA D 195 -15.50 23.60 -19.35
C ALA D 195 -15.45 22.96 -17.95
N LEU D 196 -14.98 21.69 -17.92
CA LEU D 196 -14.99 20.80 -16.72
C LEU D 196 -13.76 20.94 -15.82
N THR D 197 -12.67 21.38 -16.43
CA THR D 197 -11.39 21.59 -15.74
C THR D 197 -10.65 22.81 -16.28
N SER D 198 -9.94 23.49 -15.37
CA SER D 198 -9.17 24.70 -15.68
C SER D 198 -8.25 24.56 -16.90
N SER D 199 -8.16 25.61 -17.70
CA SER D 199 -7.31 25.59 -18.89
C SER D 199 -5.82 25.75 -18.58
N PRO D 200 -4.98 25.34 -19.52
CA PRO D 200 -3.61 25.79 -19.38
C PRO D 200 -3.57 27.33 -19.53
N ASN D 201 -2.58 27.96 -18.94
CA ASN D 201 -2.22 29.32 -19.26
C ASN D 201 -2.05 29.48 -20.77
N PHE D 202 -2.78 30.45 -21.36
CA PHE D 202 -2.78 30.70 -22.83
C PHE D 202 -1.81 31.81 -23.23
N SER D 203 -1.64 32.00 -24.54
CA SER D 203 -0.93 33.16 -25.08
C SER D 203 -1.93 34.02 -25.85
N GLN D 204 -1.53 35.26 -26.19
CA GLN D 204 -2.45 36.27 -26.74
C GLN D 204 -2.89 35.95 -28.18
N ASP D 205 -2.03 35.25 -28.92
CA ASP D 205 -2.35 34.68 -30.25
C ASP D 205 -3.58 33.76 -30.17
N ASP D 206 -3.62 32.97 -29.09
CA ASP D 206 -4.65 31.94 -28.84
C ASP D 206 -6.06 32.52 -28.59
N LEU D 207 -6.16 33.84 -28.40
CA LEU D 207 -7.43 34.51 -28.08
C LEU D 207 -8.08 35.12 -29.32
N GLY D 208 -9.40 35.34 -29.20
CA GLY D 208 -10.16 36.15 -30.15
C GLY D 208 -10.43 37.53 -29.57
N GLU D 209 -11.61 38.05 -29.86
CA GLU D 209 -12.02 39.36 -29.39
C GLU D 209 -12.66 39.21 -28.02
N PRO D 210 -12.50 40.21 -27.14
CA PRO D 210 -13.23 40.18 -25.86
C PRO D 210 -14.70 40.48 -26.11
N VAL D 211 -15.56 39.82 -25.34
CA VAL D 211 -16.98 40.13 -25.31
C VAL D 211 -17.20 41.30 -24.35
N LEU D 212 -16.30 41.44 -23.38
CA LEU D 212 -16.41 42.52 -22.40
C LEU D 212 -15.01 43.01 -22.01
N GLN D 213 -14.74 44.29 -22.25
CA GLN D 213 -13.45 44.93 -21.86
C GLN D 213 -13.74 46.20 -21.09
N THR D 214 -13.26 46.25 -19.86
CA THR D 214 -13.70 47.27 -18.92
C THR D 214 -12.67 47.49 -17.83
N VAL D 215 -12.66 48.70 -17.27
CA VAL D 215 -11.85 49.03 -16.10
C VAL D 215 -12.80 48.92 -14.91
N LEU D 216 -12.60 47.89 -14.11
CA LEU D 216 -13.36 47.76 -12.88
C LEU D 216 -12.95 48.84 -11.89
N GLU D 217 -13.82 49.11 -10.93
CA GLU D 217 -13.53 50.01 -9.79
C GLU D 217 -14.24 49.53 -8.50
N PRO D 218 -13.72 49.97 -7.32
CA PRO D 218 -14.26 49.48 -6.06
C PRO D 218 -15.76 49.49 -6.04
N GLY D 219 -16.36 48.40 -5.56
CA GLY D 219 -17.81 48.24 -5.55
C GLY D 219 -18.33 47.47 -6.74
N ASP D 220 -17.69 47.64 -7.91
CA ASP D 220 -18.07 46.88 -9.10
C ASP D 220 -17.96 45.38 -8.91
N LEU D 221 -18.80 44.65 -9.65
CA LEU D 221 -18.84 43.19 -9.67
C LEU D 221 -18.73 42.74 -11.12
N LEU D 222 -18.04 41.62 -11.33
CA LEU D 222 -17.86 41.08 -12.66
C LEU D 222 -18.01 39.58 -12.54
N TYR D 223 -18.95 39.01 -13.28
CA TYR D 223 -19.25 37.58 -13.22
C TYR D 223 -19.04 36.92 -14.58
N PHE D 224 -18.48 35.72 -14.60
CA PHE D 224 -18.40 34.98 -15.84
C PHE D 224 -18.34 33.49 -15.60
N PRO D 225 -19.06 32.70 -16.43
CA PRO D 225 -19.07 31.26 -16.26
C PRO D 225 -17.73 30.64 -16.48
N ARG D 226 -17.58 29.44 -15.96
CA ARG D 226 -16.44 28.59 -16.24
C ARG D 226 -16.33 28.43 -17.71
N GLY D 227 -15.12 28.43 -18.22
CA GLY D 227 -14.92 28.35 -19.67
C GLY D 227 -14.61 29.67 -20.35
N PHE D 228 -15.14 30.76 -19.76
CA PHE D 228 -14.86 32.13 -20.24
C PHE D 228 -13.40 32.51 -19.87
N ILE D 229 -12.58 32.58 -20.91
CA ILE D 229 -11.19 33.01 -20.72
C ILE D 229 -11.13 34.44 -20.20
N HIS D 230 -10.14 34.73 -19.37
CA HIS D 230 -10.03 36.08 -18.86
C HIS D 230 -8.60 36.47 -18.48
N GLN D 231 -8.29 37.75 -18.69
CA GLN D 231 -7.11 38.38 -18.08
C GLN D 231 -7.39 39.74 -17.43
N ALA D 232 -6.40 40.27 -16.72
CA ALA D 232 -6.59 41.49 -15.95
C ALA D 232 -5.25 42.13 -15.63
N GLU D 233 -5.12 43.43 -15.94
CA GLU D 233 -3.93 44.21 -15.58
C GLU D 233 -4.24 45.51 -14.87
N CYS D 234 -3.23 46.00 -14.15
CA CYS D 234 -3.23 47.32 -13.50
C CYS D 234 -2.51 48.28 -14.46
N GLN D 235 -3.01 49.52 -14.58
CA GLN D 235 -2.57 50.44 -15.66
C GLN D 235 -1.66 51.64 -15.29
N ASP D 236 -2.22 52.62 -14.58
CA ASP D 236 -1.51 53.86 -14.22
C ASP D 236 -1.29 54.13 -12.74
N GLY D 237 -0.23 53.58 -12.16
CA GLY D 237 0.24 53.97 -10.81
C GLY D 237 -0.86 53.84 -9.75
N VAL D 238 -1.91 53.04 -10.01
CA VAL D 238 -2.75 52.57 -8.93
C VAL D 238 -2.70 51.04 -8.98
N HIS D 239 -3.11 50.42 -7.87
CA HIS D 239 -3.06 48.97 -7.69
C HIS D 239 -4.47 48.36 -7.77
N SER D 240 -4.53 47.04 -7.76
CA SER D 240 -5.81 46.39 -7.60
C SER D 240 -5.85 45.56 -6.33
N LEU D 241 -7.00 45.55 -5.68
CA LEU D 241 -7.34 44.51 -4.75
C LEU D 241 -8.69 43.92 -5.19
N HIS D 242 -8.79 42.61 -5.41
CA HIS D 242 -10.11 41.98 -5.60
C HIS D 242 -10.31 40.61 -4.99
N LEU D 243 -11.53 40.37 -4.55
CA LEU D 243 -11.91 39.07 -4.06
C LEU D 243 -12.77 38.41 -5.12
N THR D 244 -12.36 37.27 -5.66
CA THR D 244 -13.23 36.52 -6.57
C THR D 244 -13.79 35.36 -5.83
N LEU D 245 -15.10 35.23 -5.95
CA LEU D 245 -15.89 34.25 -5.25
C LEU D 245 -16.12 33.18 -6.33
N SER D 246 -15.91 31.92 -5.95
CA SER D 246 -16.10 30.78 -6.84
C SER D 246 -17.00 29.70 -6.23
N THR D 247 -17.74 29.04 -7.12
CA THR D 247 -18.61 27.94 -6.74
C THR D 247 -18.93 27.11 -7.98
N TYR D 248 -19.75 26.07 -7.76
CA TYR D 248 -20.19 25.15 -8.83
C TYR D 248 -19.04 24.33 -9.45
N GLN D 249 -18.25 23.71 -8.58
CA GLN D 249 -17.17 22.85 -9.02
C GLN D 249 -17.67 21.44 -9.06
N ARG D 250 -17.61 20.84 -10.26
CA ARG D 250 -18.04 19.47 -10.47
C ARG D 250 -19.45 19.28 -9.91
N ASN D 251 -20.36 20.13 -10.39
CA ASN D 251 -21.74 20.06 -9.97
C ASN D 251 -22.70 19.94 -11.15
N THR D 252 -22.28 19.17 -12.17
CA THR D 252 -23.00 19.04 -13.43
C THR D 252 -23.99 17.85 -13.46
N TRP D 253 -24.85 17.85 -14.48
CA TRP D 253 -25.75 16.75 -14.73
C TRP D 253 -24.89 15.50 -14.96
N GLY D 254 -23.81 15.70 -15.68
CA GLY D 254 -22.84 14.65 -15.96
C GLY D 254 -22.33 14.00 -14.69
N ASP D 255 -22.02 14.82 -13.68
CA ASP D 255 -21.47 14.28 -12.43
C ASP D 255 -22.58 13.56 -11.74
N PHE D 256 -23.83 13.94 -12.03
CA PHE D 256 -24.92 13.23 -11.37
C PHE D 256 -24.98 11.83 -11.97
N LEU D 257 -24.87 11.74 -13.28
CA LEU D 257 -25.05 10.47 -13.94
C LEU D 257 -23.92 9.53 -13.53
N GLU D 258 -22.70 10.04 -13.53
CA GLU D 258 -21.52 9.27 -13.12
C GLU D 258 -21.76 8.45 -11.90
N ALA D 259 -22.48 8.99 -10.93
CA ALA D 259 -22.80 8.27 -9.71
C ALA D 259 -24.02 7.33 -9.80
N ILE D 260 -24.99 7.74 -10.60
CA ILE D 260 -26.23 6.99 -10.82
C ILE D 260 -25.97 5.70 -11.60
N LEU D 261 -25.05 5.72 -12.56
CA LEU D 261 -25.01 4.61 -13.53
C LEU D 261 -24.57 3.26 -12.99
N PRO D 262 -23.40 3.21 -12.35
CA PRO D 262 -22.98 1.93 -11.84
C PRO D 262 -24.02 1.31 -10.92
N LEU D 263 -24.69 2.12 -10.14
CA LEU D 263 -25.77 1.59 -9.33
C LEU D 263 -26.90 1.03 -10.21
N ALA D 264 -27.23 1.71 -11.30
CA ALA D 264 -28.41 1.38 -12.07
C ALA D 264 -28.17 0.04 -12.78
N VAL D 265 -26.98 -0.14 -13.33
CA VAL D 265 -26.62 -1.37 -14.00
C VAL D 265 -26.67 -2.52 -13.04
N GLN D 266 -26.33 -2.25 -11.81
CA GLN D 266 -26.28 -3.31 -10.82
C GLN D 266 -27.70 -3.61 -10.37
N ALA D 267 -28.53 -2.60 -10.21
CA ALA D 267 -29.91 -2.87 -9.89
C ALA D 267 -30.54 -3.66 -11.06
N ALA D 268 -30.29 -3.22 -12.30
CA ALA D 268 -30.92 -3.85 -13.44
C ALA D 268 -30.52 -5.30 -13.54
N MET D 269 -29.25 -5.58 -13.34
CA MET D 269 -28.79 -6.98 -13.37
C MET D 269 -29.39 -7.85 -12.26
N GLU D 270 -29.67 -7.29 -11.09
CA GLU D 270 -30.29 -8.05 -10.00
C GLU D 270 -31.79 -8.32 -10.22
N GLU D 271 -32.47 -7.41 -10.91
CA GLU D 271 -33.91 -7.38 -10.84
C GLU D 271 -34.54 -7.81 -12.14
N ASN D 272 -33.77 -7.99 -13.18
CA ASN D 272 -34.40 -8.30 -14.45
C ASN D 272 -33.52 -9.17 -15.34
N VAL D 273 -34.04 -10.31 -15.71
CA VAL D 273 -33.22 -11.34 -16.28
C VAL D 273 -32.59 -11.04 -17.68
N GLU D 274 -33.07 -10.03 -18.38
CA GLU D 274 -32.48 -9.76 -19.65
C GLU D 274 -31.07 -9.15 -19.52
N PHE D 275 -30.81 -8.54 -18.37
CA PHE D 275 -29.55 -7.89 -18.12
C PHE D 275 -28.53 -8.91 -17.65
N ARG D 276 -29.04 -10.07 -17.29
CA ARG D 276 -28.24 -11.22 -16.90
C ARG D 276 -28.06 -12.23 -18.05
N ARG D 277 -28.66 -12.02 -19.22
CA ARG D 277 -28.43 -12.97 -20.31
C ARG D 277 -27.02 -12.96 -20.93
N GLY D 278 -26.64 -14.12 -21.40
CA GLY D 278 -25.37 -14.28 -22.04
C GLY D 278 -25.25 -13.55 -23.33
N LEU D 279 -24.06 -12.97 -23.55
CA LEU D 279 -23.73 -12.31 -24.79
C LEU D 279 -23.75 -13.38 -25.84
N PRO D 280 -23.81 -13.00 -27.10
CA PRO D 280 -23.71 -14.03 -28.10
C PRO D 280 -22.35 -14.70 -28.04
N ARG D 281 -22.29 -15.94 -28.46
CA ARG D 281 -21.04 -16.67 -28.45
C ARG D 281 -19.98 -16.09 -29.38
N ASP D 282 -20.46 -15.32 -30.34
CA ASP D 282 -19.68 -14.98 -31.49
C ASP D 282 -19.79 -13.50 -31.87
N PHE D 283 -20.07 -12.62 -30.92
CA PHE D 283 -20.22 -11.27 -31.27
C PHE D 283 -18.84 -10.74 -31.70
N MET D 284 -17.79 -11.41 -31.24
CA MET D 284 -16.45 -10.97 -31.58
C MET D 284 -16.19 -11.07 -33.05
N ASP D 285 -17.05 -11.75 -33.78
CA ASP D 285 -16.88 -11.80 -35.20
C ASP D 285 -17.41 -10.59 -35.89
N TYR D 286 -18.14 -9.70 -35.22
CA TYR D 286 -18.57 -8.46 -35.91
C TYR D 286 -18.57 -7.22 -35.06
N MET D 287 -18.01 -7.29 -33.84
CA MET D 287 -17.86 -6.11 -33.00
C MET D 287 -16.40 -5.96 -32.74
N GLY D 288 -15.93 -4.72 -32.68
CA GLY D 288 -14.54 -4.40 -32.44
C GLY D 288 -14.08 -3.42 -33.48
N ALA D 289 -13.04 -2.62 -33.17
CA ALA D 289 -12.40 -1.72 -34.15
C ALA D 289 -12.20 -2.39 -35.50
N GLN D 290 -11.70 -3.60 -35.53
CA GLN D 290 -11.37 -4.24 -36.83
C GLN D 290 -12.61 -4.45 -37.72
N HIS D 291 -13.79 -4.48 -37.13
CA HIS D 291 -15.04 -4.72 -37.84
C HIS D 291 -15.89 -3.46 -37.89
N SER D 292 -15.39 -2.31 -37.44
CA SER D 292 -16.23 -1.09 -37.41
C SER D 292 -16.91 -0.75 -38.74
N ASP D 293 -16.43 -1.33 -39.85
CA ASP D 293 -16.98 -1.12 -41.23
C ASP D 293 -17.82 -2.29 -41.73
N SER D 294 -17.92 -3.34 -40.93
CA SER D 294 -18.68 -4.52 -41.30
C SER D 294 -20.11 -4.14 -41.69
N LYS D 295 -20.68 -4.92 -42.58
CA LYS D 295 -22.04 -4.69 -43.02
C LYS D 295 -22.87 -5.88 -42.53
N ASP D 296 -22.30 -6.70 -41.64
CA ASP D 296 -23.00 -7.85 -41.07
C ASP D 296 -24.21 -7.23 -40.30
N PRO D 297 -25.43 -7.71 -40.56
CA PRO D 297 -26.63 -7.17 -39.86
C PRO D 297 -26.73 -7.51 -38.37
N ARG D 298 -25.98 -8.53 -37.91
CA ARG D 298 -25.87 -8.80 -36.49
C ARG D 298 -25.25 -7.59 -35.77
N ARG D 299 -24.40 -6.85 -36.49
CA ARG D 299 -23.72 -5.69 -35.94
C ARG D 299 -24.80 -4.72 -35.52
N THR D 300 -25.78 -4.52 -36.38
CA THR D 300 -26.66 -3.40 -36.17
C THR D 300 -27.72 -3.86 -35.14
N ALA D 301 -27.97 -5.15 -35.09
CA ALA D 301 -28.77 -5.72 -33.98
C ALA D 301 -28.10 -5.54 -32.61
N PHE D 302 -26.77 -5.75 -32.55
CA PHE D 302 -26.05 -5.64 -31.32
C PHE D 302 -26.18 -4.14 -30.90
N MET D 303 -25.94 -3.23 -31.84
CA MET D 303 -25.87 -1.85 -31.44
C MET D 303 -27.21 -1.49 -30.88
N GLU D 304 -28.25 -1.94 -31.53
CA GLU D 304 -29.57 -1.55 -31.16
C GLU D 304 -29.98 -2.10 -29.85
N LYS D 305 -29.48 -3.25 -29.50
CA LYS D 305 -29.70 -3.77 -28.18
C LYS D 305 -28.93 -3.03 -27.07
N VAL D 306 -27.72 -2.56 -27.38
CA VAL D 306 -26.96 -1.79 -26.44
C VAL D 306 -27.78 -0.57 -26.17
N ARG D 307 -28.20 0.12 -27.25
CA ARG D 307 -28.94 1.39 -27.08
C ARG D 307 -30.22 1.24 -26.26
N VAL D 308 -31.05 0.24 -26.49
CA VAL D 308 -32.27 0.15 -25.67
C VAL D 308 -31.96 -0.20 -24.24
N LEU D 309 -31.07 -1.18 -24.03
CA LEU D 309 -30.69 -1.52 -22.66
C LEU D 309 -30.12 -0.33 -21.88
N VAL D 310 -29.33 0.52 -22.51
CA VAL D 310 -28.90 1.75 -21.89
C VAL D 310 -30.10 2.61 -21.50
N ALA D 311 -30.93 2.85 -22.48
CA ALA D 311 -32.14 3.60 -22.25
C ALA D 311 -32.93 3.03 -21.03
N ARG D 312 -33.09 1.72 -21.00
N ARG D 312 -33.07 1.72 -20.99
CA ARG D 312 -33.87 1.08 -19.98
CA ARG D 312 -33.87 1.09 -19.99
C ARG D 312 -33.31 1.22 -18.56
C ARG D 312 -33.26 1.12 -18.58
N LEU D 313 -32.13 1.78 -18.42
CA LEU D 313 -31.51 1.92 -17.07
C LEU D 313 -32.05 3.11 -16.29
N GLY D 314 -32.49 4.17 -16.96
CA GLY D 314 -33.26 5.19 -16.25
C GLY D 314 -34.21 4.57 -15.24
N HIS D 315 -34.86 3.48 -15.60
CA HIS D 315 -35.89 2.93 -14.74
C HIS D 315 -35.31 2.43 -13.45
N PHE D 316 -34.05 2.04 -13.49
CA PHE D 316 -33.35 1.49 -12.34
C PHE D 316 -32.44 2.45 -11.63
N ALA D 317 -32.41 3.72 -12.02
CA ALA D 317 -31.49 4.65 -11.38
C ALA D 317 -32.05 5.05 -10.04
N PRO D 318 -31.26 4.93 -8.94
CA PRO D 318 -31.59 5.49 -7.61
C PRO D 318 -31.30 7.01 -7.45
N VAL D 319 -32.09 7.84 -8.12
CA VAL D 319 -31.93 9.32 -8.13
C VAL D 319 -31.91 9.92 -6.72
N ASP D 320 -32.66 9.32 -5.81
CA ASP D 320 -32.78 9.86 -4.48
C ASP D 320 -31.56 9.59 -3.64
N ALA D 321 -31.14 8.33 -3.58
CA ALA D 321 -29.93 7.95 -2.87
C ALA D 321 -28.72 8.81 -3.32
N VAL D 322 -28.51 8.97 -4.62
CA VAL D 322 -27.40 9.78 -5.09
C VAL D 322 -27.60 11.24 -4.65
N ALA D 323 -28.81 11.80 -4.76
CA ALA D 323 -29.00 13.18 -4.29
C ALA D 323 -28.54 13.31 -2.83
N ASP D 324 -28.94 12.37 -2.00
CA ASP D 324 -28.53 12.35 -0.62
C ASP D 324 -27.00 12.29 -0.57
N GLN D 325 -26.36 11.40 -1.31
CA GLN D 325 -24.90 11.34 -1.28
C GLN D 325 -24.24 12.66 -1.66
N ARG D 326 -24.75 13.36 -2.67
CA ARG D 326 -24.22 14.69 -2.99
C ARG D 326 -24.53 15.70 -1.89
N ALA D 327 -25.66 15.50 -1.22
CA ALA D 327 -26.01 16.34 -0.10
C ALA D 327 -24.93 16.17 1.00
N LYS D 328 -24.73 14.92 1.41
CA LYS D 328 -23.64 14.54 2.31
C LYS D 328 -22.26 15.13 1.93
N ASP D 329 -21.86 15.10 0.66
CA ASP D 329 -20.58 15.71 0.27
C ASP D 329 -20.63 17.21 0.43
N PHE D 330 -21.78 17.82 0.21
CA PHE D 330 -21.94 19.28 0.36
C PHE D 330 -21.85 19.67 1.83
N ILE D 331 -22.46 18.88 2.68
CA ILE D 331 -22.33 19.09 4.11
C ILE D 331 -20.85 19.04 4.48
N HIS D 332 -20.17 17.97 4.10
CA HIS D 332 -18.75 17.85 4.32
C HIS D 332 -18.02 19.08 3.78
N ASP D 333 -18.30 19.48 2.53
CA ASP D 333 -17.67 20.67 1.91
C ASP D 333 -17.98 22.00 2.60
N SER D 334 -19.02 22.03 3.43
CA SER D 334 -19.63 23.29 3.92
C SER D 334 -18.78 23.98 4.97
N LEU D 335 -18.70 25.32 4.87
CA LEU D 335 -18.19 26.16 5.99
C LEU D 335 -19.18 26.06 7.14
N PRO D 336 -18.67 26.10 8.37
CA PRO D 336 -19.55 26.01 9.52
C PRO D 336 -20.35 27.32 9.65
N PRO D 337 -21.54 27.25 10.28
CA PRO D 337 -22.51 28.26 10.11
C PRO D 337 -22.12 29.51 10.84
N VAL D 338 -22.52 30.68 10.36
CA VAL D 338 -22.47 31.90 11.18
C VAL D 338 -23.83 32.19 11.85
N LEU D 339 -23.88 32.08 13.17
CA LEU D 339 -25.08 32.38 13.96
C LEU D 339 -25.46 33.88 14.00
N THR D 340 -26.76 34.14 14.02
CA THR D 340 -27.28 35.45 14.42
C THR D 340 -27.13 35.52 15.92
N ASP D 341 -27.33 36.71 16.47
CA ASP D 341 -27.31 36.87 17.93
C ASP D 341 -28.46 36.10 18.60
N ARG D 342 -29.67 36.17 18.01
CA ARG D 342 -30.80 35.45 18.59
C ARG D 342 -30.50 33.94 18.56
N GLU D 343 -29.95 33.48 17.43
CA GLU D 343 -29.62 32.05 17.23
C GLU D 343 -28.63 31.55 18.30
N ARG D 344 -27.51 32.23 18.42
CA ARG D 344 -26.60 31.91 19.49
C ARG D 344 -27.36 31.92 20.83
N ALA D 345 -27.98 33.07 21.17
CA ALA D 345 -28.67 33.23 22.48
C ALA D 345 -29.71 32.16 22.76
N LEU D 346 -30.39 31.68 21.71
CA LEU D 346 -31.38 30.60 21.87
C LEU D 346 -30.83 29.17 21.84
N SER D 347 -29.50 29.00 21.73
CA SER D 347 -28.88 27.68 21.53
C SER D 347 -27.94 27.30 22.66
N VAL D 348 -27.33 26.11 22.54
CA VAL D 348 -26.29 25.63 23.46
C VAL D 348 -25.05 26.54 23.54
N TYR D 349 -24.68 27.21 22.44
CA TYR D 349 -23.52 28.16 22.43
C TYR D 349 -23.76 29.41 23.30
N GLY D 350 -25.03 29.80 23.49
CA GLY D 350 -25.37 30.98 24.27
C GLY D 350 -25.83 30.73 25.70
N LEU D 351 -25.85 29.47 26.14
CA LEU D 351 -26.02 29.13 27.58
C LEU D 351 -25.00 29.87 28.45
N PRO D 352 -25.44 30.49 29.54
CA PRO D 352 -24.50 31.39 30.21
C PRO D 352 -23.62 30.70 31.26
N ILE D 353 -23.70 29.36 31.34
CA ILE D 353 -22.86 28.52 32.26
C ILE D 353 -21.40 28.86 31.95
N ARG D 354 -20.66 29.11 33.02
CA ARG D 354 -19.25 29.52 32.95
C ARG D 354 -18.58 29.07 34.25
N TRP D 355 -17.29 29.42 34.38
CA TRP D 355 -16.49 29.24 35.61
C TRP D 355 -16.36 30.59 36.30
N GLU D 356 -16.75 30.63 37.57
CA GLU D 356 -16.75 31.89 38.32
C GLU D 356 -16.25 31.57 39.73
N ALA D 357 -15.05 32.07 40.03
CA ALA D 357 -14.51 32.02 41.38
C ALA D 357 -14.69 30.62 41.95
N GLY D 358 -13.85 29.69 41.50
CA GLY D 358 -13.77 28.34 42.08
C GLY D 358 -14.88 27.33 41.77
N GLU D 359 -15.81 27.67 40.87
CA GLU D 359 -16.88 26.72 40.48
C GLU D 359 -17.51 27.08 39.13
N PRO D 360 -18.30 26.13 38.57
CA PRO D 360 -19.22 26.39 37.44
C PRO D 360 -20.57 26.98 37.88
N VAL D 361 -20.98 28.11 37.29
CA VAL D 361 -22.24 28.77 37.65
C VAL D 361 -23.28 28.63 36.51
N ASN D 362 -24.57 28.70 36.86
CA ASN D 362 -25.71 28.58 35.93
C ASN D 362 -25.85 27.26 35.17
N VAL D 363 -25.81 26.13 35.87
CA VAL D 363 -26.24 24.90 35.24
C VAL D 363 -27.64 25.25 34.73
N GLY D 364 -27.82 25.16 33.41
CA GLY D 364 -29.10 25.50 32.78
C GLY D 364 -30.18 24.48 33.05
N ALA D 365 -31.42 24.89 32.71
CA ALA D 365 -32.56 23.99 32.75
C ALA D 365 -32.35 22.90 31.69
N GLN D 366 -32.84 21.71 31.98
CA GLN D 366 -32.87 20.64 30.98
C GLN D 366 -34.08 20.97 30.09
N LEU D 367 -34.19 20.34 28.91
CA LEU D 367 -35.38 20.55 28.07
C LEU D 367 -36.45 19.52 28.42
N THR D 368 -37.70 19.97 28.37
CA THR D 368 -38.86 19.21 28.82
C THR D 368 -39.76 19.01 27.61
N THR D 369 -40.84 18.24 27.80
CA THR D 369 -41.87 18.08 26.77
C THR D 369 -42.47 19.42 26.33
N GLU D 370 -42.40 20.41 27.24
CA GLU D 370 -42.95 21.75 26.98
C GLU D 370 -42.07 22.64 26.12
N THR D 371 -40.79 22.35 26.05
CA THR D 371 -39.84 23.13 25.25
C THR D 371 -40.27 23.19 23.80
N GLU D 372 -40.23 24.37 23.22
CA GLU D 372 -40.51 24.51 21.81
C GLU D 372 -39.20 24.73 21.06
N VAL D 373 -39.10 24.10 19.90
CA VAL D 373 -37.84 23.93 19.20
C VAL D 373 -37.92 24.03 17.66
N HIS D 374 -36.84 24.52 17.06
CA HIS D 374 -36.53 24.15 15.67
C HIS D 374 -35.03 24.11 15.32
N MET D 375 -34.73 23.62 14.11
CA MET D 375 -33.35 23.46 13.64
C MET D 375 -32.60 24.79 13.65
N LEU D 376 -31.40 24.78 14.24
CA LEU D 376 -30.64 25.99 14.47
C LEU D 376 -30.69 26.87 13.24
N GLN D 377 -30.34 26.29 12.11
CA GLN D 377 -30.53 26.90 10.81
C GLN D 377 -31.07 25.82 9.83
N ASP D 378 -31.19 26.19 8.56
CA ASP D 378 -31.75 25.29 7.52
C ASP D 378 -30.72 24.53 6.71
N GLY D 379 -29.48 25.01 6.64
CA GLY D 379 -28.47 24.47 5.68
C GLY D 379 -27.27 23.84 6.38
N ILE D 380 -27.54 23.13 7.48
CA ILE D 380 -26.49 22.59 8.34
C ILE D 380 -26.59 21.11 8.65
N ALA D 381 -27.65 20.46 8.17
CA ALA D 381 -27.84 19.04 8.44
C ALA D 381 -28.52 18.38 7.26
N ARG D 382 -28.22 17.10 7.04
CA ARG D 382 -28.93 16.29 6.05
C ARG D 382 -29.11 14.87 6.53
N LEU D 383 -30.33 14.34 6.47
CA LEU D 383 -30.58 12.93 6.88
C LEU D 383 -30.31 11.98 5.68
N VAL D 384 -29.52 10.91 5.91
CA VAL D 384 -29.06 10.04 4.82
C VAL D 384 -29.10 8.59 5.30
N GLY D 385 -29.80 7.74 4.54
CA GLY D 385 -29.74 6.29 4.76
C GLY D 385 -28.49 5.67 4.11
N GLU D 386 -27.81 4.82 4.85
CA GLU D 386 -26.78 3.95 4.28
C GLU D 386 -26.95 2.59 4.96
N GLY D 387 -26.74 1.51 4.19
CA GLY D 387 -26.85 0.13 4.68
C GLY D 387 -27.91 -0.22 5.71
N GLY D 388 -29.09 0.37 5.56
CA GLY D 388 -30.24 0.10 6.43
C GLY D 388 -30.02 0.79 7.77
N HIS D 389 -29.28 1.90 7.76
CA HIS D 389 -29.10 2.72 8.94
C HIS D 389 -29.24 4.18 8.54
N LEU D 390 -29.47 5.00 9.56
CA LEU D 390 -29.92 6.36 9.40
C LEU D 390 -28.93 7.33 10.08
N PHE D 391 -28.32 8.20 9.29
CA PHE D 391 -27.30 9.08 9.82
C PHE D 391 -27.65 10.52 9.55
N LEU D 392 -27.46 11.37 10.55
CA LEU D 392 -27.56 12.81 10.34
C LEU D 392 -26.19 13.44 10.22
N TYR D 393 -25.85 13.89 9.03
CA TYR D 393 -24.59 14.58 8.81
C TYR D 393 -24.83 16.06 9.04
N TYR D 394 -23.84 16.75 9.59
CA TYR D 394 -24.01 18.17 9.95
C TYR D 394 -22.73 18.98 9.75
N THR D 395 -22.90 20.30 9.74
CA THR D 395 -21.82 21.20 9.42
C THR D 395 -21.22 21.91 10.63
N VAL D 396 -21.86 21.77 11.79
CA VAL D 396 -21.56 22.73 12.88
C VAL D 396 -20.14 22.57 13.42
N GLU D 397 -19.51 21.42 13.19
CA GLU D 397 -18.14 21.25 13.67
C GLU D 397 -17.11 21.39 12.58
N ASN D 398 -17.53 21.79 11.38
CA ASN D 398 -16.57 21.93 10.28
C ASN D 398 -15.56 23.06 10.56
N SER D 399 -14.36 22.95 10.02
CA SER D 399 -13.38 24.00 10.13
C SER D 399 -13.64 24.94 9.01
N ARG D 400 -12.96 26.09 9.07
CA ARG D 400 -12.93 27.12 8.04
C ARG D 400 -11.81 26.88 7.04
N VAL D 401 -11.14 25.74 7.16
CA VAL D 401 -10.39 25.16 6.05
C VAL D 401 -11.12 23.94 5.43
N TYR D 402 -11.22 23.96 4.11
CA TYR D 402 -11.83 22.88 3.34
C TYR D 402 -11.29 21.52 3.83
N HIS D 403 -12.23 20.65 4.21
CA HIS D 403 -11.96 19.24 4.49
C HIS D 403 -10.96 18.99 5.62
N LEU D 404 -10.60 20.04 6.34
CA LEU D 404 -9.72 19.89 7.50
C LEU D 404 -10.30 18.86 8.49
N GLU D 405 -11.61 18.80 8.61
CA GLU D 405 -12.28 17.76 9.42
C GLU D 405 -12.85 16.70 8.50
N GLU D 406 -12.88 15.44 8.99
CA GLU D 406 -13.59 14.35 8.32
C GLU D 406 -15.09 14.73 8.33
N PRO D 407 -15.95 13.96 7.63
CA PRO D 407 -17.38 14.28 7.66
C PRO D 407 -18.00 13.81 8.97
N LYS D 408 -18.77 14.69 9.61
CA LYS D 408 -19.29 14.47 10.95
C LYS D 408 -20.75 14.09 10.88
N CYS D 409 -21.19 13.18 11.74
CA CYS D 409 -22.54 12.67 11.69
C CYS D 409 -22.87 11.95 12.95
N LEU D 410 -24.17 11.80 13.21
CA LEU D 410 -24.60 11.03 14.37
C LEU D 410 -25.79 10.18 14.00
N GLU D 411 -25.86 8.99 14.58
CA GLU D 411 -26.93 8.05 14.25
C GLU D 411 -28.30 8.51 14.77
N ILE D 412 -29.30 8.23 13.95
CA ILE D 412 -30.70 8.47 14.27
C ILE D 412 -31.38 7.10 14.25
N TYR D 413 -31.86 6.67 15.41
CA TYR D 413 -32.46 5.35 15.53
C TYR D 413 -33.85 5.38 14.90
N PRO D 414 -34.37 4.20 14.45
CA PRO D 414 -35.55 4.17 13.56
C PRO D 414 -36.76 4.81 14.22
N GLN D 415 -36.87 4.58 15.51
CA GLN D 415 -37.93 5.14 16.31
C GLN D 415 -37.97 6.67 16.29
N GLN D 416 -36.83 7.29 16.04
CA GLN D 416 -36.70 8.75 16.07
C GLN D 416 -36.75 9.35 14.70
N ALA D 417 -36.88 8.52 13.69
CA ALA D 417 -36.75 8.94 12.29
C ALA D 417 -37.78 9.98 11.87
N ASP D 418 -39.03 9.68 12.16
CA ASP D 418 -40.11 10.54 11.70
C ASP D 418 -39.97 11.95 12.27
N ALA D 419 -39.64 12.03 13.56
CA ALA D 419 -39.48 13.33 14.22
C ALA D 419 -38.40 14.19 13.54
N MET D 420 -37.26 13.55 13.27
CA MET D 420 -36.12 14.20 12.58
C MET D 420 -36.50 14.82 11.21
N GLU D 421 -37.26 14.03 10.44
CA GLU D 421 -37.77 14.43 9.11
C GLU D 421 -38.71 15.62 9.25
N LEU D 422 -39.56 15.52 10.27
CA LEU D 422 -40.50 16.56 10.61
C LEU D 422 -39.80 17.89 10.94
N LEU D 423 -38.81 17.78 11.85
CA LEU D 423 -37.94 18.88 12.22
C LEU D 423 -37.26 19.51 11.01
N LEU D 424 -36.65 18.68 10.17
CA LEU D 424 -35.88 19.23 9.05
C LEU D 424 -36.81 19.95 8.09
N GLY D 425 -37.94 19.29 7.82
CA GLY D 425 -38.92 19.79 6.84
C GLY D 425 -39.74 20.99 7.29
N SER D 426 -39.84 21.21 8.61
CA SER D 426 -40.62 22.32 9.17
C SER D 426 -39.86 23.55 9.67
N TYR D 427 -38.56 23.69 9.41
CA TYR D 427 -37.85 24.94 9.78
C TYR D 427 -38.46 26.11 8.97
N PRO D 428 -38.66 27.30 9.60
CA PRO D 428 -38.32 27.64 10.98
C PRO D 428 -39.50 27.74 11.91
N GLU D 429 -40.30 26.68 12.05
CA GLU D 429 -41.55 26.76 12.83
C GLU D 429 -41.40 25.94 14.10
N PHE D 430 -41.48 26.62 15.24
CA PHE D 430 -41.30 25.93 16.51
C PHE D 430 -42.27 24.75 16.65
N VAL D 431 -41.91 23.80 17.51
CA VAL D 431 -42.71 22.59 17.75
C VAL D 431 -42.45 22.14 19.18
N ARG D 432 -43.49 21.70 19.87
CA ARG D 432 -43.30 21.16 21.20
C ARG D 432 -42.52 19.86 21.08
N VAL D 433 -41.55 19.67 21.96
CA VAL D 433 -40.90 18.37 22.10
C VAL D 433 -41.98 17.30 22.33
N GLY D 434 -42.94 17.61 23.22
CA GLY D 434 -44.08 16.71 23.49
C GLY D 434 -44.92 16.30 22.28
N ASP D 435 -44.86 17.08 21.21
CA ASP D 435 -45.62 16.81 19.97
C ASP D 435 -44.82 16.10 18.84
N LEU D 436 -43.55 15.78 19.08
CA LEU D 436 -42.74 15.08 18.05
C LEU D 436 -43.28 13.64 17.84
N PRO D 437 -43.42 13.23 16.57
CA PRO D 437 -43.97 11.90 16.27
C PRO D 437 -43.07 10.73 16.66
N CYS D 438 -42.91 10.49 17.96
CA CYS D 438 -42.14 9.36 18.46
C CYS D 438 -43.09 8.44 19.24
N ASP D 439 -42.62 7.24 19.60
CA ASP D 439 -43.42 6.30 20.39
C ASP D 439 -43.52 6.65 21.87
N SER D 440 -42.38 6.97 22.48
CA SER D 440 -42.30 7.26 23.92
C SER D 440 -41.94 8.74 24.20
N VAL D 441 -41.92 9.07 25.49
CA VAL D 441 -41.49 10.39 25.92
C VAL D 441 -39.95 10.42 26.07
N GLU D 442 -39.35 9.27 26.42
CA GLU D 442 -37.88 9.13 26.47
C GLU D 442 -37.28 9.49 25.10
N ASP D 443 -37.89 8.94 24.03
CA ASP D 443 -37.42 9.16 22.66
C ASP D 443 -37.53 10.63 22.25
N GLN D 444 -38.66 11.26 22.55
CA GLN D 444 -38.86 12.68 22.28
C GLN D 444 -37.78 13.53 22.92
N LEU D 445 -37.51 13.25 24.18
CA LEU D 445 -36.50 14.03 24.90
C LEU D 445 -35.12 13.76 24.32
N SER D 446 -34.75 12.47 24.28
CA SER D 446 -33.41 12.06 23.86
C SER D 446 -33.04 12.62 22.49
N LEU D 447 -34.00 12.67 21.57
CA LEU D 447 -33.71 13.18 20.25
C LEU D 447 -33.36 14.65 20.37
N ALA D 448 -34.24 15.40 21.02
CA ALA D 448 -34.09 16.84 21.09
C ALA D 448 -32.85 17.21 21.90
N THR D 449 -32.62 16.47 22.99
CA THR D 449 -31.49 16.74 23.86
C THR D 449 -30.22 16.57 23.03
N THR D 450 -30.10 15.40 22.42
CA THR D 450 -28.98 15.10 21.56
C THR D 450 -28.75 16.22 20.56
N LEU D 451 -29.80 16.66 19.89
CA LEU D 451 -29.69 17.68 18.83
C LEU D 451 -29.30 19.03 19.40
N TYR D 452 -29.73 19.28 20.62
CA TYR D 452 -29.48 20.56 21.28
C TYR D 452 -28.05 20.65 21.73
N ASP D 453 -27.62 19.60 22.42
CA ASP D 453 -26.25 19.46 22.87
C ASP D 453 -25.23 19.49 21.73
N LYS D 454 -25.58 18.95 20.56
CA LYS D 454 -24.66 18.95 19.45
C LYS D 454 -24.61 20.29 18.72
N GLY D 455 -25.38 21.25 19.18
CA GLY D 455 -25.41 22.60 18.58
C GLY D 455 -26.24 22.65 17.31
N LEU D 456 -27.27 21.80 17.22
CA LEU D 456 -28.09 21.71 15.98
C LEU D 456 -29.50 22.31 16.13
N LEU D 457 -29.87 22.63 17.36
CA LEU D 457 -31.25 22.90 17.68
C LEU D 457 -31.33 24.20 18.44
N LEU D 458 -32.42 24.94 18.31
CA LEU D 458 -32.65 26.05 19.26
C LEU D 458 -34.04 26.02 19.90
N THR D 459 -34.12 26.63 21.08
CA THR D 459 -35.33 26.67 21.91
C THR D 459 -35.96 28.06 21.78
N LYS D 460 -37.29 28.15 21.82
CA LYS D 460 -38.01 29.43 21.66
C LYS D 460 -37.54 30.49 22.65
N MET D 461 -37.36 30.05 23.89
CA MET D 461 -36.81 30.89 24.95
C MET D 461 -35.57 30.20 25.56
N PRO D 462 -34.54 31.00 25.91
CA PRO D 462 -33.32 30.44 26.51
C PRO D 462 -33.63 29.44 27.63
N LEU D 463 -32.93 28.32 27.69
CA LEU D 463 -33.11 27.40 28.83
C LEU D 463 -32.74 28.06 30.18
N ALA D 464 -31.89 29.11 30.14
CA ALA D 464 -31.49 29.87 31.34
C ALA D 464 -30.87 31.24 31.04
#